data_6IGR
#
_entry.id   6IGR
#
_cell.length_a   77.415
_cell.length_b   189.200
_cell.length_c   121.030
_cell.angle_alpha   90.00
_cell.angle_beta   108.59
_cell.angle_gamma   90.00
#
_symmetry.space_group_name_H-M   'P 1 21 1'
#
loop_
_entity.id
_entity.type
_entity.pdbx_description
1 polymer 'Acyl-peptide hydrolase, putative'
2 non-polymer GLYCEROL
3 water water
#
_entity_poly.entity_id   1
_entity_poly.type   'polypeptide(L)'
_entity_poly.pdbx_seq_one_letter_code
;GSNNSETPAPGPDSLLALAFPSDPQVSPDGKQVAFVLAQISEEDPAKPDKDFARPRYRSGLWLSEGGAARPLTHAETGRG
DSAPRWSPDGQNLAFVRSAGEVKAALMLLPLKGGEARRVTHFKNGVSGPQWSPDGRFIAFTTTADTEDKRDERGEARVLT
RPVYRANGADWLPERPAALWLYDVEADKLREWYAPEIGIGALSWWPDSRGVLIVQSEDEWQASQWRQDVYDLPLPTADAP
AAPQKLLDWNSAAHGLAPHPDGQRFALIGRPAGKGNTEHAHLYLIENGQHRRLDTGHDHPVGDAVGGDCHVGAFPEGPRW
LDGDTLLFSSTVRGSVGLFTAHIGGGVKAYDHDPQGVISAFTANEHGVALIRESATRFPEVELNGQRVTDLHARFPFPVR
EPQRVTFETELGEGEGWVLLPEGEQKVPALLNIHGGPHTDYGHGFTHEFQLMAARGYGVCYSNPRGSVGYGQAWVDAIYG
RWGTVDADDLLNFFDRCLEAVPRLDAAKTAVMGGAYGGFMTNWITGHTTRFQAAITDRCISNLISFGGTSDIGLRFWDDE
LGLDFSRRADALKLWDLSPLQYVENVKTPTLIVHSVLDHRCPVEQAEQWYAALHKHQVPVRFVRFPEENHELSRSGRPDR
RLTRLNEYFAWLERWL
;
_entity_poly.pdbx_strand_id   A,B,C,D
#
loop_
_chem_comp.id
_chem_comp.type
_chem_comp.name
_chem_comp.formula
GOL non-polymer GLYCEROL 'C3 H8 O3'
#
# COMPACT_ATOMS: atom_id res chain seq x y z
N PRO A 8 42.68 -22.46 0.27
CA PRO A 8 41.62 -21.85 1.09
C PRO A 8 40.57 -22.87 1.55
N ALA A 9 40.16 -22.79 2.84
CA ALA A 9 39.27 -23.80 3.37
C ALA A 9 37.80 -23.44 3.11
N PRO A 10 36.97 -24.44 2.86
CA PRO A 10 35.55 -24.18 2.60
C PRO A 10 34.87 -23.59 3.81
N GLY A 11 33.77 -22.87 3.56
CA GLY A 11 32.98 -22.27 4.60
C GLY A 11 31.53 -22.70 4.51
N PRO A 12 30.68 -22.18 5.40
CA PRO A 12 29.25 -22.53 5.35
C PRO A 12 28.60 -22.31 3.98
N ASP A 13 29.05 -21.32 3.21
CA ASP A 13 28.50 -21.06 1.89
C ASP A 13 28.63 -22.26 0.95
N SER A 14 29.48 -23.22 1.28
CA SER A 14 29.52 -24.46 0.50
C SER A 14 28.15 -25.12 0.39
N LEU A 15 27.25 -24.84 1.35
CA LEU A 15 25.90 -25.40 1.30
C LEU A 15 25.15 -24.97 0.04
N LEU A 16 25.38 -23.73 -0.41
CA LEU A 16 24.63 -23.19 -1.53
C LEU A 16 25.02 -23.82 -2.86
N ALA A 17 26.07 -24.64 -2.88
CA ALA A 17 26.39 -25.39 -4.08
C ALA A 17 25.46 -26.58 -4.29
N LEU A 18 24.73 -26.99 -3.25
CA LEU A 18 23.99 -28.24 -3.27
C LEU A 18 22.55 -28.03 -3.72
N ALA A 19 22.01 -29.00 -4.44
CA ALA A 19 20.59 -29.10 -4.71
C ALA A 19 20.04 -30.32 -3.96
N PHE A 20 18.81 -30.20 -3.46
CA PHE A 20 18.27 -31.14 -2.49
C PHE A 20 17.11 -31.93 -3.07
N PRO A 21 17.23 -33.26 -3.19
CA PRO A 21 16.13 -34.07 -3.70
C PRO A 21 15.17 -34.50 -2.61
N SER A 22 13.94 -34.79 -3.02
CA SER A 22 12.92 -35.22 -2.07
C SER A 22 11.77 -35.81 -2.85
N ASP A 23 10.91 -36.54 -2.13
CA ASP A 23 9.68 -37.12 -2.65
C ASP A 23 9.86 -37.89 -3.96
N PRO A 24 10.57 -39.03 -3.92
CA PRO A 24 10.73 -39.85 -5.14
C PRO A 24 9.50 -40.72 -5.36
N GLN A 25 8.71 -40.36 -6.36
CA GLN A 25 7.45 -41.04 -6.65
C GLN A 25 7.58 -41.86 -7.92
N VAL A 26 7.47 -43.17 -7.78
CA VAL A 26 7.52 -44.07 -8.92
C VAL A 26 6.17 -44.05 -9.63
N SER A 27 6.20 -44.19 -10.96
CA SER A 27 4.97 -44.24 -11.72
C SER A 27 4.25 -45.57 -11.50
N PRO A 28 2.96 -45.64 -11.76
CA PRO A 28 2.23 -46.91 -11.57
C PRO A 28 2.77 -48.07 -12.40
N ASP A 29 3.30 -47.81 -13.59
CA ASP A 29 3.88 -48.88 -14.40
C ASP A 29 5.32 -49.21 -14.01
N GLY A 30 5.89 -48.50 -13.05
CA GLY A 30 7.18 -48.83 -12.49
C GLY A 30 8.39 -48.42 -13.32
N LYS A 31 8.20 -47.69 -14.41
CA LYS A 31 9.27 -47.35 -15.32
C LYS A 31 9.70 -45.88 -15.26
N GLN A 32 9.11 -45.10 -14.37
CA GLN A 32 9.44 -43.69 -14.26
C GLN A 32 9.47 -43.28 -12.80
N VAL A 33 10.22 -42.21 -12.53
CA VAL A 33 10.22 -41.58 -11.23
C VAL A 33 10.08 -40.08 -11.43
N ALA A 34 9.09 -39.49 -10.78
CA ALA A 34 8.96 -38.05 -10.67
C ALA A 34 9.33 -37.65 -9.25
N PHE A 35 10.10 -36.59 -9.12
CA PHE A 35 10.53 -36.17 -7.79
C PHE A 35 10.69 -34.65 -7.76
N VAL A 36 10.97 -34.16 -6.56
CA VAL A 36 11.15 -32.74 -6.30
C VAL A 36 12.64 -32.46 -6.15
N LEU A 37 13.08 -31.31 -6.64
CA LEU A 37 14.46 -30.87 -6.44
C LEU A 37 14.44 -29.39 -6.11
N ALA A 38 15.03 -29.02 -4.97
CA ALA A 38 15.11 -27.63 -4.54
C ALA A 38 16.52 -27.13 -4.78
N GLN A 39 16.64 -26.04 -5.55
CA GLN A 39 17.93 -25.48 -5.88
C GLN A 39 17.85 -23.97 -5.90
N ILE A 40 19.01 -23.33 -5.84
CA ILE A 40 19.10 -21.87 -5.85
C ILE A 40 18.74 -21.34 -7.23
N PRO A 55 19.72 -15.02 -1.65
CA PRO A 55 19.79 -16.37 -2.23
C PRO A 55 18.76 -17.30 -1.60
N ARG A 56 17.86 -17.84 -2.40
CA ARG A 56 16.75 -18.63 -1.89
C ARG A 56 16.60 -19.90 -2.71
N TYR A 57 16.21 -20.97 -2.04
CA TYR A 57 15.98 -22.26 -2.67
C TYR A 57 14.54 -22.34 -3.15
N ARG A 58 14.36 -22.79 -4.39
CA ARG A 58 13.04 -23.03 -4.95
C ARG A 58 13.04 -24.41 -5.59
N SER A 59 11.88 -25.04 -5.57
CA SER A 59 11.77 -26.43 -5.99
C SER A 59 10.95 -26.55 -7.27
N GLY A 60 11.36 -27.50 -8.12
CA GLY A 60 10.59 -27.85 -9.27
C GLY A 60 10.53 -29.36 -9.41
N LEU A 61 9.57 -29.82 -10.21
CA LEU A 61 9.40 -31.24 -10.46
C LEU A 61 10.40 -31.72 -11.50
N TRP A 62 11.01 -32.87 -11.23
CA TRP A 62 11.90 -33.51 -12.19
C TRP A 62 11.37 -34.90 -12.53
N LEU A 63 11.80 -35.40 -13.68
CA LEU A 63 11.28 -36.67 -14.19
C LEU A 63 12.38 -37.43 -14.91
N SER A 64 12.38 -38.75 -14.74
CA SER A 64 13.31 -39.62 -15.44
C SER A 64 12.62 -40.94 -15.77
N GLU A 65 12.95 -41.49 -16.93
CA GLU A 65 12.47 -42.79 -17.35
C GLU A 65 13.52 -43.87 -17.16
N GLY A 66 14.70 -43.50 -16.65
CA GLY A 66 15.79 -44.43 -16.45
C GLY A 66 17.12 -43.74 -16.63
N GLY A 67 17.13 -42.65 -17.41
CA GLY A 67 18.31 -41.87 -17.67
C GLY A 67 18.38 -40.65 -16.77
N ALA A 68 19.22 -39.70 -17.17
CA ALA A 68 19.40 -38.48 -16.39
C ALA A 68 18.08 -37.74 -16.25
N ALA A 69 17.75 -37.36 -15.02
CA ALA A 69 16.50 -36.66 -14.76
C ALA A 69 16.51 -35.30 -15.44
N ARG A 70 15.31 -34.87 -15.86
CA ARG A 70 15.15 -33.60 -16.53
C ARG A 70 14.08 -32.79 -15.82
N PRO A 71 14.20 -31.46 -15.82
CA PRO A 71 13.18 -30.64 -15.15
C PRO A 71 11.85 -30.65 -15.90
N LEU A 72 10.77 -30.65 -15.13
CA LEU A 72 9.40 -30.63 -15.63
C LEU A 72 8.72 -29.28 -15.46
N THR A 73 9.01 -28.60 -14.35
CA THR A 73 8.52 -27.25 -14.08
C THR A 73 9.72 -26.34 -13.86
N HIS A 74 9.44 -25.03 -13.80
CA HIS A 74 10.49 -24.01 -13.73
C HIS A 74 9.94 -22.86 -12.88
N ALA A 75 9.96 -23.06 -11.56
CA ALA A 75 9.47 -22.04 -10.65
C ALA A 75 10.45 -20.88 -10.60
N GLU A 76 9.92 -19.66 -10.66
CA GLU A 76 10.72 -18.44 -10.58
C GLU A 76 10.42 -17.62 -9.34
N THR A 77 9.23 -17.77 -8.74
CA THR A 77 8.81 -17.06 -7.55
C THR A 77 8.24 -18.07 -6.55
N GLY A 78 8.09 -17.61 -5.30
CA GLY A 78 7.52 -18.48 -4.29
C GLY A 78 8.45 -19.62 -3.90
N ARG A 79 7.87 -20.61 -3.21
CA ARG A 79 8.68 -21.75 -2.79
C ARG A 79 8.90 -22.74 -3.91
N GLY A 80 8.00 -22.79 -4.89
CA GLY A 80 8.10 -23.70 -6.00
C GLY A 80 6.99 -24.72 -5.98
N ASP A 81 7.22 -25.83 -6.69
CA ASP A 81 6.24 -26.89 -6.85
C ASP A 81 6.71 -28.15 -6.13
N SER A 82 5.76 -28.92 -5.60
CA SER A 82 6.09 -30.03 -4.72
C SER A 82 4.96 -31.06 -4.79
N ALA A 83 5.15 -32.16 -4.07
CA ALA A 83 4.15 -33.22 -3.96
C ALA A 83 3.67 -33.77 -5.31
N PRO A 84 4.57 -34.29 -6.14
CA PRO A 84 4.12 -34.89 -7.41
C PRO A 84 3.38 -36.20 -7.14
N ARG A 85 2.24 -36.36 -7.80
CA ARG A 85 1.43 -37.56 -7.60
C ARG A 85 0.98 -38.06 -8.97
N TRP A 86 1.37 -39.30 -9.28
CA TRP A 86 1.00 -39.88 -10.56
C TRP A 86 -0.49 -40.18 -10.61
N SER A 87 -1.13 -39.82 -11.73
CA SER A 87 -2.42 -40.41 -12.01
C SER A 87 -2.25 -41.90 -12.32
N PRO A 88 -3.22 -42.73 -11.98
CA PRO A 88 -3.08 -44.17 -12.23
C PRO A 88 -2.80 -44.52 -13.68
N ASP A 89 -3.34 -43.77 -14.63
CA ASP A 89 -3.10 -44.05 -16.05
C ASP A 89 -1.72 -43.63 -16.52
N GLY A 90 -0.90 -43.06 -15.64
CA GLY A 90 0.46 -42.68 -15.99
C GLY A 90 0.57 -41.48 -16.90
N GLN A 91 -0.54 -40.77 -17.15
CA GLN A 91 -0.55 -39.68 -18.12
C GLN A 91 -0.47 -38.30 -17.48
N ASN A 92 -0.79 -38.17 -16.19
CA ASN A 92 -0.84 -36.87 -15.53
C ASN A 92 -0.11 -36.89 -14.20
N LEU A 93 0.30 -35.70 -13.77
CA LEU A 93 0.92 -35.49 -12.46
C LEU A 93 0.11 -34.44 -11.71
N ALA A 94 -0.55 -34.84 -10.64
CA ALA A 94 -1.05 -33.87 -9.68
C ALA A 94 0.11 -33.37 -8.84
N PHE A 95 0.10 -32.07 -8.52
CA PHE A 95 1.12 -31.51 -7.66
C PHE A 95 0.61 -30.22 -7.04
N VAL A 96 1.42 -29.66 -6.15
CA VAL A 96 1.07 -28.46 -5.39
C VAL A 96 2.04 -27.35 -5.78
N ARG A 97 1.51 -26.16 -6.07
CA ARG A 97 2.30 -25.04 -6.55
C ARG A 97 2.26 -23.91 -5.53
N SER A 98 3.44 -23.40 -5.19
CA SER A 98 3.58 -22.23 -4.34
C SER A 98 4.27 -21.12 -5.12
N ALA A 99 3.52 -20.05 -5.42
CA ALA A 99 4.10 -18.87 -6.07
C ALA A 99 3.84 -17.62 -5.25
N VAL A 102 0.56 -17.12 -4.89
CA VAL A 102 -0.23 -18.32 -4.69
C VAL A 102 0.38 -19.18 -3.58
N LYS A 103 -0.46 -19.53 -2.60
CA LYS A 103 0.05 -20.22 -1.41
C LYS A 103 0.34 -21.69 -1.69
N ALA A 104 -0.66 -22.45 -2.11
CA ALA A 104 -0.48 -23.88 -2.37
C ALA A 104 -1.63 -24.45 -3.19
N ALA A 105 -1.63 -24.22 -4.49
CA ALA A 105 -2.72 -24.68 -5.34
C ALA A 105 -2.45 -26.07 -5.89
N LEU A 106 -3.52 -26.88 -6.02
CA LEU A 106 -3.40 -28.20 -6.63
C LEU A 106 -3.41 -28.05 -8.14
N MET A 107 -2.39 -28.60 -8.79
CA MET A 107 -2.21 -28.47 -10.23
C MET A 107 -2.26 -29.84 -10.87
N LEU A 108 -2.64 -29.88 -12.14
CA LEU A 108 -2.61 -31.11 -12.94
C LEU A 108 -1.81 -30.86 -14.21
N LEU A 109 -0.69 -31.57 -14.34
CA LEU A 109 0.22 -31.40 -15.47
C LEU A 109 0.11 -32.60 -16.39
N PRO A 110 -0.38 -32.43 -17.61
CA PRO A 110 -0.37 -33.53 -18.59
C PRO A 110 1.05 -33.82 -19.06
N LEU A 111 1.47 -35.07 -18.91
CA LEU A 111 2.87 -35.40 -19.08
C LEU A 111 3.28 -35.50 -20.55
N LYS A 112 2.33 -35.69 -21.46
CA LYS A 112 2.65 -35.86 -22.88
C LYS A 112 2.40 -34.60 -23.70
N GLY A 113 2.36 -33.44 -23.05
CA GLY A 113 2.23 -32.19 -23.78
C GLY A 113 1.28 -31.22 -23.13
N GLY A 114 1.72 -29.99 -22.94
CA GLY A 114 0.89 -28.96 -22.38
C GLY A 114 1.33 -28.59 -20.96
N GLU A 115 0.93 -27.39 -20.55
CA GLU A 115 1.24 -26.88 -19.23
C GLU A 115 0.16 -27.30 -18.23
N ALA A 116 0.48 -27.14 -16.95
CA ALA A 116 -0.41 -27.61 -15.90
C ALA A 116 -1.61 -26.68 -15.73
N ARG A 117 -2.70 -27.26 -15.25
CA ARG A 117 -3.91 -26.50 -14.94
C ARG A 117 -4.11 -26.50 -13.43
N ARG A 118 -4.58 -25.37 -12.91
CA ARG A 118 -4.89 -25.22 -11.50
C ARG A 118 -6.32 -25.67 -11.28
N VAL A 119 -6.52 -26.53 -10.29
CA VAL A 119 -7.84 -27.12 -10.05
C VAL A 119 -8.48 -26.68 -8.74
N THR A 120 -7.74 -25.99 -7.87
CA THR A 120 -8.27 -25.47 -6.62
C THR A 120 -8.00 -23.98 -6.53
N HIS A 121 -8.90 -23.27 -5.86
CA HIS A 121 -8.77 -21.85 -5.67
C HIS A 121 -9.17 -21.50 -4.23
N PHE A 122 -8.39 -22.01 -3.28
CA PHE A 122 -8.55 -21.72 -1.86
C PHE A 122 -7.56 -20.66 -1.43
N LYS A 123 -7.96 -19.86 -0.44
CA LYS A 123 -7.09 -18.77 0.02
C LYS A 123 -5.81 -19.30 0.65
N ASN A 124 -5.90 -20.37 1.45
CA ASN A 124 -4.75 -20.89 2.17
C ASN A 124 -4.18 -22.17 1.56
N GLY A 125 -4.60 -22.53 0.37
CA GLY A 125 -4.02 -23.65 -0.32
C GLY A 125 -4.43 -25.01 0.21
N VAL A 126 -3.77 -26.04 -0.32
CA VAL A 126 -4.09 -27.44 -0.05
C VAL A 126 -2.84 -28.15 0.45
N SER A 127 -3.03 -29.39 0.90
CA SER A 127 -1.90 -30.18 1.36
C SER A 127 -2.22 -31.66 1.21
N GLY A 128 -1.22 -32.44 0.81
CA GLY A 128 -1.29 -33.87 0.78
C GLY A 128 -2.30 -34.46 -0.19
N PRO A 129 -2.10 -34.24 -1.50
CA PRO A 129 -3.01 -34.82 -2.48
C PRO A 129 -2.75 -36.31 -2.68
N GLN A 130 -3.83 -37.06 -2.86
CA GLN A 130 -3.75 -38.51 -3.09
C GLN A 130 -4.81 -38.93 -4.10
N TRP A 131 -4.37 -39.46 -5.24
CA TRP A 131 -5.30 -40.01 -6.21
C TRP A 131 -6.01 -41.23 -5.64
N SER A 132 -7.24 -41.42 -6.06
CA SER A 132 -7.87 -42.72 -5.85
C SER A 132 -7.31 -43.72 -6.87
N PRO A 133 -7.17 -44.99 -6.48
CA PRO A 133 -6.53 -45.97 -7.38
C PRO A 133 -7.21 -46.09 -8.73
N ASP A 134 -8.49 -45.75 -8.85
CA ASP A 134 -9.19 -45.79 -10.12
C ASP A 134 -9.04 -44.49 -10.91
N GLY A 135 -8.32 -43.50 -10.38
CA GLY A 135 -8.13 -42.25 -11.08
C GLY A 135 -9.35 -41.36 -11.13
N ARG A 136 -10.40 -41.67 -10.38
CA ARG A 136 -11.63 -40.89 -10.39
C ARG A 136 -11.63 -39.74 -9.40
N PHE A 137 -10.76 -39.76 -8.39
CA PHE A 137 -10.77 -38.75 -7.35
C PHE A 137 -9.35 -38.43 -6.90
N ILE A 138 -9.17 -37.20 -6.41
CA ILE A 138 -7.97 -36.79 -5.69
C ILE A 138 -8.40 -36.25 -4.34
N ALA A 139 -7.97 -36.90 -3.27
CA ALA A 139 -8.24 -36.41 -1.93
C ALA A 139 -7.12 -35.48 -1.46
N PHE A 140 -7.51 -34.50 -0.64
CA PHE A 140 -6.57 -33.54 -0.07
C PHE A 140 -7.26 -32.82 1.07
N THR A 141 -6.49 -32.02 1.81
CA THR A 141 -7.02 -31.25 2.91
C THR A 141 -6.74 -29.77 2.68
N THR A 142 -7.56 -28.91 3.29
CA THR A 142 -7.38 -27.47 3.15
C THR A 142 -8.12 -26.74 4.26
N THR A 143 -7.53 -25.62 4.69
CA THR A 143 -8.11 -24.79 5.73
C THR A 143 -8.95 -23.65 5.16
N ARG A 175 -11.44 -25.09 12.54
CA ARG A 175 -10.01 -24.88 12.79
C ARG A 175 -9.11 -25.94 12.15
N PRO A 176 -9.40 -27.23 12.30
CA PRO A 176 -8.58 -28.24 11.61
C PRO A 176 -8.97 -28.36 10.14
N ALA A 177 -7.95 -28.62 9.32
CA ALA A 177 -8.16 -28.74 7.88
C ALA A 177 -9.18 -29.82 7.57
N ALA A 178 -10.06 -29.54 6.61
CA ALA A 178 -11.09 -30.47 6.21
C ALA A 178 -10.63 -31.26 4.99
N LEU A 179 -11.05 -32.52 4.94
CA LEU A 179 -10.72 -33.37 3.80
C LEU A 179 -11.64 -33.05 2.64
N TRP A 180 -11.05 -32.77 1.49
CA TRP A 180 -11.79 -32.41 0.29
C TRP A 180 -11.64 -33.49 -0.77
N LEU A 181 -12.41 -33.33 -1.85
CA LEU A 181 -12.50 -34.32 -2.91
C LEU A 181 -12.58 -33.60 -4.24
N TYR A 182 -11.67 -33.92 -5.15
CA TYR A 182 -11.71 -33.43 -6.52
C TYR A 182 -12.25 -34.54 -7.40
N ASP A 183 -13.44 -34.32 -7.96
CA ASP A 183 -14.02 -35.20 -8.96
C ASP A 183 -13.35 -34.90 -10.29
N VAL A 184 -12.59 -35.87 -10.82
CA VAL A 184 -11.80 -35.62 -12.03
C VAL A 184 -12.69 -35.61 -13.25
N GLU A 185 -13.55 -36.62 -13.40
CA GLU A 185 -14.44 -36.69 -14.56
C GLU A 185 -15.44 -35.55 -14.58
N ALA A 186 -15.65 -34.85 -13.46
CA ALA A 186 -16.58 -33.75 -13.38
C ALA A 186 -15.91 -32.39 -13.27
N ASP A 187 -14.61 -32.34 -13.04
CA ASP A 187 -13.88 -31.08 -12.80
C ASP A 187 -14.57 -30.25 -11.72
N LYS A 188 -15.10 -30.93 -10.70
CA LYS A 188 -15.80 -30.28 -9.61
C LYS A 188 -15.10 -30.60 -8.29
N LEU A 189 -15.21 -29.69 -7.34
CA LEU A 189 -14.71 -29.89 -5.99
C LEU A 189 -15.86 -30.19 -5.05
N ARG A 190 -15.52 -30.71 -3.88
CA ARG A 190 -16.49 -31.18 -2.90
C ARG A 190 -15.85 -31.40 -1.54
N GLU A 191 -16.33 -30.71 -0.52
CA GLU A 191 -15.90 -31.01 0.83
C GLU A 191 -16.38 -32.39 1.21
N TRP A 192 -15.49 -33.22 1.76
CA TRP A 192 -15.78 -34.60 2.09
C TRP A 192 -16.08 -34.80 3.57
N TYR A 193 -15.17 -34.36 4.43
CA TYR A 193 -15.28 -34.60 5.86
C TYR A 193 -14.57 -33.48 6.59
N ALA A 194 -15.31 -32.74 7.42
CA ALA A 194 -14.71 -31.71 8.25
C ALA A 194 -14.50 -32.28 9.64
N PRO A 195 -13.27 -32.62 10.03
CA PRO A 195 -13.06 -33.32 11.30
C PRO A 195 -13.16 -32.38 12.48
N GLU A 196 -13.45 -32.97 13.65
CA GLU A 196 -13.56 -32.17 14.86
C GLU A 196 -12.19 -31.71 15.35
N ILE A 197 -11.22 -32.63 15.42
CA ILE A 197 -9.87 -32.36 15.93
C ILE A 197 -8.80 -32.42 14.82
N GLY A 198 -8.86 -33.41 13.96
CA GLY A 198 -7.90 -33.45 12.88
C GLY A 198 -7.69 -34.85 12.33
N ILE A 199 -7.20 -34.87 11.08
CA ILE A 199 -6.95 -36.10 10.32
C ILE A 199 -5.44 -36.28 10.20
N GLY A 200 -4.97 -37.46 10.59
CA GLY A 200 -3.57 -37.82 10.43
C GLY A 200 -3.37 -38.59 9.13
N ALA A 201 -2.91 -39.83 9.26
CA ALA A 201 -2.67 -40.67 8.09
C ALA A 201 -3.96 -40.87 7.31
N LEU A 202 -3.80 -41.02 5.98
CA LEU A 202 -4.93 -41.25 5.11
C LEU A 202 -4.47 -42.16 3.97
N SER A 203 -5.34 -43.12 3.60
CA SER A 203 -5.03 -44.03 2.51
C SER A 203 -6.33 -44.51 1.88
N TRP A 204 -6.37 -44.47 0.54
CA TRP A 204 -7.51 -45.01 -0.19
C TRP A 204 -7.54 -46.53 -0.08
N TRP A 205 -8.75 -47.08 -0.03
CA TRP A 205 -8.92 -48.50 -0.25
C TRP A 205 -8.51 -48.84 -1.68
N PRO A 206 -8.04 -50.07 -1.93
CA PRO A 206 -7.60 -50.41 -3.29
C PRO A 206 -8.73 -50.42 -4.32
N ASP A 207 -9.98 -50.47 -3.88
CA ASP A 207 -11.12 -50.38 -4.80
C ASP A 207 -11.69 -48.97 -4.90
N SER A 208 -11.03 -47.99 -4.27
CA SER A 208 -11.40 -46.58 -4.36
C SER A 208 -12.81 -46.33 -3.82
N ARG A 209 -13.26 -47.15 -2.88
CA ARG A 209 -14.58 -46.95 -2.27
C ARG A 209 -14.57 -45.87 -1.19
N GLY A 210 -13.39 -45.47 -0.73
CA GLY A 210 -13.27 -44.52 0.37
C GLY A 210 -11.85 -44.51 0.87
N VAL A 211 -11.66 -43.90 2.05
CA VAL A 211 -10.33 -43.75 2.64
C VAL A 211 -10.36 -44.22 4.09
N LEU A 212 -9.26 -44.83 4.53
CA LEU A 212 -9.01 -45.04 5.94
C LEU A 212 -8.30 -43.80 6.48
N ILE A 213 -8.73 -43.31 7.64
CA ILE A 213 -8.12 -42.15 8.25
C ILE A 213 -7.82 -42.42 9.71
N VAL A 214 -6.73 -41.83 10.19
CA VAL A 214 -6.35 -41.86 11.60
C VAL A 214 -6.69 -40.52 12.23
N GLN A 215 -7.38 -40.56 13.36
CA GLN A 215 -7.77 -39.34 14.05
C GLN A 215 -8.11 -39.68 15.50
N SER A 216 -8.04 -38.65 16.35
CA SER A 216 -8.28 -38.78 17.78
C SER A 216 -9.74 -38.51 18.12
N GLU A 217 -10.15 -38.95 19.31
CA GLU A 217 -11.53 -38.77 19.75
C GLU A 217 -11.77 -37.36 20.28
N ASP A 218 -10.78 -36.79 20.98
CA ASP A 218 -10.88 -35.43 21.47
C ASP A 218 -9.48 -34.82 21.50
N GLU A 219 -9.40 -33.55 21.90
CA GLU A 219 -8.11 -32.87 21.89
C GLU A 219 -7.22 -33.32 23.04
N TRP A 220 -7.82 -33.56 24.22
CA TRP A 220 -7.05 -34.08 25.35
C TRP A 220 -6.44 -35.44 25.02
N GLN A 221 -7.26 -36.34 24.46
CA GLN A 221 -6.73 -37.62 24.02
C GLN A 221 -5.71 -37.46 22.90
N ALA A 222 -5.89 -36.44 22.05
CA ALA A 222 -4.93 -36.18 20.98
C ALA A 222 -3.57 -35.76 21.55
N SER A 223 -3.57 -34.95 22.62
CA SER A 223 -2.33 -34.54 23.25
C SER A 223 -1.57 -35.72 23.84
N GLN A 224 -2.28 -36.76 24.25
CA GLN A 224 -1.66 -37.95 24.81
C GLN A 224 -1.26 -38.95 23.75
N TRP A 225 -1.30 -38.55 22.47
CA TRP A 225 -0.88 -39.39 21.34
C TRP A 225 -1.66 -40.69 21.25
N ARG A 226 -2.98 -40.60 21.39
CA ARG A 226 -3.86 -41.75 21.20
C ARG A 226 -4.80 -41.48 20.04
N GLN A 227 -4.83 -42.41 19.09
CA GLN A 227 -5.63 -42.24 17.87
C GLN A 227 -6.32 -43.55 17.54
N ASP A 228 -7.37 -43.47 16.73
CA ASP A 228 -8.06 -44.63 16.18
C ASP A 228 -8.04 -44.55 14.65
N VAL A 229 -8.61 -45.58 14.02
CA VAL A 229 -8.70 -45.67 12.57
C VAL A 229 -10.17 -45.75 12.20
N TYR A 230 -10.58 -44.95 11.21
CA TYR A 230 -11.97 -44.84 10.80
C TYR A 230 -12.11 -45.18 9.33
N ASP A 231 -13.18 -45.88 8.99
CA ASP A 231 -13.57 -46.05 7.59
C ASP A 231 -14.48 -44.89 7.20
N LEU A 232 -14.12 -44.23 6.10
CA LEU A 232 -14.90 -43.10 5.58
C LEU A 232 -15.20 -43.37 4.12
N PRO A 233 -16.42 -43.72 3.77
CA PRO A 233 -16.76 -43.98 2.36
C PRO A 233 -16.94 -42.68 1.58
N LEU A 234 -16.95 -42.83 0.24
CA LEU A 234 -17.16 -41.68 -0.62
C LEU A 234 -18.58 -41.14 -0.42
N PRO A 235 -18.77 -39.83 -0.57
CA PRO A 235 -20.08 -39.26 -0.28
C PRO A 235 -21.13 -39.63 -1.33
N THR A 236 -22.37 -39.69 -0.88
CA THR A 236 -23.51 -39.99 -1.76
C THR A 236 -24.60 -38.93 -1.63
N PRO A 240 -23.32 -35.13 3.36
CA PRO A 240 -23.24 -36.13 4.43
C PRO A 240 -21.93 -36.91 4.41
N ALA A 241 -22.02 -38.22 4.69
CA ALA A 241 -20.90 -39.16 4.72
C ALA A 241 -20.03 -38.96 5.96
N ALA A 242 -20.44 -39.58 7.08
CA ALA A 242 -19.82 -39.64 8.40
C ALA A 242 -18.99 -40.92 8.53
N PRO A 243 -17.80 -40.82 9.09
CA PRO A 243 -16.93 -42.00 9.18
C PRO A 243 -17.20 -42.88 10.39
N GLN A 244 -17.35 -44.18 10.14
CA GLN A 244 -17.46 -45.18 11.20
C GLN A 244 -16.07 -45.69 11.57
N LYS A 245 -15.96 -46.25 12.77
CA LYS A 245 -14.68 -46.71 13.29
C LYS A 245 -14.36 -48.11 12.82
N LEU A 246 -13.10 -48.31 12.42
CA LEU A 246 -12.62 -49.63 12.00
C LEU A 246 -11.82 -50.33 13.08
N LEU A 247 -11.12 -49.58 13.93
CA LEU A 247 -10.16 -50.16 14.86
C LEU A 247 -10.08 -49.30 16.10
N ASP A 248 -10.44 -49.88 17.25
CA ASP A 248 -10.24 -49.21 18.54
C ASP A 248 -8.78 -49.39 18.90
N TRP A 249 -7.96 -48.44 18.48
CA TRP A 249 -6.51 -48.51 18.65
C TRP A 249 -6.06 -47.78 19.92
N ASN A 250 -6.56 -46.57 20.13
CA ASN A 250 -6.27 -45.77 21.31
C ASN A 250 -4.76 -45.63 21.52
N SER A 251 -4.04 -45.39 20.44
CA SER A 251 -2.58 -45.33 20.50
C SER A 251 -2.07 -44.61 19.26
N ALA A 252 -0.75 -44.59 19.08
CA ALA A 252 -0.15 -43.88 17.96
C ALA A 252 -0.20 -44.76 16.70
N ALA A 253 -0.68 -44.18 15.61
CA ALA A 253 -0.82 -44.92 14.36
C ALA A 253 -0.63 -43.97 13.18
N HIS A 254 0.18 -44.38 12.22
CA HIS A 254 0.34 -43.69 10.96
C HIS A 254 0.71 -44.72 9.90
N GLY A 255 0.99 -44.24 8.69
CA GLY A 255 1.43 -45.13 7.62
C GLY A 255 0.47 -46.24 7.29
N LEU A 256 -0.81 -45.91 7.14
CA LEU A 256 -1.80 -46.91 6.78
C LEU A 256 -1.48 -47.50 5.41
N ALA A 257 -1.45 -48.83 5.33
CA ALA A 257 -1.19 -49.55 4.08
C ALA A 257 -2.29 -50.57 3.87
N PRO A 258 -3.34 -50.21 3.13
CA PRO A 258 -4.41 -51.18 2.83
C PRO A 258 -3.89 -52.36 2.02
N HIS A 259 -4.32 -53.56 2.41
CA HIS A 259 -3.96 -54.77 1.69
C HIS A 259 -4.71 -54.82 0.35
N PRO A 260 -4.11 -55.46 -0.68
CA PRO A 260 -4.81 -55.60 -1.96
C PRO A 260 -6.19 -56.22 -1.86
N ASP A 261 -6.47 -57.04 -0.84
CA ASP A 261 -7.77 -57.69 -0.76
C ASP A 261 -8.90 -56.74 -0.39
N GLY A 262 -8.60 -55.46 -0.15
CA GLY A 262 -9.63 -54.48 0.16
C GLY A 262 -10.31 -54.66 1.49
N GLN A 263 -9.85 -55.61 2.31
CA GLN A 263 -10.45 -55.84 3.62
C GLN A 263 -9.46 -55.59 4.76
N ARG A 264 -8.29 -56.22 4.71
CA ARG A 264 -7.26 -56.03 5.72
C ARG A 264 -6.43 -54.80 5.40
N PHE A 265 -5.70 -54.32 6.41
CA PHE A 265 -4.78 -53.22 6.21
C PHE A 265 -3.72 -53.26 7.30
N ALA A 266 -2.59 -52.63 7.01
CA ALA A 266 -1.48 -52.55 7.94
C ALA A 266 -1.31 -51.11 8.43
N LEU A 267 -0.72 -50.97 9.61
CA LEU A 267 -0.47 -49.65 10.16
C LEU A 267 0.90 -49.67 10.83
N ILE A 268 1.46 -48.47 10.99
CA ILE A 268 2.71 -48.27 11.72
C ILE A 268 2.37 -47.62 13.05
N GLY A 269 3.01 -48.11 14.11
CA GLY A 269 2.81 -47.51 15.42
C GLY A 269 3.09 -48.44 16.57
N ARG A 270 2.31 -48.33 17.64
CA ARG A 270 2.44 -49.10 18.86
C ARG A 270 1.05 -49.43 19.39
N PRO A 271 0.88 -50.60 20.00
CA PRO A 271 -0.40 -50.91 20.65
C PRO A 271 -0.60 -50.03 21.87
N ALA A 272 -1.84 -50.04 22.37
CA ALA A 272 -2.23 -49.10 23.41
C ALA A 272 -1.37 -49.27 24.67
N GLY A 273 -0.96 -50.50 24.97
CA GLY A 273 -0.18 -50.72 26.18
C GLY A 273 1.16 -50.01 26.15
N LYS A 274 1.83 -50.00 24.99
CA LYS A 274 3.19 -49.50 24.92
C LYS A 274 3.21 -47.97 24.93
N GLY A 275 4.36 -47.43 25.35
CA GLY A 275 4.60 -46.00 25.39
C GLY A 275 5.40 -45.50 24.20
N ASN A 276 5.75 -44.21 24.27
CA ASN A 276 6.40 -43.55 23.14
C ASN A 276 7.83 -44.06 22.90
N THR A 277 8.50 -44.54 23.94
CA THR A 277 9.85 -45.05 23.72
C THR A 277 9.87 -46.39 22.99
N GLU A 278 8.74 -47.08 22.89
CA GLU A 278 8.74 -48.35 22.17
C GLU A 278 8.91 -48.14 20.67
N HIS A 279 9.71 -49.01 20.06
CA HIS A 279 9.90 -49.00 18.61
C HIS A 279 8.56 -49.04 17.89
N ALA A 280 8.42 -48.16 16.90
CA ALA A 280 7.30 -48.29 15.98
C ALA A 280 7.44 -49.57 15.18
N HIS A 281 6.33 -50.28 15.01
CA HIS A 281 6.35 -51.56 14.32
C HIS A 281 5.16 -51.66 13.35
N LEU A 282 5.16 -52.76 12.61
CA LEU A 282 4.11 -53.05 11.64
C LEU A 282 3.05 -53.93 12.27
N TYR A 283 1.79 -53.63 12.00
CA TYR A 283 0.69 -54.39 12.56
C TYR A 283 -0.34 -54.68 11.48
N LEU A 284 -0.74 -55.94 11.38
CA LEU A 284 -1.76 -56.35 10.43
C LEU A 284 -3.11 -56.32 11.12
N ILE A 285 -4.07 -55.60 10.53
CA ILE A 285 -5.39 -55.39 11.10
C ILE A 285 -6.39 -56.21 10.30
N GLU A 286 -7.30 -56.89 10.99
CA GLU A 286 -8.37 -57.65 10.32
C GLU A 286 -9.63 -57.55 11.16
N ASN A 287 -10.55 -56.69 10.73
CA ASN A 287 -11.85 -56.51 11.38
C ASN A 287 -11.69 -56.26 12.89
N GLY A 288 -10.82 -55.33 13.25
CA GLY A 288 -10.57 -55.00 14.64
C GLY A 288 -9.55 -55.85 15.35
N GLN A 289 -9.13 -56.99 14.79
CA GLN A 289 -8.06 -57.77 15.40
C GLN A 289 -6.72 -57.30 14.86
N HIS A 290 -5.69 -57.34 15.71
CA HIS A 290 -4.38 -56.89 15.27
C HIS A 290 -3.29 -57.86 15.71
N ARG A 291 -2.33 -58.09 14.82
CA ARG A 291 -1.15 -58.88 15.14
C ARG A 291 0.07 -58.22 14.53
N ARG A 292 1.20 -58.31 15.23
CA ARG A 292 2.42 -57.68 14.78
C ARG A 292 2.96 -58.39 13.53
N LEU A 293 3.41 -57.59 12.56
CA LEU A 293 3.79 -58.07 11.23
C LEU A 293 5.29 -58.18 11.03
N ASP A 294 6.07 -57.27 11.62
CA ASP A 294 7.53 -57.31 11.49
C ASP A 294 8.14 -58.04 12.69
N THR A 295 7.79 -59.31 12.79
CA THR A 295 8.26 -60.12 13.91
C THR A 295 9.73 -60.50 13.73
N GLY A 296 10.42 -60.66 14.86
CA GLY A 296 11.83 -61.00 14.81
C GLY A 296 12.72 -59.91 14.27
N HIS A 297 12.30 -58.65 14.39
CA HIS A 297 13.06 -57.50 13.88
C HIS A 297 13.01 -56.44 14.96
N ASP A 298 13.99 -56.48 15.87
CA ASP A 298 14.06 -55.60 17.02
C ASP A 298 14.59 -54.21 16.62
N HIS A 299 13.93 -53.61 15.63
CA HIS A 299 14.32 -52.30 15.14
C HIS A 299 13.08 -51.55 14.71
N PRO A 300 13.07 -50.22 14.79
CA PRO A 300 11.85 -49.46 14.47
C PRO A 300 11.67 -49.28 12.97
N VAL A 301 10.44 -48.98 12.61
CA VAL A 301 10.06 -48.68 11.24
C VAL A 301 10.33 -47.21 10.97
N GLY A 302 10.91 -46.91 9.82
CA GLY A 302 11.15 -45.55 9.39
C GLY A 302 12.60 -45.11 9.58
N ASP A 303 12.91 -43.98 8.95
CA ASP A 303 14.23 -43.39 9.06
C ASP A 303 14.32 -42.58 10.34
N ALA A 304 15.26 -42.93 11.21
CA ALA A 304 15.55 -42.19 12.43
C ALA A 304 17.05 -41.97 12.54
N VAL A 305 17.70 -41.75 11.40
CA VAL A 305 19.14 -41.50 11.33
C VAL A 305 19.37 -40.04 10.97
N GLY A 306 20.42 -39.46 11.54
CA GLY A 306 20.72 -38.07 11.31
C GLY A 306 21.24 -37.80 9.90
N GLY A 307 21.10 -36.54 9.50
CA GLY A 307 21.50 -36.07 8.20
C GLY A 307 20.91 -34.71 7.91
N ASP A 308 21.73 -33.76 7.50
CA ASP A 308 21.32 -32.37 7.36
C ASP A 308 21.06 -31.98 5.90
N CYS A 309 20.81 -32.95 5.03
CA CYS A 309 20.58 -32.70 3.61
C CYS A 309 19.24 -33.26 3.17
N HIS A 310 18.23 -33.12 4.03
CA HIS A 310 16.87 -33.53 3.71
C HIS A 310 16.01 -32.26 3.69
N VAL A 311 15.64 -31.83 2.49
CA VAL A 311 14.81 -30.65 2.30
C VAL A 311 13.59 -31.09 1.49
N GLY A 312 12.43 -31.11 2.14
CA GLY A 312 11.21 -31.50 1.47
C GLY A 312 10.54 -32.73 2.05
N ALA A 313 9.60 -33.31 1.32
CA ALA A 313 8.87 -34.47 1.80
C ALA A 313 9.66 -35.76 1.53
N PHE A 314 9.66 -36.67 2.51
CA PHE A 314 10.37 -37.94 2.39
C PHE A 314 9.40 -39.07 2.72
N PRO A 315 8.67 -39.56 1.73
CA PRO A 315 7.69 -40.63 1.98
C PRO A 315 8.36 -41.94 2.34
N GLU A 316 7.80 -42.62 3.36
CA GLU A 316 8.23 -43.96 3.76
C GLU A 316 7.06 -44.91 3.94
N GLY A 317 5.93 -44.64 3.29
CA GLY A 317 4.75 -45.45 3.45
C GLY A 317 4.95 -46.88 2.97
N PRO A 318 4.63 -47.84 3.82
CA PRO A 318 4.75 -49.24 3.43
C PRO A 318 3.81 -49.55 2.26
N ARG A 319 4.25 -50.49 1.42
CA ARG A 319 3.55 -50.84 0.20
C ARG A 319 3.52 -52.36 0.06
N TRP A 320 2.36 -52.88 -0.33
CA TRP A 320 2.21 -54.31 -0.57
C TRP A 320 2.74 -54.63 -1.96
N LEU A 321 3.85 -55.37 -2.03
CA LEU A 321 4.37 -55.81 -3.32
C LEU A 321 3.50 -56.92 -3.91
N ASP A 322 3.04 -57.84 -3.06
CA ASP A 322 2.02 -58.80 -3.43
C ASP A 322 1.15 -59.04 -2.21
N GLY A 323 0.31 -60.09 -2.28
CA GLY A 323 -0.60 -60.38 -1.17
C GLY A 323 0.08 -60.79 0.11
N ASP A 324 1.31 -61.28 0.05
CA ASP A 324 2.03 -61.74 1.24
C ASP A 324 3.09 -60.77 1.72
N THR A 325 3.64 -59.96 0.81
CA THR A 325 4.82 -59.15 1.08
C THR A 325 4.42 -57.70 1.29
N LEU A 326 4.94 -57.09 2.35
CA LEU A 326 4.78 -55.66 2.61
C LEU A 326 6.16 -55.04 2.77
N LEU A 327 6.47 -54.06 1.93
CA LEU A 327 7.79 -53.46 1.89
C LEU A 327 7.83 -52.25 2.82
N PHE A 328 8.88 -52.17 3.64
CA PHE A 328 8.99 -51.08 4.60
C PHE A 328 10.46 -50.75 4.83
N SER A 329 10.68 -49.58 5.46
CA SER A 329 12.01 -49.12 5.83
C SER A 329 12.19 -49.27 7.33
N SER A 330 13.45 -49.41 7.76
CA SER A 330 13.76 -49.64 9.17
C SER A 330 15.16 -49.13 9.48
N THR A 331 15.33 -48.56 10.69
CA THR A 331 16.62 -48.04 11.14
C THR A 331 17.37 -49.13 11.90
N VAL A 332 18.59 -49.42 11.47
CA VAL A 332 19.41 -50.50 12.04
C VAL A 332 20.83 -49.99 12.19
N ARG A 333 21.26 -49.74 13.43
CA ARG A 333 22.63 -49.33 13.77
C ARG A 333 23.19 -48.31 12.79
N GLY A 334 22.56 -47.14 12.77
CA GLY A 334 23.02 -46.02 11.99
C GLY A 334 22.71 -46.07 10.51
N SER A 335 22.06 -47.14 10.04
CA SER A 335 21.68 -47.27 8.65
C SER A 335 20.16 -47.37 8.55
N VAL A 336 19.64 -47.10 7.35
CA VAL A 336 18.23 -47.30 7.06
C VAL A 336 18.13 -48.12 5.78
N GLY A 337 17.45 -49.26 5.85
CA GLY A 337 17.31 -50.14 4.71
C GLY A 337 15.85 -50.49 4.48
N LEU A 338 15.60 -51.10 3.32
CA LEU A 338 14.28 -51.58 2.99
C LEU A 338 14.19 -53.07 3.30
N PHE A 339 13.09 -53.46 3.94
CA PHE A 339 12.83 -54.85 4.28
C PHE A 339 11.43 -55.20 3.80
N THR A 340 11.15 -56.49 3.77
CA THR A 340 9.84 -57.00 3.40
C THR A 340 9.28 -57.76 4.60
N ALA A 341 8.14 -57.32 5.10
CA ALA A 341 7.38 -58.10 6.07
C ALA A 341 6.47 -59.06 5.32
N HIS A 342 6.17 -60.19 5.96
CA HIS A 342 5.42 -61.26 5.33
C HIS A 342 4.32 -61.73 6.25
N ILE A 343 3.11 -61.87 5.69
CA ILE A 343 1.98 -62.37 6.47
C ILE A 343 2.28 -63.77 6.99
N GLY A 344 2.70 -64.66 6.10
CA GLY A 344 3.02 -66.02 6.50
C GLY A 344 4.51 -66.26 6.69
N GLY A 345 5.18 -65.31 7.32
CA GLY A 345 6.61 -65.47 7.53
C GLY A 345 7.16 -64.35 8.38
N GLY A 346 8.49 -64.27 8.42
CA GLY A 346 9.18 -63.31 9.25
C GLY A 346 9.52 -62.03 8.53
N VAL A 347 10.78 -61.61 8.61
CA VAL A 347 11.25 -60.38 8.00
C VAL A 347 12.51 -60.69 7.21
N LYS A 348 12.54 -60.26 5.94
CA LYS A 348 13.67 -60.47 5.07
C LYS A 348 14.21 -59.12 4.61
N ALA A 349 15.53 -59.04 4.46
CA ALA A 349 16.12 -57.85 3.87
C ALA A 349 15.71 -57.73 2.41
N TYR A 350 15.52 -56.50 1.95
CA TYR A 350 15.20 -56.22 0.56
C TYR A 350 16.28 -55.39 -0.11
N ASP A 351 16.72 -54.33 0.54
CA ASP A 351 17.81 -53.47 0.03
C ASP A 351 18.35 -52.75 1.26
N HIS A 352 19.37 -53.35 1.88
CA HIS A 352 19.88 -52.87 3.17
C HIS A 352 21.40 -52.86 3.13
N ASP A 353 21.96 -51.75 2.67
CA ASP A 353 23.38 -51.49 2.85
C ASP A 353 23.62 -51.05 4.29
N PRO A 354 24.35 -51.82 5.09
CA PRO A 354 24.60 -51.42 6.48
C PRO A 354 25.43 -50.15 6.60
N GLN A 355 25.93 -49.62 5.48
CA GLN A 355 26.67 -48.36 5.46
C GLN A 355 25.89 -47.23 4.83
N GLY A 356 24.61 -47.45 4.49
CA GLY A 356 23.84 -46.46 3.76
C GLY A 356 22.49 -46.21 4.41
N VAL A 357 21.83 -45.16 3.92
CA VAL A 357 20.55 -44.71 4.43
C VAL A 357 19.60 -44.53 3.26
N ILE A 358 18.47 -45.23 3.31
CA ILE A 358 17.39 -45.03 2.35
C ILE A 358 16.38 -44.13 3.06
N SER A 359 16.38 -42.84 2.68
CA SER A 359 15.60 -41.84 3.40
C SER A 359 14.14 -41.80 2.97
N ALA A 360 13.82 -42.28 1.76
CA ALA A 360 12.45 -42.22 1.26
C ALA A 360 12.31 -43.23 0.13
N PHE A 361 11.07 -43.69 -0.08
CA PHE A 361 10.80 -44.69 -1.09
C PHE A 361 9.33 -44.73 -1.43
N THR A 362 9.03 -44.99 -2.70
CA THR A 362 7.70 -45.39 -3.16
C THR A 362 7.84 -46.69 -3.92
N ALA A 363 6.75 -47.45 -3.98
CA ALA A 363 6.87 -48.77 -4.58
C ALA A 363 5.50 -49.29 -4.99
N ASN A 364 5.52 -50.20 -5.96
CA ASN A 364 4.37 -51.01 -6.32
C ASN A 364 4.90 -52.34 -6.84
N GLU A 365 4.05 -53.12 -7.51
CA GLU A 365 4.49 -54.41 -8.03
C GLU A 365 5.32 -54.29 -9.29
N HIS A 366 5.51 -53.08 -9.83
CA HIS A 366 6.23 -52.92 -11.08
C HIS A 366 7.53 -52.16 -10.96
N GLY A 367 7.77 -51.48 -9.85
CA GLY A 367 9.01 -50.73 -9.70
C GLY A 367 9.08 -50.07 -8.33
N VAL A 368 10.27 -49.58 -8.01
CA VAL A 368 10.55 -48.88 -6.77
C VAL A 368 11.44 -47.68 -7.11
N ALA A 369 11.15 -46.53 -6.48
CA ALA A 369 12.04 -45.37 -6.52
C ALA A 369 12.41 -44.99 -5.09
N LEU A 370 13.62 -44.46 -4.92
CA LEU A 370 14.08 -44.14 -3.58
C LEU A 370 15.16 -43.08 -3.66
N ILE A 371 15.50 -42.55 -2.49
CA ILE A 371 16.64 -41.67 -2.29
C ILE A 371 17.62 -42.39 -1.38
N ARG A 372 18.88 -42.41 -1.78
CA ARG A 372 19.92 -43.17 -1.09
C ARG A 372 21.08 -42.23 -0.74
N GLU A 373 21.68 -42.45 0.42
CA GLU A 373 22.82 -41.64 0.84
C GLU A 373 23.68 -42.49 1.76
N SER A 374 24.88 -41.98 2.04
CA SER A 374 25.78 -42.62 2.98
C SER A 374 26.53 -41.52 3.72
N ALA A 375 27.39 -41.93 4.66
CA ALA A 375 28.21 -40.94 5.34
C ALA A 375 29.13 -40.18 4.38
N THR A 376 29.33 -40.70 3.17
CA THR A 376 30.26 -40.10 2.21
C THR A 376 29.62 -39.78 0.87
N ARG A 377 28.32 -40.01 0.70
CA ARG A 377 27.64 -39.78 -0.56
C ARG A 377 26.40 -38.92 -0.34
N PHE A 378 26.37 -37.77 -1.02
CA PHE A 378 25.20 -36.91 -0.97
C PHE A 378 23.97 -37.65 -1.50
N PRO A 379 22.77 -37.35 -0.98
CA PRO A 379 21.56 -38.04 -1.44
C PRO A 379 21.41 -38.03 -2.95
N GLU A 380 20.97 -39.17 -3.50
CA GLU A 380 20.75 -39.33 -4.92
C GLU A 380 19.40 -40.03 -5.11
N VAL A 381 18.71 -39.69 -6.22
CA VAL A 381 17.45 -40.36 -6.56
C VAL A 381 17.75 -41.59 -7.41
N GLU A 382 17.06 -42.69 -7.11
CA GLU A 382 17.24 -43.95 -7.80
C GLU A 382 15.91 -44.44 -8.34
N LEU A 383 15.96 -45.14 -9.46
CA LEU A 383 14.79 -45.81 -10.04
C LEU A 383 15.18 -47.24 -10.36
N ASN A 384 14.62 -48.19 -9.63
CA ASN A 384 14.89 -49.61 -9.81
C ASN A 384 16.40 -49.88 -9.88
N GLY A 385 17.12 -49.36 -8.88
CA GLY A 385 18.54 -49.57 -8.77
C GLY A 385 19.41 -48.62 -9.57
N GLN A 386 18.84 -47.91 -10.55
CA GLN A 386 19.60 -47.02 -11.41
C GLN A 386 19.51 -45.61 -10.84
N ARG A 387 20.66 -45.04 -10.49
CA ARG A 387 20.69 -43.66 -10.05
C ARG A 387 20.42 -42.73 -11.23
N VAL A 388 19.51 -41.78 -11.06
CA VAL A 388 19.05 -40.91 -12.13
C VAL A 388 19.50 -39.47 -11.97
N THR A 389 20.11 -39.11 -10.83
CA THR A 389 20.57 -37.77 -10.55
C THR A 389 22.08 -37.78 -10.42
N ASP A 390 22.67 -36.58 -10.45
CA ASP A 390 24.11 -36.40 -10.31
C ASP A 390 24.43 -35.32 -9.28
N LEU A 391 23.80 -35.43 -8.10
CA LEU A 391 23.83 -34.36 -7.12
C LEU A 391 25.08 -34.37 -6.25
N HIS A 392 25.66 -35.55 -5.99
CA HIS A 392 26.91 -35.59 -5.24
C HIS A 392 28.03 -34.89 -5.99
N ALA A 393 27.95 -34.84 -7.32
CA ALA A 393 28.95 -34.14 -8.11
C ALA A 393 29.00 -32.66 -7.76
N ARG A 394 27.90 -32.11 -7.25
CA ARG A 394 27.86 -30.70 -6.88
C ARG A 394 28.53 -30.41 -5.55
N PHE A 395 28.84 -31.42 -4.74
CA PHE A 395 29.46 -31.17 -3.45
C PHE A 395 30.83 -30.53 -3.65
N PRO A 396 31.07 -29.33 -3.12
CA PRO A 396 32.17 -28.48 -3.61
C PRO A 396 33.53 -28.77 -3.01
N PHE A 397 33.68 -29.72 -2.09
CA PHE A 397 34.99 -30.06 -1.57
C PHE A 397 35.04 -31.55 -1.29
N PRO A 398 36.23 -32.14 -1.25
CA PRO A 398 36.32 -33.59 -1.06
C PRO A 398 35.76 -34.04 0.29
N VAL A 399 34.97 -35.11 0.24
CA VAL A 399 34.45 -35.71 1.45
C VAL A 399 35.43 -36.78 1.95
N ARG A 400 35.37 -37.04 3.24
CA ARG A 400 36.31 -37.95 3.90
C ARG A 400 35.54 -39.06 4.59
N GLU A 401 36.22 -40.21 4.74
CA GLU A 401 35.62 -41.45 5.23
C GLU A 401 35.75 -41.53 6.74
N PRO A 402 34.67 -41.81 7.47
CA PRO A 402 34.78 -41.91 8.92
C PRO A 402 35.50 -43.18 9.35
N GLN A 403 36.04 -43.14 10.57
CA GLN A 403 36.66 -44.29 11.21
C GLN A 403 35.81 -44.71 12.40
N ARG A 404 35.52 -46.00 12.48
CA ARG A 404 34.68 -46.51 13.55
C ARG A 404 35.48 -46.66 14.85
N VAL A 405 34.86 -46.26 15.96
CA VAL A 405 35.44 -46.42 17.29
C VAL A 405 34.34 -46.93 18.21
N THR A 406 34.66 -47.98 18.99
CA THR A 406 33.69 -48.67 19.81
C THR A 406 33.97 -48.42 21.29
N PHE A 407 32.93 -48.64 22.10
CA PHE A 407 32.99 -48.51 23.55
C PHE A 407 32.12 -49.58 24.18
N GLU A 408 32.43 -49.92 25.43
CA GLU A 408 31.78 -51.02 26.13
C GLU A 408 30.72 -50.53 27.09
N THR A 409 29.62 -51.27 27.16
CA THR A 409 28.53 -51.05 28.11
C THR A 409 28.13 -52.40 28.67
N GLU A 410 27.45 -52.36 29.82
CA GLU A 410 26.88 -53.58 30.37
C GLU A 410 25.89 -54.25 29.43
N LEU A 411 25.37 -53.53 28.43
CA LEU A 411 24.45 -54.11 27.48
C LEU A 411 25.14 -54.63 26.24
N GLY A 412 26.46 -54.52 26.17
CA GLY A 412 27.19 -54.90 24.98
C GLY A 412 27.96 -53.75 24.39
N GLU A 413 28.29 -53.85 23.11
CA GLU A 413 29.21 -52.91 22.49
C GLU A 413 28.45 -51.76 21.83
N GLY A 414 28.83 -50.53 22.18
CA GLY A 414 28.36 -49.35 21.50
C GLY A 414 29.39 -48.87 20.49
N GLU A 415 28.92 -48.07 19.53
CA GLU A 415 29.77 -47.65 18.43
C GLU A 415 29.59 -46.18 18.14
N GLY A 416 30.61 -45.60 17.52
CA GLY A 416 30.64 -44.21 17.10
C GLY A 416 31.70 -44.06 16.04
N TRP A 417 31.85 -42.83 15.55
CA TRP A 417 32.75 -42.58 14.43
C TRP A 417 33.56 -41.31 14.67
N VAL A 418 34.71 -41.25 14.02
CA VAL A 418 35.60 -40.10 14.04
C VAL A 418 35.86 -39.71 12.59
N LEU A 419 35.64 -38.44 12.28
CA LEU A 419 35.95 -37.90 10.97
C LEU A 419 37.13 -36.94 11.09
N LEU A 420 38.22 -37.24 10.40
CA LEU A 420 39.41 -36.43 10.58
C LEU A 420 39.67 -35.55 9.36
N PRO A 421 40.30 -34.41 9.56
CA PRO A 421 40.75 -33.59 8.42
C PRO A 421 41.97 -34.21 7.73
N GLU A 422 42.43 -33.59 6.65
CA GLU A 422 43.65 -34.04 6.00
C GLU A 422 44.86 -33.72 6.87
N GLY A 423 45.97 -34.36 6.55
CA GLY A 423 47.23 -34.04 7.20
C GLY A 423 47.58 -35.03 8.31
N GLU A 424 48.59 -34.63 9.08
CA GLU A 424 49.08 -35.42 10.20
C GLU A 424 49.19 -34.63 11.49
N GLN A 425 48.76 -33.37 11.50
CA GLN A 425 48.93 -32.48 12.63
C GLN A 425 47.84 -32.73 13.67
N LYS A 426 48.13 -32.37 14.92
CA LYS A 426 47.12 -32.44 15.97
C LYS A 426 45.96 -31.52 15.61
N VAL A 427 44.74 -31.97 15.87
CA VAL A 427 43.54 -31.20 15.52
C VAL A 427 42.58 -31.21 16.70
N PRO A 428 41.74 -30.18 16.85
CA PRO A 428 40.75 -30.18 17.93
C PRO A 428 39.69 -31.26 17.73
N ALA A 429 39.16 -31.74 18.85
CA ALA A 429 38.23 -32.86 18.87
C ALA A 429 36.85 -32.37 19.29
N LEU A 430 35.87 -32.55 18.40
CA LEU A 430 34.49 -32.11 18.62
C LEU A 430 33.62 -33.33 18.88
N LEU A 431 33.08 -33.41 20.09
CA LEU A 431 32.11 -34.45 20.42
C LEU A 431 30.71 -33.92 20.10
N ASN A 432 30.08 -34.49 19.09
CA ASN A 432 28.73 -34.11 18.71
C ASN A 432 27.74 -35.13 19.25
N ILE A 433 26.65 -34.63 19.82
CA ILE A 433 25.62 -35.46 20.45
C ILE A 433 24.33 -35.27 19.66
N HIS A 434 23.81 -36.37 19.10
CA HIS A 434 22.56 -36.31 18.35
C HIS A 434 21.35 -36.24 19.27
N GLY A 435 20.28 -35.61 18.76
CA GLY A 435 19.06 -35.46 19.52
C GLY A 435 18.20 -36.71 19.48
N GLY A 436 16.94 -36.52 19.88
CA GLY A 436 16.01 -37.62 19.93
C GLY A 436 15.32 -37.74 21.28
N PRO A 437 15.96 -38.43 22.23
CA PRO A 437 17.28 -39.07 22.13
C PRO A 437 17.28 -40.34 21.29
N HIS A 438 16.09 -40.83 20.93
CA HIS A 438 15.96 -42.13 20.27
C HIS A 438 16.05 -41.99 18.76
N THR A 439 17.22 -41.54 18.30
CA THR A 439 17.59 -41.60 16.88
C THR A 439 19.02 -42.12 16.78
N ASP A 440 19.60 -42.11 15.58
CA ASP A 440 20.92 -42.66 15.35
C ASP A 440 21.79 -41.71 14.55
N TYR A 441 23.07 -41.64 14.92
CA TYR A 441 24.12 -41.17 14.03
C TYR A 441 24.58 -42.34 13.17
N GLY A 442 25.46 -42.05 12.23
CA GLY A 442 26.09 -43.14 11.49
C GLY A 442 26.29 -42.90 10.02
N HIS A 443 25.27 -43.22 9.22
CA HIS A 443 25.46 -43.34 7.78
C HIS A 443 24.53 -42.42 7.00
N GLY A 444 23.98 -41.40 7.64
CA GLY A 444 23.36 -40.33 6.91
C GLY A 444 24.41 -39.32 6.49
N PHE A 445 24.14 -38.60 5.41
CA PHE A 445 25.08 -37.59 4.95
C PHE A 445 24.90 -36.32 5.78
N THR A 446 25.99 -35.90 6.43
CA THR A 446 25.99 -34.70 7.28
C THR A 446 26.99 -33.71 6.68
N HIS A 447 26.47 -32.71 5.97
CA HIS A 447 27.32 -31.68 5.38
C HIS A 447 28.10 -30.94 6.45
N GLU A 448 27.47 -30.71 7.61
CA GLU A 448 28.12 -30.01 8.71
C GLU A 448 29.35 -30.76 9.19
N PHE A 449 29.25 -32.07 9.32
CA PHE A 449 30.38 -32.86 9.79
C PHE A 449 31.50 -32.88 8.77
N GLN A 450 31.17 -33.07 7.48
CA GLN A 450 32.18 -33.00 6.44
C GLN A 450 32.83 -31.63 6.39
N LEU A 451 32.06 -30.57 6.60
CA LEU A 451 32.61 -29.21 6.59
C LEU A 451 33.46 -28.94 7.82
N MET A 452 33.08 -29.51 8.97
CA MET A 452 33.90 -29.35 10.17
C MET A 452 35.29 -29.94 9.94
N ALA A 453 35.35 -31.16 9.40
CA ALA A 453 36.65 -31.75 9.11
C ALA A 453 37.39 -30.95 8.06
N ALA A 454 36.71 -30.54 6.99
CA ALA A 454 37.35 -29.74 5.94
C ALA A 454 37.95 -28.45 6.49
N ARG A 455 37.51 -28.01 7.69
CA ARG A 455 38.04 -26.83 8.36
C ARG A 455 38.94 -27.18 9.54
N GLY A 456 39.44 -28.42 9.60
CA GLY A 456 40.49 -28.78 10.53
C GLY A 456 40.06 -29.31 11.88
N TYR A 457 38.84 -29.81 11.99
CA TYR A 457 38.33 -30.32 13.25
C TYR A 457 38.12 -31.83 13.16
N GLY A 458 38.38 -32.53 14.27
CA GLY A 458 38.03 -33.94 14.35
C GLY A 458 36.64 -34.12 14.92
N VAL A 459 35.73 -34.71 14.16
CA VAL A 459 34.33 -34.83 14.56
C VAL A 459 34.12 -36.23 15.12
N CYS A 460 33.82 -36.32 16.41
CA CYS A 460 33.51 -37.59 17.06
C CYS A 460 32.02 -37.62 17.39
N TYR A 461 31.32 -38.61 16.87
CA TYR A 461 29.88 -38.72 17.02
C TYR A 461 29.54 -40.19 17.15
N SER A 462 28.66 -40.47 18.10
CA SER A 462 28.37 -41.83 18.51
C SER A 462 26.88 -41.96 18.79
N ASN A 463 26.49 -43.19 19.10
CA ASN A 463 25.12 -43.56 19.43
C ASN A 463 25.12 -44.18 20.83
N PRO A 464 24.99 -43.38 21.89
CA PRO A 464 24.98 -43.95 23.25
C PRO A 464 23.68 -44.69 23.48
N ARG A 465 23.60 -45.32 24.65
CA ARG A 465 22.36 -45.92 25.06
C ARG A 465 21.27 -44.86 25.07
N GLY A 466 20.08 -45.24 24.63
CA GLY A 466 19.03 -44.33 24.29
C GLY A 466 18.85 -44.18 22.79
N SER A 467 19.91 -44.41 22.02
CA SER A 467 19.83 -44.41 20.56
C SER A 467 18.91 -45.52 20.07
N VAL A 468 18.41 -45.36 18.85
CA VAL A 468 17.23 -46.10 18.41
C VAL A 468 17.52 -47.38 17.62
N GLY A 469 18.71 -47.54 17.05
CA GLY A 469 18.96 -48.61 16.11
C GLY A 469 19.64 -49.85 16.66
N TYR A 470 19.78 -49.98 17.98
CA TYR A 470 20.53 -51.08 18.56
C TYR A 470 19.64 -51.94 19.46
N GLY A 471 18.34 -51.95 19.18
CA GLY A 471 17.41 -52.79 19.88
C GLY A 471 16.58 -52.00 20.90
N GLN A 472 15.46 -52.62 21.31
CA GLN A 472 14.56 -52.01 22.27
C GLN A 472 15.23 -51.81 23.63
N ALA A 473 16.08 -52.76 24.05
CA ALA A 473 16.72 -52.65 25.36
C ALA A 473 17.69 -51.47 25.42
N TRP A 474 18.43 -51.24 24.33
CA TRP A 474 19.33 -50.10 24.24
C TRP A 474 18.59 -48.78 24.42
N VAL A 475 17.38 -48.69 23.85
CA VAL A 475 16.56 -47.49 24.04
C VAL A 475 16.12 -47.38 25.49
N ASP A 476 15.66 -48.49 26.08
CA ASP A 476 15.10 -48.43 27.43
C ASP A 476 16.14 -48.17 28.50
N ALA A 477 17.44 -48.27 28.16
CA ALA A 477 18.48 -48.15 29.17
C ALA A 477 18.45 -46.79 29.85
N ILE A 478 17.96 -45.76 29.17
CA ILE A 478 17.97 -44.40 29.73
C ILE A 478 16.62 -44.01 30.32
N TYR A 479 15.63 -44.90 30.30
CA TYR A 479 14.30 -44.57 30.80
C TYR A 479 14.37 -44.10 32.24
N GLY A 480 13.79 -42.93 32.50
CA GLY A 480 13.70 -42.38 33.83
C GLY A 480 14.99 -41.88 34.43
N ARG A 481 16.08 -41.83 33.67
CA ARG A 481 17.36 -41.45 34.25
C ARG A 481 18.28 -40.85 33.18
N TRP A 482 17.78 -39.87 32.43
CA TRP A 482 18.63 -39.09 31.56
C TRP A 482 19.77 -38.48 32.37
N GLY A 483 20.99 -38.59 31.85
CA GLY A 483 22.15 -38.10 32.56
C GLY A 483 22.91 -39.13 33.36
N THR A 484 22.56 -40.41 33.23
CA THR A 484 23.33 -41.47 33.86
C THR A 484 24.06 -42.22 32.78
N VAL A 485 23.53 -43.33 32.27
CA VAL A 485 24.31 -44.18 31.38
C VAL A 485 24.53 -43.51 30.02
N ASP A 486 23.62 -42.64 29.59
CA ASP A 486 23.81 -41.94 28.32
C ASP A 486 25.01 -41.01 28.39
N ALA A 487 25.10 -40.20 29.44
CA ALA A 487 26.25 -39.32 29.61
C ALA A 487 27.53 -40.12 29.80
N ASP A 488 27.46 -41.23 30.53
CA ASP A 488 28.62 -42.11 30.67
C ASP A 488 29.08 -42.60 29.30
N ASP A 489 28.15 -43.16 28.51
CA ASP A 489 28.49 -43.68 27.19
C ASP A 489 29.19 -42.63 26.33
N LEU A 490 28.68 -41.40 26.36
CA LEU A 490 29.24 -40.35 25.50
C LEU A 490 30.66 -39.99 25.92
N LEU A 491 30.91 -39.85 27.22
CA LEU A 491 32.27 -39.54 27.65
C LEU A 491 33.17 -40.77 27.57
N ASN A 492 32.61 -41.96 27.77
CA ASN A 492 33.37 -43.19 27.52
C ASN A 492 33.76 -43.26 26.06
N PHE A 493 32.80 -43.03 25.17
CA PHE A 493 33.10 -43.02 23.74
C PHE A 493 34.14 -41.97 23.38
N PHE A 494 34.02 -40.77 23.95
CA PHE A 494 34.96 -39.71 23.62
C PHE A 494 36.37 -40.06 24.08
N ASP A 495 36.48 -40.66 25.26
CA ASP A 495 37.79 -41.08 25.76
C ASP A 495 38.42 -42.13 24.84
N ARG A 496 37.61 -43.07 24.34
CA ARG A 496 38.15 -44.05 23.41
C ARG A 496 38.59 -43.42 22.10
N CYS A 497 37.91 -42.36 21.68
CA CYS A 497 38.33 -41.64 20.48
C CYS A 497 39.72 -41.05 20.65
N LEU A 498 39.96 -40.36 21.78
CA LEU A 498 41.29 -39.81 22.04
C LEU A 498 42.33 -40.91 22.16
N GLU A 499 41.94 -42.08 22.68
CA GLU A 499 42.87 -43.21 22.75
C GLU A 499 43.12 -43.78 21.36
N ALA A 500 42.06 -44.00 20.57
CA ALA A 500 42.21 -44.69 19.30
C ALA A 500 42.84 -43.80 18.24
N VAL A 501 42.66 -42.48 18.34
CA VAL A 501 43.18 -41.56 17.33
C VAL A 501 44.11 -40.56 18.01
N PRO A 502 45.42 -40.83 18.06
CA PRO A 502 46.32 -39.89 18.76
C PRO A 502 46.32 -38.49 18.18
N ARG A 503 45.89 -38.32 16.93
CA ARG A 503 45.88 -37.00 16.32
C ARG A 503 44.92 -36.05 17.01
N LEU A 504 43.88 -36.57 17.67
CA LEU A 504 42.93 -35.72 18.36
C LEU A 504 43.61 -35.05 19.54
N ASP A 505 43.45 -33.73 19.65
CA ASP A 505 44.10 -32.94 20.69
C ASP A 505 43.21 -32.93 21.93
N ALA A 506 43.64 -33.65 22.96
CA ALA A 506 42.86 -33.71 24.20
C ALA A 506 42.83 -32.38 24.95
N ALA A 507 43.66 -31.42 24.54
CA ALA A 507 43.68 -30.10 25.15
C ALA A 507 42.84 -29.07 24.41
N LYS A 508 42.29 -29.43 23.23
CA LYS A 508 41.40 -28.55 22.47
C LYS A 508 40.17 -29.37 22.09
N THR A 509 39.24 -29.49 23.03
CA THR A 509 38.05 -30.32 22.85
C THR A 509 36.81 -29.48 23.11
N ALA A 510 35.71 -29.86 22.45
CA ALA A 510 34.43 -29.20 22.67
C ALA A 510 33.32 -30.25 22.64
N VAL A 511 32.19 -29.91 23.26
CA VAL A 511 31.01 -30.76 23.26
C VAL A 511 29.85 -29.97 22.67
N MET A 512 29.07 -30.61 21.80
CA MET A 512 28.01 -29.94 21.05
C MET A 512 26.85 -30.89 20.81
N GLY A 513 25.68 -30.32 20.70
CA GLY A 513 24.52 -31.11 20.33
C GLY A 513 23.27 -30.26 20.30
N GLY A 514 22.25 -30.79 19.64
CA GLY A 514 20.99 -30.11 19.46
C GLY A 514 19.83 -30.85 20.11
N ALA A 515 18.84 -30.08 20.56
CA ALA A 515 17.65 -30.60 21.22
C ALA A 515 18.06 -31.46 22.42
N TYR A 516 17.80 -32.77 22.36
CA TYR A 516 18.32 -33.65 23.41
C TYR A 516 19.84 -33.53 23.50
N GLY A 517 20.50 -33.36 22.36
CA GLY A 517 21.93 -33.11 22.38
C GLY A 517 22.28 -31.80 23.04
N GLY A 518 21.37 -30.82 22.99
CA GLY A 518 21.56 -29.61 23.75
C GLY A 518 21.36 -29.83 25.24
N PHE A 519 20.31 -30.58 25.60
CA PHE A 519 20.16 -31.02 26.98
C PHE A 519 21.42 -31.70 27.48
N MET A 520 21.92 -32.67 26.72
CA MET A 520 23.08 -33.43 27.16
C MET A 520 24.33 -32.56 27.18
N THR A 521 24.43 -31.61 26.25
CA THR A 521 25.50 -30.63 26.30
C THR A 521 25.44 -29.85 27.61
N ASN A 522 24.25 -29.43 28.02
CA ASN A 522 24.11 -28.72 29.28
C ASN A 522 24.43 -29.62 30.46
N TRP A 523 23.92 -30.86 30.43
CA TRP A 523 24.19 -31.78 31.52
C TRP A 523 25.67 -32.07 31.66
N ILE A 524 26.37 -32.25 30.55
CA ILE A 524 27.78 -32.62 30.59
C ILE A 524 28.63 -31.47 31.13
N THR A 525 28.47 -30.26 30.57
CA THR A 525 29.22 -29.11 31.06
C THR A 525 28.94 -28.81 32.52
N GLY A 526 27.78 -29.22 33.03
CA GLY A 526 27.45 -29.04 34.43
C GLY A 526 27.97 -30.14 35.33
N HIS A 527 28.62 -31.16 34.78
CA HIS A 527 29.19 -32.25 35.58
C HIS A 527 30.65 -32.53 35.27
N THR A 528 31.27 -31.82 34.32
CA THR A 528 32.70 -31.89 34.12
C THR A 528 33.15 -30.61 33.43
N THR A 529 34.39 -30.22 33.69
CA THR A 529 35.00 -29.03 33.09
C THR A 529 36.01 -29.39 32.02
N ARG A 530 36.03 -30.64 31.58
CA ARG A 530 37.10 -31.11 30.69
C ARG A 530 37.11 -30.39 29.35
N PHE A 531 35.94 -29.95 28.86
CA PHE A 531 35.86 -29.37 27.52
C PHE A 531 36.28 -27.91 27.53
N GLN A 532 36.89 -27.48 26.43
CA GLN A 532 37.34 -26.10 26.27
C GLN A 532 36.28 -25.21 25.65
N ALA A 533 35.33 -25.79 24.93
CA ALA A 533 34.21 -25.04 24.40
C ALA A 533 32.97 -25.92 24.45
N ALA A 534 31.81 -25.29 24.30
CA ALA A 534 30.55 -26.00 24.26
C ALA A 534 29.59 -25.21 23.38
N ILE A 535 28.83 -25.91 22.56
CA ILE A 535 27.79 -25.31 21.74
C ILE A 535 26.51 -26.06 22.06
N THR A 536 25.55 -25.38 22.67
CA THR A 536 24.28 -26.00 22.99
C THR A 536 23.20 -25.40 22.10
N ASP A 537 22.47 -26.27 21.41
CA ASP A 537 21.56 -25.86 20.34
C ASP A 537 20.17 -26.40 20.65
N ARG A 538 19.17 -25.53 20.62
CA ARG A 538 17.79 -25.90 20.93
C ARG A 538 17.73 -26.69 22.24
N CYS A 539 18.41 -26.17 23.25
CA CYS A 539 18.69 -26.94 24.45
C CYS A 539 17.49 -27.02 25.37
N ILE A 540 17.52 -27.99 26.26
CA ILE A 540 16.62 -28.07 27.40
C ILE A 540 17.43 -27.79 28.66
N SER A 541 16.98 -26.85 29.46
CA SER A 541 17.67 -26.55 30.71
C SER A 541 16.85 -26.91 31.94
N ASN A 542 15.54 -26.71 31.90
CA ASN A 542 14.65 -26.89 33.04
C ASN A 542 13.55 -27.84 32.61
N LEU A 543 13.59 -29.08 33.13
CA LEU A 543 12.59 -30.05 32.69
C LEU A 543 11.20 -29.73 33.22
N ILE A 544 11.10 -29.02 34.33
CA ILE A 544 9.79 -28.66 34.88
C ILE A 544 9.09 -27.66 33.98
N SER A 545 9.76 -26.54 33.68
CA SER A 545 9.14 -25.54 32.80
C SER A 545 8.88 -26.12 31.42
N PHE A 546 9.75 -27.00 30.93
CA PHE A 546 9.54 -27.63 29.63
C PHE A 546 8.21 -28.38 29.58
N GLY A 547 7.83 -29.04 30.68
CA GLY A 547 6.56 -29.73 30.71
C GLY A 547 5.37 -28.81 30.49
N GLY A 548 5.49 -27.55 30.94
CA GLY A 548 4.38 -26.64 30.85
C GLY A 548 4.40 -25.69 29.66
N THR A 549 5.56 -25.52 29.04
CA THR A 549 5.73 -24.58 27.94
C THR A 549 5.78 -25.24 26.57
N SER A 550 6.32 -26.45 26.48
CA SER A 550 6.47 -27.10 25.18
C SER A 550 5.13 -27.69 24.72
N ASP A 551 4.96 -27.73 23.39
CA ASP A 551 3.73 -28.25 22.81
C ASP A 551 3.64 -29.77 22.86
N ILE A 552 4.66 -30.45 23.41
CA ILE A 552 4.57 -31.88 23.72
C ILE A 552 4.86 -32.13 25.19
N GLY A 553 4.84 -31.08 26.00
CA GLY A 553 5.19 -31.17 27.40
C GLY A 553 4.27 -32.06 28.20
N LEU A 554 3.02 -32.23 27.76
CA LEU A 554 2.05 -32.97 28.54
C LEU A 554 2.26 -34.48 28.50
N ARG A 555 2.98 -35.00 27.51
CA ARG A 555 3.27 -36.44 27.43
C ARG A 555 4.75 -36.81 27.37
N PHE A 556 5.65 -35.89 27.04
CA PHE A 556 7.04 -36.27 26.77
C PHE A 556 7.72 -36.87 27.99
N TRP A 557 7.76 -36.13 29.11
CA TRP A 557 8.40 -36.66 30.30
C TRP A 557 7.67 -37.87 30.87
N ASP A 558 6.35 -37.94 30.67
CA ASP A 558 5.61 -39.13 31.09
C ASP A 558 6.08 -40.37 30.36
N ASP A 559 6.29 -40.26 29.05
CA ASP A 559 6.75 -41.40 28.27
C ASP A 559 8.25 -41.63 28.40
N GLU A 560 9.04 -40.56 28.41
CA GLU A 560 10.47 -40.72 28.45
C GLU A 560 10.98 -41.05 29.86
N LEU A 561 10.28 -40.61 30.89
CA LEU A 561 10.76 -40.74 32.26
C LEU A 561 9.74 -41.24 33.25
N GLY A 562 8.47 -41.33 32.87
CA GLY A 562 7.43 -41.67 33.84
C GLY A 562 7.23 -40.61 34.90
N LEU A 563 7.33 -39.33 34.52
CA LEU A 563 7.23 -38.23 35.45
C LEU A 563 6.23 -37.22 34.94
N ASP A 564 5.36 -36.75 35.83
CA ASP A 564 4.34 -35.76 35.53
C ASP A 564 4.72 -34.46 36.24
N PHE A 565 5.04 -33.42 35.46
CA PHE A 565 5.44 -32.15 36.04
C PHE A 565 4.38 -31.55 36.96
N SER A 566 3.12 -31.96 36.81
CA SER A 566 2.03 -31.43 37.62
C SER A 566 1.80 -32.22 38.91
N ARG A 567 2.71 -33.13 39.29
CA ARG A 567 2.62 -33.85 40.55
C ARG A 567 3.88 -33.59 41.37
N ARG A 568 3.70 -33.32 42.66
CA ARG A 568 4.76 -32.72 43.47
C ARG A 568 6.01 -33.60 43.49
N ALA A 569 5.83 -34.88 43.80
CA ALA A 569 6.98 -35.77 43.90
C ALA A 569 7.68 -35.96 42.56
N ASP A 570 6.90 -35.97 41.46
CA ASP A 570 7.50 -36.12 40.14
C ASP A 570 8.30 -34.88 39.75
N ALA A 571 7.78 -33.69 40.08
CA ALA A 571 8.46 -32.46 39.69
C ALA A 571 9.84 -32.37 40.34
N LEU A 572 9.96 -32.83 41.58
CA LEU A 572 11.26 -32.79 42.26
C LEU A 572 12.28 -33.68 41.58
N LYS A 573 11.86 -34.87 41.13
CA LYS A 573 12.76 -35.72 40.36
C LYS A 573 13.10 -35.09 39.02
N LEU A 574 12.13 -34.39 38.43
CA LEU A 574 12.39 -33.69 37.17
C LEU A 574 13.43 -32.58 37.37
N TRP A 575 13.32 -31.86 38.48
CA TRP A 575 14.31 -30.83 38.77
C TRP A 575 15.69 -31.43 38.99
N ASP A 576 15.75 -32.61 39.64
CA ASP A 576 17.04 -33.25 39.86
C ASP A 576 17.63 -33.78 38.56
N LEU A 577 16.82 -34.02 37.54
CA LEU A 577 17.29 -34.36 36.21
C LEU A 577 17.52 -33.14 35.33
N SER A 578 17.29 -31.91 35.87
CA SER A 578 17.42 -30.72 35.04
C SER A 578 18.86 -30.19 35.10
N PRO A 579 19.52 -29.98 33.95
CA PRO A 579 20.90 -29.49 33.99
C PRO A 579 21.05 -28.16 34.68
N LEU A 580 19.97 -27.37 34.77
CA LEU A 580 20.05 -26.05 35.38
C LEU A 580 20.34 -26.14 36.88
N GLN A 581 19.93 -27.24 37.52
CA GLN A 581 20.26 -27.44 38.93
C GLN A 581 21.77 -27.41 39.16
N TYR A 582 22.54 -27.87 38.17
CA TYR A 582 23.98 -28.02 38.32
C TYR A 582 24.72 -26.96 37.53
N VAL A 583 24.03 -25.85 37.22
CA VAL A 583 24.63 -24.80 36.40
C VAL A 583 25.82 -24.13 37.09
N GLU A 584 25.87 -24.12 38.43
CA GLU A 584 26.97 -23.48 39.14
C GLU A 584 28.31 -24.14 38.81
N ASN A 585 28.32 -25.41 38.41
CA ASN A 585 29.54 -26.12 38.07
C ASN A 585 30.06 -25.80 36.68
N VAL A 586 29.25 -25.16 35.84
CA VAL A 586 29.66 -24.91 34.47
C VAL A 586 30.76 -23.86 34.44
N LYS A 587 31.87 -24.19 33.77
CA LYS A 587 32.94 -23.23 33.53
C LYS A 587 33.32 -23.19 32.06
N THR A 588 32.68 -23.95 31.21
CA THR A 588 33.07 -24.04 29.81
C THR A 588 32.45 -22.91 29.00
N PRO A 589 33.24 -22.15 28.23
CA PRO A 589 32.67 -21.10 27.39
C PRO A 589 31.65 -21.69 26.42
N THR A 590 30.42 -21.24 26.54
CA THR A 590 29.29 -21.88 25.87
C THR A 590 28.65 -20.92 24.88
N LEU A 591 28.40 -21.41 23.67
CA LEU A 591 27.57 -20.74 22.69
C LEU A 591 26.18 -21.37 22.72
N ILE A 592 25.16 -20.52 22.92
CA ILE A 592 23.78 -20.97 23.01
C ILE A 592 23.06 -20.54 21.74
N VAL A 593 22.45 -21.51 21.06
CA VAL A 593 21.76 -21.30 19.80
C VAL A 593 20.32 -21.74 19.96
N HIS A 594 19.38 -20.86 19.59
CA HIS A 594 17.97 -21.16 19.78
C HIS A 594 17.13 -20.27 18.89
N SER A 595 15.95 -20.79 18.51
CA SER A 595 14.96 -20.01 17.79
C SER A 595 14.09 -19.26 18.79
N VAL A 596 13.72 -18.04 18.43
CA VAL A 596 12.94 -17.23 19.37
C VAL A 596 11.54 -17.81 19.50
N LEU A 597 11.00 -18.36 18.43
CA LEU A 597 9.60 -18.82 18.39
C LEU A 597 9.48 -20.34 18.33
N ASP A 598 10.41 -21.06 18.95
CA ASP A 598 10.33 -22.51 19.01
C ASP A 598 9.15 -22.94 19.87
N HIS A 599 8.26 -23.75 19.30
CA HIS A 599 7.12 -24.28 20.05
C HIS A 599 7.43 -25.61 20.73
N ARG A 600 8.33 -26.41 20.16
CA ARG A 600 8.67 -27.70 20.73
C ARG A 600 9.67 -27.59 21.87
N CYS A 601 10.59 -26.64 21.78
CA CYS A 601 11.58 -26.36 22.82
C CYS A 601 11.61 -24.86 23.02
N PRO A 602 10.68 -24.32 23.82
CA PRO A 602 10.58 -22.86 23.94
C PRO A 602 11.88 -22.22 24.37
N VAL A 603 12.10 -21.00 23.88
CA VAL A 603 13.36 -20.29 24.09
C VAL A 603 13.63 -20.04 25.57
N GLU A 604 12.60 -20.15 26.42
CA GLU A 604 12.80 -19.98 27.86
C GLU A 604 13.83 -20.96 28.41
N GLN A 605 13.97 -22.13 27.77
CA GLN A 605 15.01 -23.08 28.18
C GLN A 605 16.40 -22.53 27.96
N ALA A 606 16.63 -21.88 26.83
CA ALA A 606 17.93 -21.27 26.56
C ALA A 606 18.13 -19.98 27.36
N GLU A 607 17.06 -19.25 27.65
CA GLU A 607 17.18 -18.04 28.45
C GLU A 607 17.65 -18.35 29.87
N GLN A 608 17.17 -19.45 30.44
CA GLN A 608 17.61 -19.88 31.77
C GLN A 608 19.09 -20.22 31.78
N TRP A 609 19.55 -20.96 30.77
CA TRP A 609 20.97 -21.30 30.69
C TRP A 609 21.80 -20.04 30.51
N TYR A 610 21.40 -19.16 29.59
CA TYR A 610 22.15 -17.92 29.35
C TYR A 610 22.23 -17.07 30.61
N ALA A 611 21.08 -16.81 31.25
CA ALA A 611 21.08 -15.98 32.44
C ALA A 611 21.97 -16.55 33.53
N ALA A 612 21.96 -17.88 33.68
CA ALA A 612 22.75 -18.52 34.73
C ALA A 612 24.24 -18.43 34.43
N LEU A 613 24.64 -18.80 33.20
CA LEU A 613 26.06 -18.69 32.84
C LEU A 613 26.54 -17.25 32.94
N HIS A 614 25.69 -16.29 32.56
CA HIS A 614 26.08 -14.89 32.58
C HIS A 614 26.31 -14.39 34.01
N LYS A 615 25.44 -14.80 34.96
CA LYS A 615 25.67 -14.37 36.34
C LYS A 615 26.94 -14.97 36.89
N HIS A 616 27.27 -16.20 36.50
CA HIS A 616 28.52 -16.81 36.94
C HIS A 616 29.72 -16.29 36.17
N GLN A 617 29.52 -15.38 35.22
CA GLN A 617 30.61 -14.82 34.42
C GLN A 617 31.36 -15.91 33.66
N VAL A 618 30.67 -16.98 33.31
CA VAL A 618 31.20 -17.94 32.34
C VAL A 618 31.09 -17.33 30.95
N PRO A 619 32.14 -17.36 30.13
CA PRO A 619 32.03 -16.80 28.78
C PRO A 619 30.86 -17.40 28.02
N VAL A 620 29.90 -16.57 27.61
CA VAL A 620 28.65 -17.05 27.05
C VAL A 620 28.22 -16.15 25.91
N ARG A 621 27.57 -16.75 24.91
CA ARG A 621 27.02 -16.02 23.78
C ARG A 621 25.71 -16.67 23.39
N PHE A 622 24.69 -15.85 23.14
CA PHE A 622 23.31 -16.30 22.98
C PHE A 622 22.80 -15.80 21.63
N VAL A 623 22.75 -16.69 20.66
CA VAL A 623 22.22 -16.38 19.33
C VAL A 623 20.74 -16.76 19.32
N ARG A 624 19.87 -15.77 19.17
CA ARG A 624 18.43 -15.99 19.13
C ARG A 624 17.94 -15.78 17.70
N PHE A 625 17.51 -16.87 17.07
CA PHE A 625 17.15 -16.85 15.66
C PHE A 625 15.70 -16.41 15.49
N PRO A 626 15.43 -15.45 14.60
CA PRO A 626 14.02 -15.14 14.29
C PRO A 626 13.35 -16.23 13.47
N GLU A 627 14.10 -16.96 12.66
CA GLU A 627 13.55 -18.08 11.91
C GLU A 627 13.51 -19.33 12.77
N GLU A 628 12.38 -20.05 12.69
CA GLU A 628 12.26 -21.31 13.41
C GLU A 628 13.19 -22.36 12.79
N ASN A 629 13.29 -23.50 13.47
CA ASN A 629 14.11 -24.58 12.94
C ASN A 629 13.48 -25.14 11.67
N HIS A 630 14.34 -25.72 10.83
CA HIS A 630 13.96 -26.28 9.52
C HIS A 630 13.37 -25.19 8.61
N GLU A 631 13.93 -23.98 8.70
CA GLU A 631 13.46 -22.91 7.83
C GLU A 631 13.77 -23.19 6.36
N LEU A 632 14.88 -23.88 6.09
CA LEU A 632 15.22 -24.25 4.73
C LEU A 632 14.12 -25.05 4.07
N SER A 633 13.56 -26.04 4.78
CA SER A 633 12.46 -26.82 4.23
C SER A 633 11.16 -26.02 4.14
N ARG A 634 10.99 -25.04 5.02
CA ARG A 634 9.71 -24.34 5.15
C ARG A 634 9.58 -23.17 4.18
N SER A 635 10.68 -22.47 3.91
CA SER A 635 10.65 -21.30 3.03
C SER A 635 11.73 -21.30 1.97
N GLY A 636 12.68 -22.23 2.00
CA GLY A 636 13.79 -22.21 1.08
C GLY A 636 14.89 -21.23 1.43
N ARG A 637 14.73 -20.43 2.48
CA ARG A 637 15.77 -19.49 2.86
C ARG A 637 16.84 -20.20 3.67
N PRO A 638 18.07 -20.27 3.19
CA PRO A 638 19.15 -20.93 3.95
C PRO A 638 19.87 -20.06 4.96
N ASP A 639 19.33 -18.88 5.26
CA ASP A 639 20.03 -17.93 6.12
C ASP A 639 20.25 -18.50 7.52
N ARG A 640 19.25 -19.19 8.08
CA ARG A 640 19.41 -19.75 9.43
C ARG A 640 20.53 -20.76 9.48
N ARG A 641 20.62 -21.62 8.46
CA ARG A 641 21.66 -22.65 8.47
C ARG A 641 23.05 -22.04 8.33
N LEU A 642 23.18 -21.02 7.48
CA LEU A 642 24.48 -20.39 7.30
C LEU A 642 24.91 -19.62 8.54
N THR A 643 23.99 -18.85 9.13
CA THR A 643 24.33 -18.11 10.34
C THR A 643 24.72 -19.06 11.47
N ARG A 644 23.97 -20.16 11.63
CA ARG A 644 24.28 -21.11 12.70
C ARG A 644 25.67 -21.68 12.53
N LEU A 645 26.02 -22.11 11.33
CA LEU A 645 27.34 -22.64 11.07
C LEU A 645 28.42 -21.58 11.23
N ASN A 646 28.14 -20.36 10.78
CA ASN A 646 29.04 -19.23 11.03
C ASN A 646 29.29 -19.05 12.52
N GLU A 647 28.22 -19.07 13.32
CA GLU A 647 28.39 -18.88 14.76
C GLU A 647 29.12 -20.07 15.39
N TYR A 648 28.81 -21.28 14.91
CA TYR A 648 29.53 -22.47 15.37
C TYR A 648 31.02 -22.32 15.17
N PHE A 649 31.42 -22.06 13.92
CA PHE A 649 32.84 -21.98 13.63
C PHE A 649 33.49 -20.77 14.31
N ALA A 650 32.78 -19.65 14.39
CA ALA A 650 33.34 -18.48 15.08
C ALA A 650 33.66 -18.82 16.53
N TRP A 651 32.72 -19.48 17.22
CA TRP A 651 32.93 -19.86 18.61
C TRP A 651 34.07 -20.85 18.75
N LEU A 652 34.15 -21.83 17.85
CA LEU A 652 35.23 -22.82 17.92
C LEU A 652 36.59 -22.18 17.65
N GLU A 653 36.65 -21.22 16.72
CA GLU A 653 37.92 -20.59 16.46
C GLU A 653 38.38 -19.71 17.62
N ARG A 654 37.45 -19.22 18.44
CA ARG A 654 37.82 -18.39 19.57
C ARG A 654 38.44 -19.22 20.71
N TRP A 655 37.96 -20.44 20.93
CA TRP A 655 38.38 -21.20 22.10
C TRP A 655 39.25 -22.40 21.80
N LEU A 656 39.31 -22.87 20.56
CA LEU A 656 40.13 -24.02 20.20
C LEU A 656 41.28 -23.65 19.27
N PRO B 8 27.26 37.86 -11.50
CA PRO B 8 26.32 36.92 -12.13
C PRO B 8 24.93 37.53 -12.33
N ALA B 9 24.11 36.93 -13.21
CA ALA B 9 22.79 37.47 -13.51
C ALA B 9 21.69 36.65 -12.85
N PRO B 10 20.62 37.29 -12.37
CA PRO B 10 19.54 36.53 -11.71
C PRO B 10 18.82 35.61 -12.68
N GLY B 11 18.25 34.56 -12.12
CA GLY B 11 17.48 33.62 -12.90
C GLY B 11 16.09 33.45 -12.32
N PRO B 12 15.30 32.59 -12.94
CA PRO B 12 13.96 32.30 -12.40
C PRO B 12 13.95 31.98 -10.93
N ASP B 13 15.02 31.37 -10.40
CA ASP B 13 15.04 31.01 -8.97
C ASP B 13 14.89 32.19 -8.05
N SER B 14 15.10 33.42 -8.55
CA SER B 14 14.84 34.62 -7.75
C SER B 14 13.42 34.61 -7.18
N LEU B 15 12.50 33.91 -7.85
CA LEU B 15 11.13 33.83 -7.34
C LEU B 15 11.08 33.16 -5.98
N LEU B 16 11.94 32.18 -5.74
CA LEU B 16 11.93 31.44 -4.49
C LEU B 16 12.40 32.26 -3.30
N ALA B 17 12.93 33.45 -3.52
CA ALA B 17 13.24 34.35 -2.43
C ALA B 17 11.99 35.03 -1.87
N LEU B 18 10.90 35.03 -2.61
CA LEU B 18 9.74 35.85 -2.29
C LEU B 18 8.72 35.10 -1.45
N ALA B 19 8.08 35.83 -0.53
CA ALA B 19 6.90 35.37 0.17
C ALA B 19 5.70 36.17 -0.31
N PHE B 20 4.54 35.52 -0.40
CA PHE B 20 3.39 36.08 -1.10
C PHE B 20 2.25 36.36 -0.15
N PRO B 21 1.83 37.62 0.01
CA PRO B 21 0.70 37.94 0.88
C PRO B 21 -0.64 37.84 0.17
N SER B 22 -1.69 37.62 0.96
CA SER B 22 -3.04 37.51 0.44
C SER B 22 -4.02 37.62 1.59
N ASP B 23 -5.28 37.90 1.23
CA ASP B 23 -6.44 37.96 2.10
C ASP B 23 -6.21 38.84 3.33
N PRO B 24 -6.05 40.17 3.16
CA PRO B 24 -5.89 41.07 4.31
C PRO B 24 -7.23 41.38 4.94
N GLN B 25 -7.47 40.81 6.12
CA GLN B 25 -8.75 40.91 6.80
C GLN B 25 -8.60 41.81 8.03
N VAL B 26 -9.29 42.93 8.03
CA VAL B 26 -9.26 43.84 9.16
C VAL B 26 -10.17 43.30 10.26
N SER B 27 -9.77 43.53 11.51
CA SER B 27 -10.59 43.10 12.63
C SER B 27 -11.82 43.98 12.74
N PRO B 28 -12.88 43.51 13.41
CA PRO B 28 -14.09 44.34 13.55
C PRO B 28 -13.86 45.68 14.24
N ASP B 29 -12.94 45.75 15.20
CA ASP B 29 -12.65 47.02 15.87
C ASP B 29 -11.69 47.89 15.09
N GLY B 30 -11.17 47.41 13.96
CA GLY B 30 -10.36 48.22 13.09
C GLY B 30 -8.91 48.39 13.50
N LYS B 31 -8.46 47.68 14.53
CA LYS B 31 -7.10 47.86 15.04
C LYS B 31 -6.18 46.69 14.72
N GLN B 32 -6.65 45.71 13.95
CA GLN B 32 -5.84 44.53 13.65
C GLN B 32 -6.06 44.12 12.19
N VAL B 33 -5.05 43.45 11.64
CA VAL B 33 -5.17 42.82 10.33
C VAL B 33 -4.62 41.41 10.44
N ALA B 34 -5.43 40.43 10.09
CA ALA B 34 -4.99 39.05 9.93
C ALA B 34 -4.95 38.75 8.44
N PHE B 35 -3.87 38.10 8.01
CA PHE B 35 -3.72 37.80 6.60
C PHE B 35 -2.95 36.49 6.43
N VAL B 36 -2.88 36.05 5.18
CA VAL B 36 -2.20 34.83 4.79
C VAL B 36 -0.88 35.21 4.15
N LEU B 37 0.14 34.39 4.38
CA LEU B 37 1.44 34.56 3.73
C LEU B 37 1.93 33.19 3.30
N ALA B 38 2.24 33.04 2.02
CA ALA B 38 2.74 31.78 1.48
C ALA B 38 4.24 31.91 1.27
N GLN B 39 5.01 31.03 1.91
CA GLN B 39 6.46 31.08 1.82
C GLN B 39 7.01 29.66 1.75
N ILE B 40 8.27 29.57 1.31
CA ILE B 40 8.95 28.29 1.18
C ILE B 40 9.26 27.73 2.57
N PRO B 55 11.14 22.02 -3.38
CA PRO B 55 10.78 23.32 -2.78
C PRO B 55 9.31 23.64 -3.01
N ARG B 56 8.55 23.81 -1.94
CA ARG B 56 7.12 24.02 -2.04
C ARG B 56 6.69 25.18 -1.14
N TYR B 57 5.70 25.94 -1.59
CA TYR B 57 5.16 27.07 -0.82
C TYR B 57 4.02 26.58 0.07
N ARG B 58 4.06 27.00 1.33
CA ARG B 58 2.99 26.73 2.28
C ARG B 58 2.61 28.03 2.97
N SER B 59 1.34 28.14 3.34
CA SER B 59 0.80 29.39 3.85
C SER B 59 0.42 29.25 5.32
N GLY B 60 0.64 30.34 6.06
CA GLY B 60 0.19 30.42 7.44
C GLY B 60 -0.46 31.75 7.69
N LEU B 61 -1.20 31.82 8.80
CA LEU B 61 -1.87 33.05 9.21
C LEU B 61 -0.89 33.99 9.89
N TRP B 62 -0.93 35.26 9.53
CA TRP B 62 -0.14 36.29 10.21
C TRP B 62 -1.07 37.36 10.77
N LEU B 63 -0.58 38.07 11.78
CA LEU B 63 -1.41 39.04 12.50
C LEU B 63 -0.57 40.22 12.92
N SER B 64 -1.16 41.42 12.88
CA SER B 64 -0.51 42.63 13.34
C SER B 64 -1.53 43.58 13.94
N GLU B 65 -1.10 44.32 14.96
CA GLU B 65 -1.91 45.38 15.54
C GLU B 65 -1.48 46.77 15.07
N GLY B 66 -0.47 46.84 14.21
CA GLY B 66 0.04 48.11 13.73
C GLY B 66 1.53 48.04 13.45
N GLY B 67 2.22 47.11 14.11
CA GLY B 67 3.64 46.91 13.92
C GLY B 67 3.94 45.76 12.98
N ALA B 68 5.19 45.30 13.03
CA ALA B 68 5.60 44.20 12.18
C ALA B 68 4.75 42.97 12.43
N ALA B 69 4.24 42.37 11.36
CA ALA B 69 3.36 41.21 11.46
C ALA B 69 4.10 40.04 12.09
N ARG B 70 3.35 39.20 12.79
CA ARG B 70 3.89 38.03 13.45
C ARG B 70 3.13 36.79 13.01
N PRO B 71 3.79 35.65 12.92
CA PRO B 71 3.08 34.42 12.52
C PRO B 71 2.13 33.93 13.62
N LEU B 72 0.99 33.41 13.19
CA LEU B 72 -0.03 32.85 14.07
C LEU B 72 -0.13 31.34 14.01
N THR B 73 0.06 30.74 12.83
CA THR B 73 0.08 29.30 12.65
C THR B 73 1.42 28.91 12.04
N HIS B 74 1.67 27.59 11.99
CA HIS B 74 2.99 27.13 11.57
C HIS B 74 2.80 25.80 10.81
N ALA B 75 2.35 25.91 9.57
CA ALA B 75 2.10 24.73 8.76
C ALA B 75 3.43 24.11 8.32
N GLU B 76 3.53 22.78 8.45
CA GLU B 76 4.70 22.03 8.02
C GLU B 76 4.41 21.08 6.89
N THR B 77 3.15 20.67 6.71
CA THR B 77 2.70 19.80 5.63
C THR B 77 1.45 20.39 4.99
N GLY B 78 1.08 19.84 3.83
CA GLY B 78 -0.09 20.32 3.09
C GLY B 78 0.13 21.70 2.51
N ARG B 79 -0.97 22.32 2.07
CA ARG B 79 -0.87 23.66 1.51
C ARG B 79 -0.76 24.74 2.57
N GLY B 80 -1.26 24.46 3.79
CA GLY B 80 -1.16 25.44 4.84
C GLY B 80 -2.50 25.98 5.31
N ASP B 81 -2.49 27.15 5.96
CA ASP B 81 -3.69 27.75 6.52
C ASP B 81 -4.06 29.01 5.75
N SER B 82 -5.36 29.23 5.59
CA SER B 82 -5.83 30.28 4.71
C SER B 82 -7.24 30.68 5.15
N ALA B 83 -7.78 31.70 4.48
CA ALA B 83 -9.12 32.21 4.75
C ALA B 83 -9.34 32.57 6.21
N PRO B 84 -8.58 33.49 6.78
CA PRO B 84 -8.84 33.93 8.17
C PRO B 84 -10.09 34.80 8.21
N ARG B 85 -10.95 34.52 9.19
CA ARG B 85 -12.20 35.26 9.33
C ARG B 85 -12.36 35.63 10.80
N TRP B 86 -12.42 36.93 11.07
CA TRP B 86 -12.58 37.40 12.44
C TRP B 86 -13.98 37.06 12.95
N SER B 87 -14.04 36.57 14.18
CA SER B 87 -15.31 36.59 14.87
C SER B 87 -15.67 38.03 15.21
N PRO B 88 -16.96 38.37 15.22
CA PRO B 88 -17.35 39.77 15.50
C PRO B 88 -16.84 40.31 16.83
N ASP B 89 -16.69 39.46 17.85
CA ASP B 89 -16.16 39.92 19.13
C ASP B 89 -14.66 40.13 19.12
N GLY B 90 -14.00 39.86 17.99
CA GLY B 90 -12.56 40.07 17.89
C GLY B 90 -11.71 39.09 18.65
N GLN B 91 -12.30 38.00 19.16
CA GLN B 91 -11.58 37.07 20.02
C GLN B 91 -11.11 35.82 19.29
N ASN B 92 -11.69 35.48 18.14
CA ASN B 92 -11.39 34.24 17.46
C ASN B 92 -11.14 34.48 15.98
N LEU B 93 -10.40 33.57 15.38
CA LEU B 93 -10.18 33.55 13.93
C LEU B 93 -10.68 32.22 13.39
N ALA B 94 -11.75 32.27 12.60
CA ALA B 94 -12.09 31.13 11.78
C ALA B 94 -11.13 31.08 10.60
N PHE B 95 -10.72 29.87 10.23
CA PHE B 95 -9.87 29.69 9.06
C PHE B 95 -9.99 28.26 8.58
N VAL B 96 -9.39 28.01 7.42
CA VAL B 96 -9.47 26.71 6.76
C VAL B 96 -8.06 26.13 6.70
N ARG B 97 -7.92 24.86 7.08
CA ARG B 97 -6.63 24.21 7.20
C ARG B 97 -6.52 23.06 6.20
N SER B 98 -5.40 23.01 5.48
CA SER B 98 -5.06 21.88 4.63
C SER B 98 -3.75 21.29 5.12
N ALA B 99 -3.78 20.03 5.54
CA ALA B 99 -2.58 19.37 6.07
C ALA B 99 -2.59 17.88 5.72
N LYS B 103 -7.46 18.34 4.32
CA LYS B 103 -7.86 18.80 2.98
C LYS B 103 -8.32 20.26 3.03
N ALA B 104 -9.37 20.52 3.80
CA ALA B 104 -9.88 21.88 3.98
C ALA B 104 -10.85 21.95 5.15
N ALA B 105 -10.32 21.85 6.38
CA ALA B 105 -11.16 21.83 7.56
C ALA B 105 -11.36 23.24 8.12
N LEU B 106 -12.55 23.49 8.66
CA LEU B 106 -12.83 24.76 9.31
C LEU B 106 -12.30 24.74 10.74
N MET B 107 -11.45 25.71 11.08
CA MET B 107 -10.78 25.77 12.37
C MET B 107 -11.17 27.05 13.11
N LEU B 108 -11.11 27.01 14.43
CA LEU B 108 -11.33 28.17 15.30
C LEU B 108 -10.12 28.34 16.22
N LEU B 109 -9.42 29.46 16.06
CA LEU B 109 -8.23 29.74 16.84
C LEU B 109 -8.53 30.83 17.85
N PRO B 110 -8.50 30.55 19.15
CA PRO B 110 -8.64 31.62 20.16
C PRO B 110 -7.39 32.49 20.14
N LEU B 111 -7.58 33.78 19.96
CA LEU B 111 -6.45 34.66 19.67
C LEU B 111 -5.63 35.04 20.88
N LYS B 112 -6.18 34.93 22.09
CA LYS B 112 -5.47 35.32 23.31
C LYS B 112 -4.97 34.12 24.10
N GLY B 113 -4.83 32.97 23.47
CA GLY B 113 -4.28 31.81 24.13
C GLY B 113 -4.96 30.51 23.77
N GLY B 114 -4.17 29.52 23.38
CA GLY B 114 -4.65 28.21 23.02
C GLY B 114 -4.52 27.97 21.51
N GLU B 115 -4.48 26.69 21.16
CA GLU B 115 -4.39 26.29 19.77
C GLU B 115 -5.78 26.13 19.17
N ALA B 116 -5.81 26.04 17.85
CA ALA B 116 -7.09 26.01 17.14
C ALA B 116 -7.76 24.65 17.30
N ARG B 117 -9.09 24.67 17.22
CA ARG B 117 -9.91 23.47 17.25
C ARG B 117 -10.55 23.28 15.88
N ARG B 118 -10.63 22.03 15.46
CA ARG B 118 -11.27 21.68 14.19
C ARG B 118 -12.75 21.44 14.45
N VAL B 119 -13.60 22.09 13.65
CA VAL B 119 -15.05 22.04 13.87
C VAL B 119 -15.81 21.34 12.76
N THR B 120 -15.16 21.01 11.65
CA THR B 120 -15.79 20.27 10.57
C THR B 120 -14.97 19.03 10.27
N HIS B 121 -15.66 17.97 9.86
CA HIS B 121 -15.02 16.71 9.54
C HIS B 121 -15.65 16.14 8.27
N PHE B 122 -15.50 16.87 7.16
CA PHE B 122 -15.95 16.43 5.85
C PHE B 122 -14.77 15.86 5.08
N LYS B 123 -15.07 14.89 4.21
CA LYS B 123 -14.01 14.22 3.45
C LYS B 123 -13.30 15.18 2.51
N ASN B 124 -14.05 16.08 1.85
CA ASN B 124 -13.48 16.98 0.86
C ASN B 124 -13.31 18.41 1.37
N GLY B 125 -13.48 18.62 2.66
CA GLY B 125 -13.25 19.93 3.23
C GLY B 125 -14.34 20.94 2.90
N VAL B 126 -14.07 22.19 3.28
CA VAL B 126 -15.01 23.29 3.17
C VAL B 126 -14.35 24.42 2.40
N SER B 127 -15.14 25.46 2.10
CA SER B 127 -14.61 26.61 1.40
C SER B 127 -15.47 27.83 1.71
N GLY B 128 -14.81 28.98 1.84
CA GLY B 128 -15.48 30.27 1.96
C GLY B 128 -16.29 30.46 3.23
N PRO B 129 -15.65 30.44 4.40
CA PRO B 129 -16.38 30.67 5.65
C PRO B 129 -16.72 32.14 5.84
N GLN B 130 -17.90 32.39 6.41
CA GLN B 130 -18.33 33.75 6.71
C GLN B 130 -19.12 33.76 8.01
N TRP B 131 -18.60 34.49 9.00
CA TRP B 131 -19.34 34.67 10.25
C TRP B 131 -20.63 35.44 9.99
N SER B 132 -21.64 35.15 10.79
CA SER B 132 -22.78 36.05 10.86
C SER B 132 -22.40 37.28 11.68
N PRO B 133 -22.94 38.45 11.33
CA PRO B 133 -22.52 39.68 12.03
C PRO B 133 -22.70 39.63 13.53
N ASP B 134 -23.59 38.80 14.04
CA ASP B 134 -23.77 38.64 15.48
C ASP B 134 -22.84 37.59 16.07
N GLY B 135 -22.00 36.95 15.25
CA GLY B 135 -21.09 35.95 15.75
C GLY B 135 -21.77 34.66 16.15
N ARG B 136 -23.03 34.50 15.80
CA ARG B 136 -23.84 33.35 16.20
C ARG B 136 -23.75 32.18 15.23
N PHE B 137 -23.33 32.43 13.99
CA PHE B 137 -23.26 31.40 12.96
C PHE B 137 -22.05 31.61 12.08
N ILE B 138 -21.55 30.52 11.49
CA ILE B 138 -20.56 30.56 10.43
C ILE B 138 -21.10 29.79 9.23
N ALA B 139 -21.31 30.48 8.12
CA ALA B 139 -21.74 29.85 6.88
C ALA B 139 -20.54 29.45 6.04
N PHE B 140 -20.70 28.36 5.31
CA PHE B 140 -19.67 27.83 4.42
C PHE B 140 -20.31 26.81 3.50
N THR B 141 -19.54 26.35 2.51
CA THR B 141 -20.01 25.34 1.57
C THR B 141 -19.10 24.13 1.59
N THR B 142 -19.65 22.99 1.18
CA THR B 142 -18.90 21.74 1.11
C THR B 142 -19.63 20.76 0.20
N THR B 143 -18.86 19.95 -0.52
CA THR B 143 -19.40 19.02 -1.50
C THR B 143 -19.64 17.64 -0.89
N ALA B 144 -20.02 16.68 -1.73
CA ALA B 144 -20.26 15.30 -1.34
C ALA B 144 -19.58 14.34 -2.32
N ARG B 175 -24.02 17.25 -6.49
CA ARG B 175 -22.81 17.65 -7.21
C ARG B 175 -22.33 19.08 -6.87
N PRO B 176 -23.22 20.08 -6.87
CA PRO B 176 -22.77 21.42 -6.45
C PRO B 176 -22.69 21.51 -4.94
N ALA B 177 -21.70 22.26 -4.46
CA ALA B 177 -21.48 22.39 -3.03
C ALA B 177 -22.73 22.96 -2.36
N ALA B 178 -23.07 22.38 -1.20
CA ALA B 178 -24.24 22.80 -0.45
C ALA B 178 -23.83 23.80 0.63
N LEU B 179 -24.71 24.75 0.90
CA LEU B 179 -24.46 25.74 1.94
C LEU B 179 -24.73 25.12 3.30
N TRP B 180 -23.75 25.19 4.18
CA TRP B 180 -23.85 24.59 5.50
C TRP B 180 -23.83 25.68 6.55
N LEU B 181 -24.07 25.27 7.80
CA LEU B 181 -24.21 26.21 8.90
C LEU B 181 -23.56 25.62 10.14
N TYR B 182 -22.62 26.37 10.73
CA TYR B 182 -22.04 26.01 12.01
C TYR B 182 -22.70 26.86 13.08
N ASP B 183 -23.47 26.22 13.96
CA ASP B 183 -24.02 26.88 15.14
C ASP B 183 -22.92 26.97 16.18
N VAL B 184 -22.49 28.20 16.50
CA VAL B 184 -21.31 28.39 17.34
C VAL B 184 -21.65 28.09 18.79
N GLU B 185 -22.74 28.67 19.30
CA GLU B 185 -23.16 28.45 20.67
C GLU B 185 -23.56 27.00 20.94
N ALA B 186 -23.81 26.22 19.88
CA ALA B 186 -24.19 24.83 20.02
C ALA B 186 -23.10 23.85 19.62
N ASP B 187 -22.03 24.33 18.97
CA ASP B 187 -20.97 23.47 18.44
C ASP B 187 -21.56 22.34 17.59
N LYS B 188 -22.62 22.66 16.86
CA LYS B 188 -23.28 21.69 16.01
C LYS B 188 -23.28 22.16 14.56
N LEU B 189 -23.25 21.21 13.64
CA LEU B 189 -23.35 21.49 12.22
C LEU B 189 -24.73 21.11 11.68
N ARG B 190 -25.03 21.64 10.51
CA ARG B 190 -26.31 21.44 9.83
C ARG B 190 -26.29 21.97 8.41
N GLU B 191 -26.64 21.12 7.44
CA GLU B 191 -26.82 21.60 6.08
C GLU B 191 -27.96 22.60 6.02
N TRP B 192 -27.72 23.71 5.33
CA TRP B 192 -28.65 24.83 5.22
C TRP B 192 -29.42 24.80 3.90
N TYR B 193 -28.70 24.73 2.78
CA TYR B 193 -29.32 24.80 1.47
C TYR B 193 -28.44 24.06 0.47
N ALA B 194 -29.00 23.02 -0.17
CA ALA B 194 -28.30 22.30 -1.21
C ALA B 194 -28.82 22.80 -2.56
N PRO B 195 -28.04 23.58 -3.31
CA PRO B 195 -28.58 24.22 -4.50
C PRO B 195 -28.65 23.25 -5.67
N GLU B 196 -29.52 23.59 -6.63
CA GLU B 196 -29.66 22.77 -7.83
C GLU B 196 -28.45 22.96 -8.75
N ILE B 197 -28.06 24.21 -9.01
CA ILE B 197 -26.95 24.50 -9.91
C ILE B 197 -25.70 24.94 -9.15
N GLY B 198 -25.83 25.85 -8.20
CA GLY B 198 -24.69 26.30 -7.42
C GLY B 198 -24.89 27.70 -6.88
N ILE B 199 -24.14 28.02 -5.84
CA ILE B 199 -24.21 29.32 -5.19
C ILE B 199 -22.94 30.11 -5.50
N GLY B 200 -23.11 31.34 -5.97
CA GLY B 200 -21.99 32.23 -6.21
C GLY B 200 -21.70 33.13 -5.03
N ALA B 201 -21.84 34.43 -5.21
CA ALA B 201 -21.59 35.37 -4.12
C ALA B 201 -22.57 35.11 -2.97
N LEU B 202 -22.10 35.39 -1.75
CA LEU B 202 -22.91 35.18 -0.57
C LEU B 202 -22.59 36.26 0.45
N SER B 203 -23.63 36.79 1.11
CA SER B 203 -23.43 37.82 2.11
C SER B 203 -24.55 37.77 3.13
N TRP B 204 -24.18 37.82 4.41
CA TRP B 204 -25.15 37.91 5.48
C TRP B 204 -25.86 39.25 5.47
N TRP B 205 -27.13 39.24 5.85
CA TRP B 205 -27.81 40.48 6.22
C TRP B 205 -27.17 41.04 7.48
N PRO B 206 -27.19 42.36 7.66
CA PRO B 206 -26.53 42.94 8.84
C PRO B 206 -27.16 42.54 10.16
N ASP B 207 -28.39 42.04 10.16
CA ASP B 207 -29.05 41.56 11.37
C ASP B 207 -28.90 40.06 11.55
N SER B 208 -28.14 39.39 10.68
CA SER B 208 -27.86 37.96 10.79
C SER B 208 -29.13 37.13 10.72
N ARG B 209 -30.15 37.65 10.03
CA ARG B 209 -31.41 36.92 9.86
C ARG B 209 -31.35 35.89 8.73
N GLY B 210 -30.33 35.95 7.89
CA GLY B 210 -30.26 35.10 6.73
C GLY B 210 -29.17 35.56 5.80
N VAL B 211 -29.18 35.01 4.58
CA VAL B 211 -28.12 35.26 3.61
C VAL B 211 -28.70 35.62 2.25
N LEU B 212 -28.07 36.57 1.56
CA LEU B 212 -28.31 36.80 0.14
C LEU B 212 -27.36 35.90 -0.65
N ILE B 213 -27.90 35.24 -1.67
CA ILE B 213 -27.11 34.36 -2.53
C ILE B 213 -27.38 34.67 -3.99
N VAL B 214 -26.33 34.51 -4.81
CA VAL B 214 -26.41 34.63 -6.25
C VAL B 214 -26.39 33.24 -6.85
N GLN B 215 -27.36 32.95 -7.72
CA GLN B 215 -27.41 31.62 -8.34
C GLN B 215 -28.27 31.68 -9.60
N SER B 216 -28.07 30.70 -10.47
CA SER B 216 -28.77 30.60 -11.74
C SER B 216 -30.02 29.73 -11.64
N GLU B 217 -30.91 29.88 -12.62
CA GLU B 217 -32.14 29.10 -12.65
C GLU B 217 -31.92 27.71 -13.22
N ASP B 218 -31.10 27.59 -14.27
CA ASP B 218 -30.82 26.31 -14.90
C ASP B 218 -29.38 26.31 -15.40
N GLU B 219 -28.96 25.18 -15.98
CA GLU B 219 -27.61 25.09 -16.52
C GLU B 219 -27.48 25.88 -17.82
N TRP B 220 -28.59 26.10 -18.53
CA TRP B 220 -28.54 26.95 -19.71
C TRP B 220 -28.24 28.40 -19.33
N GLN B 221 -28.97 28.93 -18.34
CA GLN B 221 -28.69 30.29 -17.86
C GLN B 221 -27.30 30.37 -17.24
N ALA B 222 -26.87 29.30 -16.57
CA ALA B 222 -25.52 29.29 -16.02
C ALA B 222 -24.48 29.34 -17.13
N SER B 223 -24.73 28.67 -18.24
CA SER B 223 -23.76 28.74 -19.33
C SER B 223 -23.60 30.16 -19.89
N GLN B 224 -24.69 30.94 -19.92
CA GLN B 224 -24.66 32.30 -20.45
C GLN B 224 -24.35 33.35 -19.39
N TRP B 225 -23.93 32.94 -18.19
CA TRP B 225 -23.55 33.85 -17.12
C TRP B 225 -24.71 34.78 -16.75
N ARG B 226 -25.90 34.20 -16.57
CA ARG B 226 -27.05 34.97 -16.11
C ARG B 226 -27.47 34.41 -14.75
N GLN B 227 -27.57 35.29 -13.77
CA GLN B 227 -27.85 34.90 -12.40
C GLN B 227 -28.87 35.84 -11.80
N ASP B 228 -29.52 35.39 -10.74
CA ASP B 228 -30.42 36.23 -9.95
C ASP B 228 -29.93 36.25 -8.51
N VAL B 229 -30.63 37.01 -7.67
CA VAL B 229 -30.30 37.13 -6.25
C VAL B 229 -31.48 36.60 -5.44
N TYR B 230 -31.18 35.77 -4.45
CA TYR B 230 -32.21 35.10 -3.66
C TYR B 230 -32.00 35.41 -2.20
N ASP B 231 -33.11 35.63 -1.48
CA ASP B 231 -33.09 35.68 -0.03
C ASP B 231 -33.24 34.26 0.52
N LEU B 232 -32.33 33.88 1.41
CA LEU B 232 -32.39 32.58 2.07
C LEU B 232 -32.33 32.82 3.58
N PRO B 233 -33.44 32.69 4.27
CA PRO B 233 -33.46 32.93 5.71
C PRO B 233 -32.86 31.75 6.48
N LEU B 234 -32.57 31.99 7.76
CA LEU B 234 -32.02 30.95 8.59
C LEU B 234 -33.04 29.82 8.78
N PRO B 235 -32.57 28.59 8.88
CA PRO B 235 -33.50 27.46 9.02
C PRO B 235 -34.14 27.41 10.39
N THR B 236 -35.34 26.84 10.42
CA THR B 236 -36.10 26.62 11.65
C THR B 236 -36.45 25.13 11.70
N ALA B 237 -37.30 24.68 10.77
CA ALA B 237 -37.63 23.26 10.67
C ALA B 237 -36.55 22.54 9.85
N PRO B 243 -35.12 29.08 -0.55
CA PRO B 243 -34.81 30.50 -0.76
C PRO B 243 -35.79 31.19 -1.70
N GLN B 244 -36.31 32.34 -1.26
CA GLN B 244 -37.16 33.16 -2.11
C GLN B 244 -36.30 34.18 -2.86
N LYS B 245 -36.81 34.64 -4.00
CA LYS B 245 -36.07 35.53 -4.87
C LYS B 245 -36.25 36.98 -4.42
N LEU B 246 -35.16 37.73 -4.39
CA LEU B 246 -35.21 39.13 -4.03
C LEU B 246 -35.14 40.07 -5.22
N LEU B 247 -34.45 39.67 -6.29
CA LEU B 247 -34.17 40.56 -7.41
C LEU B 247 -34.03 39.71 -8.67
N ASP B 248 -34.91 39.93 -9.64
CA ASP B 248 -34.86 39.24 -10.93
C ASP B 248 -33.84 39.94 -11.84
N TRP B 249 -32.60 39.46 -11.80
CA TRP B 249 -31.48 40.10 -12.50
C TRP B 249 -31.24 39.52 -13.89
N ASN B 250 -31.20 38.19 -14.01
CA ASN B 250 -30.95 37.52 -15.29
C ASN B 250 -29.67 38.02 -15.95
N SER B 251 -28.63 38.19 -15.15
CA SER B 251 -27.36 38.72 -15.63
C SER B 251 -26.27 38.37 -14.62
N ALA B 252 -25.06 38.90 -14.86
CA ALA B 252 -23.91 38.59 -14.02
C ALA B 252 -23.92 39.46 -12.75
N ALA B 253 -23.73 38.83 -11.60
CA ALA B 253 -23.76 39.55 -10.34
C ALA B 253 -22.86 38.87 -9.31
N HIS B 254 -22.03 39.68 -8.64
CA HIS B 254 -21.24 39.21 -7.52
C HIS B 254 -21.00 40.38 -6.58
N GLY B 255 -20.22 40.14 -5.52
CA GLY B 255 -19.86 41.18 -4.58
C GLY B 255 -21.05 41.85 -3.93
N LEU B 256 -22.02 41.07 -3.46
CA LEU B 256 -23.17 41.63 -2.78
C LEU B 256 -22.74 42.32 -1.49
N ALA B 257 -23.19 43.56 -1.30
CA ALA B 257 -22.87 44.35 -0.11
C ALA B 257 -24.17 44.86 0.49
N PRO B 258 -24.72 44.14 1.46
CA PRO B 258 -25.95 44.59 2.11
C PRO B 258 -25.78 45.93 2.82
N HIS B 259 -26.76 46.80 2.66
CA HIS B 259 -26.74 48.10 3.32
C HIS B 259 -26.99 47.94 4.81
N PRO B 260 -26.45 48.83 5.64
CA PRO B 260 -26.70 48.75 7.09
C PRO B 260 -28.17 48.71 7.47
N ASP B 261 -29.06 49.26 6.65
CA ASP B 261 -30.47 49.29 7.01
C ASP B 261 -31.14 47.93 6.92
N GLY B 262 -30.42 46.88 6.51
CA GLY B 262 -30.94 45.54 6.47
C GLY B 262 -32.00 45.29 5.41
N GLN B 263 -32.31 46.27 4.56
CA GLN B 263 -33.30 46.09 3.51
C GLN B 263 -32.71 46.27 2.12
N ARG B 264 -32.00 47.36 1.88
CA ARG B 264 -31.37 47.55 0.57
C ARG B 264 -30.02 46.83 0.54
N PHE B 265 -29.51 46.62 -0.67
CA PHE B 265 -28.19 46.03 -0.84
C PHE B 265 -27.65 46.43 -2.19
N ALA B 266 -26.33 46.34 -2.31
CA ALA B 266 -25.61 46.68 -3.53
C ALA B 266 -25.05 45.41 -4.18
N LEU B 267 -24.83 45.51 -5.49
CA LEU B 267 -24.30 44.37 -6.23
C LEU B 267 -23.27 44.87 -7.24
N ILE B 268 -22.36 43.98 -7.62
CA ILE B 268 -21.40 44.24 -8.70
C ILE B 268 -21.81 43.42 -9.92
N GLY B 269 -21.80 44.05 -11.09
CA GLY B 269 -22.11 43.33 -12.31
C GLY B 269 -22.62 44.20 -13.43
N ARG B 270 -23.57 43.68 -14.20
CA ARG B 270 -24.16 44.34 -15.36
C ARG B 270 -25.64 44.04 -15.42
N PRO B 271 -26.45 45.00 -15.87
CA PRO B 271 -27.88 44.71 -16.08
C PRO B 271 -28.07 43.74 -17.24
N ALA B 272 -29.29 43.22 -17.34
CA ALA B 272 -29.55 42.13 -18.26
C ALA B 272 -29.28 42.50 -19.71
N GLY B 273 -29.55 43.76 -20.09
CA GLY B 273 -29.39 44.15 -21.47
C GLY B 273 -27.95 44.09 -21.95
N LYS B 274 -27.02 44.53 -21.11
CA LYS B 274 -25.63 44.68 -21.54
C LYS B 274 -24.94 43.32 -21.61
N GLY B 275 -23.85 43.27 -22.38
CA GLY B 275 -23.03 42.08 -22.50
C GLY B 275 -21.81 42.08 -21.59
N ASN B 276 -20.99 41.04 -21.77
CA ASN B 276 -19.85 40.80 -20.90
C ASN B 276 -18.73 41.83 -21.09
N THR B 277 -18.62 42.41 -22.27
CA THR B 277 -17.57 43.41 -22.45
C THR B 277 -17.86 44.72 -21.73
N GLU B 278 -19.08 44.95 -21.26
CA GLU B 278 -19.37 46.19 -20.55
C GLU B 278 -18.70 46.17 -19.18
N HIS B 279 -18.17 47.33 -18.77
CA HIS B 279 -17.57 47.48 -17.46
C HIS B 279 -18.51 47.00 -16.36
N ALA B 280 -17.98 46.20 -15.45
CA ALA B 280 -18.72 45.88 -14.24
C ALA B 280 -18.90 47.14 -13.41
N HIS B 281 -20.10 47.33 -12.86
CA HIS B 281 -20.40 48.54 -12.13
C HIS B 281 -21.15 48.21 -10.84
N LEU B 282 -21.42 49.25 -10.07
CA LEU B 282 -22.13 49.15 -8.81
C LEU B 282 -23.61 49.44 -9.05
N TYR B 283 -24.47 48.66 -8.39
CA TYR B 283 -25.91 48.84 -8.54
C TYR B 283 -26.58 48.79 -7.18
N LEU B 284 -27.44 49.75 -6.92
CA LEU B 284 -28.22 49.80 -5.69
C LEU B 284 -29.56 49.11 -5.95
N ILE B 285 -29.91 48.15 -5.09
CA ILE B 285 -31.13 47.35 -5.25
C ILE B 285 -32.14 47.84 -4.22
N GLU B 286 -33.39 48.05 -4.66
CA GLU B 286 -34.45 48.51 -3.77
C GLU B 286 -35.77 47.91 -4.25
N ASN B 287 -36.30 46.95 -3.51
CA ASN B 287 -37.57 46.27 -3.81
C ASN B 287 -37.55 45.72 -5.23
N GLY B 288 -36.46 45.09 -5.59
CA GLY B 288 -36.34 44.55 -6.94
C GLY B 288 -35.98 45.58 -7.99
N GLN B 289 -36.03 46.87 -7.66
CA GLN B 289 -35.63 47.92 -8.57
C GLN B 289 -34.13 48.18 -8.41
N HIS B 290 -33.49 48.58 -9.50
CA HIS B 290 -32.05 48.79 -9.51
C HIS B 290 -31.69 50.11 -10.16
N ARG B 291 -30.72 50.80 -9.57
CA ARG B 291 -30.12 51.99 -10.15
C ARG B 291 -28.61 51.94 -9.95
N ARG B 292 -27.87 52.44 -10.93
CA ARG B 292 -26.42 52.39 -10.87
C ARG B 292 -25.89 53.32 -9.80
N LEU B 293 -24.88 52.85 -9.07
CA LEU B 293 -24.37 53.54 -7.88
C LEU B 293 -23.08 54.30 -8.15
N ASP B 294 -22.18 53.77 -8.98
CA ASP B 294 -20.92 54.43 -9.28
C ASP B 294 -21.03 55.27 -10.56
N THR B 295 -21.91 56.27 -10.51
CA THR B 295 -22.19 57.09 -11.67
C THR B 295 -21.05 58.07 -11.95
N GLY B 296 -20.87 58.39 -13.22
CA GLY B 296 -19.79 59.28 -13.63
C GLY B 296 -18.41 58.71 -13.44
N HIS B 297 -18.28 57.38 -13.53
CA HIS B 297 -17.00 56.69 -13.32
C HIS B 297 -16.90 55.63 -14.42
N ASP B 298 -16.35 56.03 -15.57
CA ASP B 298 -16.26 55.16 -16.74
C ASP B 298 -15.10 54.18 -16.60
N HIS B 299 -15.12 53.42 -15.51
CA HIS B 299 -14.08 52.44 -15.23
C HIS B 299 -14.71 51.27 -14.50
N PRO B 300 -14.17 50.07 -14.65
CA PRO B 300 -14.77 48.89 -14.03
C PRO B 300 -14.43 48.78 -12.56
N VAL B 301 -15.24 47.99 -11.87
CA VAL B 301 -15.04 47.67 -10.46
C VAL B 301 -14.12 46.47 -10.37
N GLY B 302 -13.14 46.54 -9.46
CA GLY B 302 -12.24 45.43 -9.19
C GLY B 302 -10.88 45.61 -9.86
N ASP B 303 -9.94 44.76 -9.44
CA ASP B 303 -8.59 44.79 -10.00
C ASP B 303 -8.58 44.00 -11.31
N ALA B 304 -8.18 44.64 -12.39
CA ALA B 304 -7.99 44.00 -13.68
C ALA B 304 -6.63 44.40 -14.27
N VAL B 305 -5.65 44.56 -13.39
CA VAL B 305 -4.29 44.94 -13.76
C VAL B 305 -3.39 43.72 -13.61
N GLY B 306 -2.42 43.59 -14.52
CA GLY B 306 -1.53 42.45 -14.48
C GLY B 306 -0.55 42.51 -13.34
N GLY B 307 -0.03 41.34 -12.99
CA GLY B 307 0.89 41.19 -11.89
C GLY B 307 1.02 39.74 -11.49
N ASP B 308 2.26 39.24 -11.42
CA ASP B 308 2.52 37.82 -11.21
C ASP B 308 2.91 37.49 -9.79
N CYS B 309 2.55 38.34 -8.82
CA CYS B 309 2.87 38.11 -7.43
C CYS B 309 1.62 38.11 -6.57
N HIS B 310 0.54 37.53 -7.09
CA HIS B 310 -0.72 37.37 -6.37
C HIS B 310 -0.95 35.87 -6.23
N VAL B 311 -0.71 35.36 -5.03
CA VAL B 311 -0.86 33.94 -4.75
C VAL B 311 -1.81 33.84 -3.57
N GLY B 312 -3.02 33.34 -3.81
CA GLY B 312 -4.01 33.21 -2.75
C GLY B 312 -5.27 34.03 -2.97
N ALA B 313 -6.08 34.22 -1.93
CA ALA B 313 -7.33 34.95 -2.08
C ALA B 313 -7.11 36.46 -1.98
N PHE B 314 -7.79 37.21 -2.84
CA PHE B 314 -7.68 38.67 -2.88
C PHE B 314 -9.07 39.28 -2.82
N PRO B 315 -9.59 39.50 -1.61
CA PRO B 315 -10.94 40.06 -1.48
C PRO B 315 -11.03 41.51 -1.93
N GLU B 316 -12.10 41.82 -2.67
CA GLU B 316 -12.41 43.19 -3.09
C GLU B 316 -13.87 43.55 -2.85
N GLY B 317 -14.53 42.87 -1.92
CA GLY B 317 -15.93 43.09 -1.67
C GLY B 317 -16.21 44.48 -1.15
N PRO B 318 -17.13 45.20 -1.80
CA PRO B 318 -17.46 46.56 -1.36
C PRO B 318 -18.03 46.58 0.05
N ARG B 319 -17.75 47.67 0.74
CA ARG B 319 -18.11 47.78 2.15
C ARG B 319 -18.75 49.13 2.40
N TRP B 320 -19.83 49.14 3.17
CA TRP B 320 -20.51 50.38 3.54
C TRP B 320 -19.79 51.01 4.71
N LEU B 321 -19.14 52.17 4.47
CA LEU B 321 -18.50 52.89 5.56
C LEU B 321 -19.54 53.56 6.45
N ASP B 322 -20.58 54.13 5.86
CA ASP B 322 -21.74 54.61 6.58
C ASP B 322 -22.97 54.38 5.70
N GLY B 323 -24.09 54.98 6.08
CA GLY B 323 -25.32 54.78 5.33
C GLY B 323 -25.29 55.32 3.92
N ASP B 324 -24.42 56.28 3.63
CA ASP B 324 -24.35 56.87 2.30
C ASP B 324 -23.16 56.40 1.49
N THR B 325 -22.09 55.95 2.13
CA THR B 325 -20.82 55.70 1.47
C THR B 325 -20.63 54.19 1.30
N LEU B 326 -20.24 53.79 0.09
CA LEU B 326 -19.87 52.41 -0.21
C LEU B 326 -18.47 52.40 -0.82
N LEU B 327 -17.56 51.70 -0.17
CA LEU B 327 -16.16 51.69 -0.58
C LEU B 327 -15.93 50.53 -1.54
N PHE B 328 -15.25 50.81 -2.65
CA PHE B 328 -15.01 49.80 -3.67
C PHE B 328 -13.68 50.07 -4.34
N SER B 329 -13.22 49.07 -5.09
CA SER B 329 -11.99 49.16 -5.85
C SER B 329 -12.32 49.30 -7.34
N SER B 330 -11.40 49.94 -8.07
CA SER B 330 -11.60 50.15 -9.50
C SER B 330 -10.27 50.34 -10.22
N THR B 331 -10.19 49.76 -11.41
CA THR B 331 -9.06 49.91 -12.32
C THR B 331 -9.21 51.07 -13.28
N VAL B 332 -8.19 51.92 -13.25
CA VAL B 332 -8.12 53.18 -13.98
C VAL B 332 -6.70 53.27 -14.56
N ARG B 333 -6.58 53.12 -15.88
CA ARG B 333 -5.33 53.30 -16.62
C ARG B 333 -4.12 52.65 -15.92
N GLY B 334 -4.18 51.32 -15.81
CA GLY B 334 -3.08 50.54 -15.28
C GLY B 334 -2.93 50.55 -13.78
N SER B 335 -3.79 51.27 -13.07
CA SER B 335 -3.76 51.34 -11.62
C SER B 335 -5.08 50.83 -11.08
N VAL B 336 -5.08 50.44 -9.81
CA VAL B 336 -6.31 50.11 -9.09
C VAL B 336 -6.33 50.87 -7.78
N GLY B 337 -7.40 51.65 -7.57
CA GLY B 337 -7.52 52.44 -6.37
C GLY B 337 -8.85 52.18 -5.68
N LEU B 338 -8.96 52.69 -4.46
CA LEU B 338 -10.20 52.62 -3.72
C LEU B 338 -10.97 53.92 -3.86
N PHE B 339 -12.27 53.80 -4.11
CA PHE B 339 -13.15 54.93 -4.29
C PHE B 339 -14.36 54.78 -3.37
N THR B 340 -15.12 55.86 -3.26
CA THR B 340 -16.33 55.89 -2.45
C THR B 340 -17.50 56.14 -3.40
N ALA B 341 -18.43 55.18 -3.44
CA ALA B 341 -19.71 55.42 -4.08
C ALA B 341 -20.66 56.03 -3.06
N HIS B 342 -21.60 56.84 -3.54
CA HIS B 342 -22.48 57.57 -2.65
C HIS B 342 -23.92 57.49 -3.16
N ILE B 343 -24.84 57.17 -2.25
CA ILE B 343 -26.25 57.11 -2.60
C ILE B 343 -26.73 58.47 -3.09
N GLY B 344 -26.47 59.52 -2.31
CA GLY B 344 -26.87 60.86 -2.68
C GLY B 344 -25.76 61.69 -3.28
N GLY B 345 -24.97 61.08 -4.18
CA GLY B 345 -23.87 61.80 -4.79
C GLY B 345 -23.20 60.98 -5.85
N GLY B 346 -22.04 61.44 -6.28
CA GLY B 346 -21.30 60.80 -7.35
C GLY B 346 -20.27 59.81 -6.85
N VAL B 347 -19.04 59.93 -7.34
CA VAL B 347 -17.95 59.03 -6.97
C VAL B 347 -16.74 59.88 -6.59
N LYS B 348 -16.17 59.59 -5.42
CA LYS B 348 -15.01 60.31 -4.92
C LYS B 348 -13.85 59.33 -4.73
N ALA B 349 -12.63 59.82 -4.98
CA ALA B 349 -11.44 59.04 -4.67
C ALA B 349 -11.30 58.86 -3.17
N TYR B 350 -10.80 57.69 -2.76
CA TYR B 350 -10.53 57.38 -1.36
C TYR B 350 -9.06 57.10 -1.11
N ASP B 351 -8.43 56.29 -1.95
CA ASP B 351 -7.01 55.99 -1.86
C ASP B 351 -6.60 55.52 -3.25
N HIS B 352 -6.14 56.45 -4.07
CA HIS B 352 -5.92 56.18 -5.50
C HIS B 352 -4.58 56.78 -5.92
N ASP B 353 -3.51 56.01 -5.76
CA ASP B 353 -2.24 56.35 -6.40
C ASP B 353 -2.30 55.91 -7.85
N PRO B 354 -2.26 56.84 -8.81
CA PRO B 354 -2.29 56.45 -10.23
C PRO B 354 -1.07 55.65 -10.66
N GLN B 355 -0.08 55.47 -9.79
CA GLN B 355 1.10 54.67 -10.06
C GLN B 355 1.10 53.35 -9.30
N GLY B 356 0.03 53.04 -8.56
CA GLY B 356 -0.01 51.86 -7.73
C GLY B 356 -1.30 51.08 -7.93
N VAL B 357 -1.30 49.86 -7.39
CA VAL B 357 -2.41 48.92 -7.51
C VAL B 357 -2.76 48.41 -6.12
N ILE B 358 -4.01 48.59 -5.72
CA ILE B 358 -4.52 48.01 -4.48
C ILE B 358 -5.24 46.72 -4.88
N SER B 359 -4.60 45.59 -4.59
CA SER B 359 -5.05 44.31 -5.10
C SER B 359 -6.18 43.70 -4.28
N ALA B 360 -6.31 44.06 -3.00
CA ALA B 360 -7.33 43.49 -2.14
C ALA B 360 -7.54 44.44 -0.96
N PHE B 361 -8.72 44.34 -0.35
CA PHE B 361 -9.02 45.21 0.78
C PHE B 361 -10.20 44.67 1.57
N THR B 362 -10.15 44.88 2.88
CA THR B 362 -11.29 44.72 3.77
C THR B 362 -11.51 46.03 4.51
N ALA B 363 -12.75 46.26 4.95
CA ALA B 363 -13.05 47.53 5.59
C ALA B 363 -14.32 47.41 6.41
N ASN B 364 -14.42 48.27 7.40
CA ASN B 364 -15.64 48.49 8.17
C ASN B 364 -15.63 49.95 8.63
N GLU B 365 -16.46 50.26 9.61
CA GLU B 365 -16.57 51.62 10.11
C GLU B 365 -15.41 52.04 11.00
N HIS B 366 -14.50 51.10 11.33
CA HIS B 366 -13.42 51.39 12.26
C HIS B 366 -12.03 51.27 11.67
N GLY B 367 -11.86 50.68 10.50
CA GLY B 367 -10.54 50.53 9.94
C GLY B 367 -10.59 49.90 8.57
N VAL B 368 -9.43 49.94 7.90
CA VAL B 368 -9.25 49.34 6.57
C VAL B 368 -7.90 48.63 6.55
N ALA B 369 -7.87 47.44 5.95
CA ALA B 369 -6.64 46.73 5.65
C ALA B 369 -6.60 46.44 4.16
N LEU B 370 -5.40 46.43 3.58
CA LEU B 370 -5.28 46.25 2.14
C LEU B 370 -3.89 45.73 1.79
N ILE B 371 -3.75 45.33 0.54
CA ILE B 371 -2.45 45.01 -0.05
C ILE B 371 -2.19 45.98 -1.18
N ARG B 372 -1.00 46.58 -1.18
CA ARG B 372 -0.61 47.58 -2.16
C ARG B 372 0.71 47.22 -2.80
N GLU B 373 0.83 47.54 -4.09
CA GLU B 373 2.02 47.27 -4.88
C GLU B 373 2.12 48.34 -5.96
N SER B 374 3.26 48.36 -6.63
CA SER B 374 3.49 49.23 -7.76
C SER B 374 4.37 48.49 -8.75
N ALA B 375 4.65 49.14 -9.88
CA ALA B 375 5.62 48.59 -10.81
C ALA B 375 7.00 48.47 -10.17
N THR B 376 7.21 49.12 -9.04
CA THR B 376 8.53 49.13 -8.44
C THR B 376 8.54 48.54 -7.04
N ARG B 377 7.39 48.16 -6.51
CA ARG B 377 7.28 47.72 -5.12
C ARG B 377 6.51 46.41 -5.04
N PHE B 378 7.15 45.39 -4.49
CA PHE B 378 6.51 44.11 -4.25
C PHE B 378 5.31 44.29 -3.32
N PRO B 379 4.26 43.48 -3.47
CA PRO B 379 3.07 43.65 -2.61
C PRO B 379 3.41 43.67 -1.13
N GLU B 380 2.74 44.57 -0.40
CA GLU B 380 2.91 44.71 1.03
C GLU B 380 1.53 44.83 1.66
N VAL B 381 1.40 44.32 2.88
CA VAL B 381 0.14 44.40 3.63
C VAL B 381 0.12 45.70 4.43
N GLU B 382 -1.04 46.36 4.43
CA GLU B 382 -1.23 47.62 5.14
C GLU B 382 -2.42 47.54 6.09
N LEU B 383 -2.32 48.28 7.20
CA LEU B 383 -3.44 48.48 8.12
C LEU B 383 -3.55 49.96 8.43
N ASN B 384 -4.63 50.59 7.96
CA ASN B 384 -4.90 52.01 8.18
C ASN B 384 -3.68 52.87 7.85
N GLY B 385 -3.16 52.69 6.65
CA GLY B 385 -2.06 53.48 6.13
C GLY B 385 -0.68 53.02 6.53
N GLN B 386 -0.56 52.18 7.55
CA GLN B 386 0.72 51.73 8.07
C GLN B 386 1.07 50.40 7.43
N ARG B 387 2.19 50.36 6.72
CA ARG B 387 2.64 49.10 6.12
C ARG B 387 3.05 48.16 7.24
N VAL B 388 2.59 46.92 7.15
CA VAL B 388 2.72 45.94 8.23
C VAL B 388 3.71 44.82 7.91
N THR B 389 4.10 44.68 6.65
CA THR B 389 5.01 43.63 6.21
C THR B 389 6.29 44.26 5.68
N ASP B 390 7.29 43.41 5.46
CA ASP B 390 8.56 43.80 4.88
C ASP B 390 8.92 42.87 3.73
N LEU B 391 8.00 42.68 2.80
CA LEU B 391 8.20 41.65 1.79
C LEU B 391 9.05 42.13 0.61
N HIS B 392 8.98 43.42 0.28
CA HIS B 392 9.79 43.93 -0.82
C HIS B 392 11.28 43.79 -0.51
N ALA B 393 11.64 43.81 0.78
CA ALA B 393 13.05 43.65 1.15
C ALA B 393 13.58 42.30 0.69
N ARG B 394 12.71 41.30 0.55
CA ARG B 394 13.16 39.98 0.14
C ARG B 394 13.44 39.88 -1.35
N PHE B 395 13.02 40.86 -2.16
CA PHE B 395 13.26 40.80 -3.60
C PHE B 395 14.75 40.79 -3.85
N PRO B 396 15.29 39.77 -4.53
CA PRO B 396 16.73 39.48 -4.47
C PRO B 396 17.62 40.25 -5.43
N PHE B 397 17.08 41.12 -6.29
CA PHE B 397 17.91 41.93 -7.16
C PHE B 397 17.25 43.29 -7.33
N PRO B 398 18.03 44.31 -7.69
CA PRO B 398 17.46 45.67 -7.80
C PRO B 398 16.37 45.74 -8.88
N VAL B 399 15.28 46.42 -8.53
CA VAL B 399 14.21 46.67 -9.47
C VAL B 399 14.48 47.98 -10.20
N ARG B 400 13.92 48.11 -11.41
CA ARG B 400 14.21 49.24 -12.27
C ARG B 400 12.92 49.95 -12.64
N GLU B 401 13.05 51.23 -12.94
CA GLU B 401 11.92 52.14 -13.14
C GLU B 401 11.50 52.13 -14.61
N PRO B 402 10.23 51.91 -14.91
CA PRO B 402 9.79 51.95 -16.31
C PRO B 402 9.73 53.38 -16.85
N GLN B 403 9.79 53.47 -18.18
CA GLN B 403 9.64 54.73 -18.90
C GLN B 403 8.35 54.68 -19.71
N ARG B 404 7.56 55.74 -19.60
CA ARG B 404 6.30 55.79 -20.32
C ARG B 404 6.53 56.17 -21.78
N VAL B 405 5.82 55.48 -22.68
CA VAL B 405 5.84 55.76 -24.11
C VAL B 405 4.42 55.70 -24.62
N THR B 406 4.01 56.69 -25.41
CA THR B 406 2.64 56.84 -25.87
C THR B 406 2.53 56.59 -27.37
N PHE B 407 1.30 56.30 -27.79
CA PHE B 407 0.95 56.10 -29.19
C PHE B 407 -0.42 56.71 -29.46
N GLU B 408 -0.66 57.06 -30.70
CA GLU B 408 -1.87 57.80 -31.08
C GLU B 408 -2.90 56.88 -31.69
N THR B 409 -4.17 57.14 -31.35
CA THR B 409 -5.32 56.40 -31.87
C THR B 409 -6.38 57.41 -32.27
N GLU B 410 -7.29 56.97 -33.14
CA GLU B 410 -8.46 57.79 -33.46
C GLU B 410 -9.32 58.06 -32.24
N LEU B 411 -9.17 57.29 -31.18
CA LEU B 411 -9.92 57.49 -29.95
C LEU B 411 -9.16 58.32 -28.93
N GLY B 412 -7.95 58.76 -29.27
CA GLY B 412 -7.11 59.48 -28.33
C GLY B 412 -5.78 58.79 -28.10
N GLU B 413 -5.13 59.10 -26.99
CA GLU B 413 -3.76 58.64 -26.77
C GLU B 413 -3.71 57.36 -25.94
N GLY B 414 -3.01 56.35 -26.47
CA GLY B 414 -2.71 55.14 -25.73
C GLY B 414 -1.34 55.17 -25.09
N GLU B 415 -1.14 54.31 -24.10
CA GLU B 415 0.11 54.34 -23.34
C GLU B 415 0.65 52.93 -23.11
N GLY B 416 1.96 52.88 -22.89
CA GLY B 416 2.69 51.67 -22.59
C GLY B 416 3.99 52.07 -21.95
N TRP B 417 4.79 51.06 -21.60
CA TRP B 417 6.02 51.31 -20.84
C TRP B 417 7.16 50.46 -21.40
N VAL B 418 8.38 50.94 -21.12
CA VAL B 418 9.61 50.26 -21.48
C VAL B 418 10.42 50.08 -20.21
N LEU B 419 10.84 48.85 -19.94
CA LEU B 419 11.70 48.55 -18.80
C LEU B 419 13.06 48.15 -19.35
N LEU B 420 14.09 48.94 -19.02
CA LEU B 420 15.38 48.66 -19.65
C LEU B 420 16.37 48.08 -18.65
N PRO B 421 17.33 47.28 -19.10
CA PRO B 421 18.39 46.80 -18.20
C PRO B 421 19.38 47.90 -17.86
N GLU B 422 20.34 47.58 -16.99
CA GLU B 422 21.40 48.51 -16.67
C GLU B 422 22.33 48.69 -17.87
N GLY B 423 23.12 49.75 -17.84
CA GLY B 423 24.12 49.96 -18.86
C GLY B 423 23.68 50.94 -19.92
N GLU B 424 24.48 50.96 -20.99
CA GLU B 424 24.26 51.82 -22.14
C GLU B 424 24.28 51.01 -23.43
N GLN B 425 24.36 49.69 -23.34
CA GLN B 425 24.52 48.83 -24.51
C GLN B 425 23.19 48.61 -25.20
N LYS B 426 23.25 48.30 -26.50
CA LYS B 426 22.06 47.89 -27.23
C LYS B 426 21.52 46.60 -26.64
N VAL B 427 20.19 46.51 -26.54
CA VAL B 427 19.57 45.33 -25.94
C VAL B 427 18.39 44.88 -26.78
N PRO B 428 18.06 43.59 -26.71
CA PRO B 428 16.88 43.10 -27.44
C PRO B 428 15.59 43.66 -26.86
N ALA B 429 14.59 43.80 -27.72
CA ALA B 429 13.32 44.43 -27.38
C ALA B 429 12.22 43.37 -27.38
N LEU B 430 11.58 43.19 -26.23
CA LEU B 430 10.53 42.18 -26.06
C LEU B 430 9.19 42.88 -25.97
N LEU B 431 8.34 42.65 -26.95
CA LEU B 431 6.97 43.15 -26.93
C LEU B 431 6.09 42.13 -26.21
N ASN B 432 5.63 42.48 -25.01
CA ASN B 432 4.75 41.64 -24.22
C ASN B 432 3.32 42.14 -24.36
N ILE B 433 2.39 41.22 -24.58
CA ILE B 433 0.98 41.52 -24.82
C ILE B 433 0.18 40.90 -23.68
N HIS B 434 -0.57 41.73 -22.96
CA HIS B 434 -1.38 41.22 -21.87
C HIS B 434 -2.65 40.54 -22.41
N GLY B 435 -3.13 39.57 -21.64
CA GLY B 435 -4.33 38.83 -21.99
C GLY B 435 -5.58 39.61 -21.59
N GLY B 436 -6.70 38.88 -21.56
CA GLY B 436 -7.96 39.47 -21.23
C GLY B 436 -9.01 39.18 -22.29
N PRO B 437 -9.08 40.03 -23.34
CA PRO B 437 -8.21 41.19 -23.60
C PRO B 437 -8.49 42.41 -22.73
N HIS B 438 -9.59 42.40 -21.99
CA HIS B 438 -10.02 43.58 -21.24
C HIS B 438 -9.39 43.59 -19.85
N THR B 439 -8.07 43.67 -19.85
CA THR B 439 -7.30 43.97 -18.65
C THR B 439 -6.27 45.04 -18.95
N ASP B 440 -5.39 45.34 -17.99
CA ASP B 440 -4.43 46.41 -18.10
C ASP B 440 -3.05 45.95 -17.68
N TYR B 441 -2.04 46.40 -18.42
CA TYR B 441 -0.67 46.45 -17.92
C TYR B 441 -0.50 47.75 -17.15
N GLY B 442 0.65 47.90 -16.51
CA GLY B 442 0.98 49.19 -15.94
C GLY B 442 1.67 49.18 -14.60
N HIS B 443 0.89 49.15 -13.53
CA HIS B 443 1.38 49.46 -12.19
C HIS B 443 1.19 48.32 -11.22
N GLY B 444 1.01 47.10 -11.73
CA GLY B 444 1.17 45.93 -10.91
C GLY B 444 2.63 45.51 -10.91
N PHE B 445 3.03 44.81 -9.85
CA PHE B 445 4.40 44.31 -9.77
C PHE B 445 4.53 43.03 -10.58
N THR B 446 5.42 43.04 -11.57
CA THR B 446 5.63 41.89 -12.45
C THR B 446 7.06 41.42 -12.28
N HIS B 447 7.24 40.35 -11.49
CA HIS B 447 8.57 39.78 -11.28
C HIS B 447 9.20 39.34 -12.59
N GLU B 448 8.38 38.81 -13.51
CA GLU B 448 8.90 38.36 -14.79
C GLU B 448 9.49 39.52 -15.59
N PHE B 449 8.83 40.68 -15.57
CA PHE B 449 9.35 41.83 -16.31
C PHE B 449 10.63 42.35 -15.66
N GLN B 450 10.67 42.43 -14.34
CA GLN B 450 11.88 42.86 -13.64
C GLN B 450 13.04 41.90 -13.91
N LEU B 451 12.77 40.59 -13.96
CA LEU B 451 13.83 39.61 -14.24
C LEU B 451 14.27 39.66 -15.69
N MET B 452 13.33 39.92 -16.61
CA MET B 452 13.72 40.06 -18.01
C MET B 452 14.73 41.18 -18.19
N ALA B 453 14.44 42.35 -17.60
CA ALA B 453 15.39 43.45 -17.69
C ALA B 453 16.70 43.10 -17.00
N ALA B 454 16.62 42.50 -15.80
CA ALA B 454 17.81 42.09 -15.09
C ALA B 454 18.66 41.11 -15.89
N ARG B 455 18.10 40.47 -16.91
CA ARG B 455 18.84 39.59 -17.77
C ARG B 455 19.14 40.22 -19.14
N GLY B 456 19.05 41.56 -19.23
CA GLY B 456 19.52 42.28 -20.39
C GLY B 456 18.51 42.50 -21.50
N TYR B 457 17.22 42.40 -21.21
CA TYR B 457 16.19 42.58 -22.22
C TYR B 457 15.41 43.86 -21.95
N GLY B 458 15.01 44.53 -23.03
CA GLY B 458 14.10 45.66 -22.93
C GLY B 458 12.66 45.19 -23.05
N VAL B 459 11.86 45.39 -22.00
CA VAL B 459 10.50 44.91 -21.96
C VAL B 459 9.58 46.07 -22.31
N CYS B 460 8.89 45.96 -23.44
CA CYS B 460 7.90 46.93 -23.87
C CYS B 460 6.53 46.30 -23.75
N TYR B 461 5.66 46.92 -22.96
CA TYR B 461 4.33 46.39 -22.68
C TYR B 461 3.36 47.55 -22.59
N SER B 462 2.18 47.39 -23.19
CA SER B 462 1.26 48.50 -23.39
C SER B 462 -0.17 48.04 -23.19
N ASN B 463 -1.09 49.00 -23.28
CA ASN B 463 -2.52 48.75 -23.18
C ASN B 463 -3.18 49.20 -24.48
N PRO B 464 -3.26 48.33 -25.47
CA PRO B 464 -3.92 48.71 -26.73
C PRO B 464 -5.42 48.85 -26.56
N ARG B 465 -6.11 49.28 -27.61
CA ARG B 465 -7.56 49.27 -27.56
C ARG B 465 -8.06 47.86 -27.28
N GLY B 466 -9.09 47.77 -26.47
CA GLY B 466 -9.52 46.53 -25.87
C GLY B 466 -9.17 46.42 -24.40
N SER B 467 -8.13 47.13 -23.98
CA SER B 467 -7.76 47.18 -22.57
C SER B 467 -8.88 47.86 -21.76
N VAL B 468 -8.89 47.58 -20.45
CA VAL B 468 -10.07 47.80 -19.64
C VAL B 468 -10.10 49.13 -18.88
N GLY B 469 -8.95 49.79 -18.69
CA GLY B 469 -8.87 50.92 -17.80
C GLY B 469 -8.96 52.31 -18.43
N TYR B 470 -9.29 52.40 -19.72
CA TYR B 470 -9.28 53.69 -20.42
C TYR B 470 -10.66 54.04 -20.96
N GLY B 471 -11.70 53.52 -20.33
CA GLY B 471 -13.08 53.82 -20.67
C GLY B 471 -13.75 52.68 -21.42
N GLN B 472 -15.09 52.75 -21.45
CA GLN B 472 -15.88 51.73 -22.13
C GLN B 472 -15.62 51.75 -23.65
N ALA B 473 -15.43 52.94 -24.22
CA ALA B 473 -15.21 53.04 -25.66
C ALA B 473 -13.90 52.37 -26.08
N TRP B 474 -12.84 52.54 -25.26
CA TRP B 474 -11.57 51.87 -25.51
C TRP B 474 -11.73 50.35 -25.56
N VAL B 475 -12.56 49.80 -24.66
CA VAL B 475 -12.84 48.38 -24.69
C VAL B 475 -13.62 48.02 -25.94
N ASP B 476 -14.63 48.82 -26.28
CA ASP B 476 -15.51 48.49 -27.39
C ASP B 476 -14.84 48.61 -28.74
N ALA B 477 -13.66 49.23 -28.81
CA ALA B 477 -13.00 49.48 -30.09
C ALA B 477 -12.69 48.18 -30.84
N ILE B 478 -12.51 47.08 -30.11
CA ILE B 478 -12.14 45.81 -30.74
C ILE B 478 -13.32 44.88 -30.92
N TYR B 479 -14.52 45.28 -30.52
CA TYR B 479 -15.67 44.38 -30.60
C TYR B 479 -15.87 43.88 -32.02
N GLY B 480 -15.95 42.55 -32.15
CA GLY B 480 -16.20 41.90 -33.42
C GLY B 480 -15.06 41.92 -34.41
N ARG B 481 -13.88 42.37 -34.02
CA ARG B 481 -12.79 42.50 -34.97
C ARG B 481 -11.43 42.43 -34.29
N TRP B 482 -11.23 41.39 -33.49
CA TRP B 482 -9.89 41.11 -32.98
C TRP B 482 -8.92 40.99 -34.15
N GLY B 483 -7.76 41.64 -34.03
CA GLY B 483 -6.78 41.63 -35.09
C GLY B 483 -6.81 42.84 -36.02
N THR B 484 -7.60 43.87 -35.70
CA THR B 484 -7.57 45.10 -36.46
C THR B 484 -6.93 46.16 -35.59
N VAL B 485 -7.69 46.98 -34.87
CA VAL B 485 -7.09 48.12 -34.19
C VAL B 485 -6.21 47.70 -33.02
N ASP B 486 -6.49 46.54 -32.42
CA ASP B 486 -5.65 46.07 -31.32
C ASP B 486 -4.25 45.71 -31.81
N ALA B 487 -4.16 44.95 -32.90
CA ALA B 487 -2.85 44.63 -33.47
C ALA B 487 -2.16 45.89 -34.00
N ASP B 488 -2.93 46.80 -34.61
CA ASP B 488 -2.35 48.07 -35.04
C ASP B 488 -1.76 48.82 -33.86
N ASP B 489 -2.55 49.00 -32.79
CA ASP B 489 -2.07 49.71 -31.62
C ASP B 489 -0.78 49.10 -31.07
N LEU B 490 -0.71 47.76 -31.02
CA LEU B 490 0.44 47.10 -30.40
C LEU B 490 1.72 47.31 -31.19
N LEU B 491 1.65 47.16 -32.53
CA LEU B 491 2.81 47.37 -33.37
C LEU B 491 3.14 48.84 -33.53
N ASN B 492 2.12 49.69 -33.50
CA ASN B 492 2.35 51.13 -33.43
C ASN B 492 3.10 51.49 -32.16
N PHE B 493 2.63 50.96 -31.02
CA PHE B 493 3.31 51.19 -29.75
C PHE B 493 4.76 50.71 -29.80
N PHE B 494 4.98 49.55 -30.39
CA PHE B 494 6.33 49.00 -30.43
C PHE B 494 7.27 49.87 -31.26
N ASP B 495 6.77 50.38 -32.39
CA ASP B 495 7.56 51.28 -33.23
C ASP B 495 7.90 52.55 -32.46
N ARG B 496 6.97 53.04 -31.64
CA ARG B 496 7.25 54.21 -30.81
C ARG B 496 8.33 53.90 -29.78
N CYS B 497 8.36 52.67 -29.25
CA CYS B 497 9.37 52.28 -28.27
C CYS B 497 10.77 52.33 -28.89
N LEU B 498 10.93 51.71 -30.06
CA LEU B 498 12.22 51.74 -30.75
C LEU B 498 12.61 53.14 -31.16
N GLU B 499 11.65 53.96 -31.49
CA GLU B 499 11.92 55.35 -31.79
C GLU B 499 12.30 56.11 -30.52
N ALA B 500 11.49 55.99 -29.46
CA ALA B 500 11.73 56.79 -28.27
C ALA B 500 12.95 56.29 -27.50
N VAL B 501 13.29 55.01 -27.62
CA VAL B 501 14.41 54.47 -26.87
C VAL B 501 15.43 53.89 -27.84
N PRO B 502 16.43 54.67 -28.28
CA PRO B 502 17.39 54.16 -29.26
C PRO B 502 18.16 52.95 -28.77
N ARG B 503 18.21 52.73 -27.46
CA ARG B 503 18.96 51.60 -26.91
C ARG B 503 18.38 50.26 -27.38
N LEU B 504 17.09 50.24 -27.70
CA LEU B 504 16.43 49.02 -28.14
C LEU B 504 16.95 48.60 -29.51
N ASP B 505 17.28 47.31 -29.65
CA ASP B 505 17.82 46.76 -30.88
C ASP B 505 16.68 46.34 -31.79
N ALA B 506 16.46 47.11 -32.85
CA ALA B 506 15.38 46.79 -33.78
C ALA B 506 15.64 45.52 -34.58
N ALA B 507 16.86 44.98 -34.52
CA ALA B 507 17.20 43.74 -35.22
C ALA B 507 17.14 42.50 -34.33
N LYS B 508 16.92 42.67 -33.02
CA LYS B 508 16.78 41.56 -32.08
C LYS B 508 15.50 41.82 -31.28
N THR B 509 14.37 41.47 -31.86
CA THR B 509 13.07 41.74 -31.26
C THR B 509 12.27 40.45 -31.17
N ALA B 510 11.36 40.39 -30.19
CA ALA B 510 10.47 39.25 -30.03
C ALA B 510 9.10 39.76 -29.60
N VAL B 511 8.09 38.95 -29.85
CA VAL B 511 6.72 39.25 -29.45
C VAL B 511 6.22 38.09 -28.59
N MET B 512 5.54 38.41 -27.50
CA MET B 512 5.15 37.42 -26.50
C MET B 512 3.82 37.82 -25.87
N GLY B 513 3.08 36.84 -25.42
CA GLY B 513 1.87 37.11 -24.66
C GLY B 513 1.15 35.83 -24.29
N GLY B 514 0.25 35.96 -23.32
CA GLY B 514 -0.51 34.83 -22.81
C GLY B 514 -2.00 34.97 -23.05
N ALA B 515 -2.66 33.84 -23.22
CA ALA B 515 -4.10 33.77 -23.48
C ALA B 515 -4.44 34.61 -24.70
N TYR B 516 -5.18 35.71 -24.50
CA TYR B 516 -5.39 36.66 -25.60
C TYR B 516 -4.07 37.16 -26.13
N GLY B 517 -3.07 37.32 -25.26
CA GLY B 517 -1.75 37.69 -25.71
C GLY B 517 -1.13 36.61 -26.57
N GLY B 518 -1.48 35.34 -26.31
CA GLY B 518 -1.08 34.28 -27.20
C GLY B 518 -1.85 34.33 -28.50
N PHE B 519 -3.15 34.59 -28.43
CA PHE B 519 -3.92 34.84 -29.65
C PHE B 519 -3.26 35.92 -30.51
N MET B 520 -2.92 37.07 -29.88
CA MET B 520 -2.36 38.18 -30.64
C MET B 520 -0.96 37.87 -31.13
N THR B 521 -0.17 37.13 -30.33
CA THR B 521 1.15 36.72 -30.77
C THR B 521 1.06 35.88 -32.04
N ASN B 522 0.10 34.94 -32.07
CA ASN B 522 -0.10 34.14 -33.28
C ASN B 522 -0.59 35.01 -34.42
N TRP B 523 -1.55 35.89 -34.14
CA TRP B 523 -2.03 36.77 -35.19
C TRP B 523 -0.88 37.64 -35.71
N ILE B 524 -0.06 38.19 -34.82
CA ILE B 524 0.97 39.10 -35.27
C ILE B 524 1.99 38.37 -36.14
N THR B 525 2.54 37.24 -35.64
CA THR B 525 3.51 36.46 -36.41
C THR B 525 2.95 35.97 -37.75
N GLY B 526 1.64 35.80 -37.86
CA GLY B 526 1.02 35.41 -39.11
C GLY B 526 0.70 36.53 -40.06
N HIS B 527 0.96 37.78 -39.68
CA HIS B 527 0.76 38.91 -40.55
C HIS B 527 1.99 39.81 -40.66
N THR B 528 3.10 39.48 -40.01
CA THR B 528 4.36 40.19 -40.24
C THR B 528 5.55 39.31 -39.89
N THR B 529 6.68 39.57 -40.55
CA THR B 529 7.90 38.80 -40.32
C THR B 529 8.94 39.56 -39.48
N ARG B 530 8.58 40.73 -38.94
CA ARG B 530 9.59 41.61 -38.35
C ARG B 530 10.26 40.99 -37.14
N PHE B 531 9.56 40.15 -36.38
CA PHE B 531 10.13 39.65 -35.13
C PHE B 531 11.09 38.50 -35.38
N GLN B 532 12.13 38.43 -34.55
CA GLN B 532 13.12 37.38 -34.65
C GLN B 532 12.77 36.15 -33.81
N ALA B 533 11.95 36.33 -32.79
CA ALA B 533 11.45 35.23 -31.99
C ALA B 533 10.02 35.52 -31.59
N ALA B 534 9.33 34.48 -31.12
CA ALA B 534 7.98 34.63 -30.62
C ALA B 534 7.76 33.57 -29.54
N ILE B 535 7.09 33.95 -28.46
CA ILE B 535 6.70 33.03 -27.42
C ILE B 535 5.20 33.17 -27.26
N THR B 536 4.46 32.12 -27.57
CA THR B 536 3.01 32.13 -27.44
C THR B 536 2.59 31.20 -26.30
N ASP B 537 1.82 31.74 -25.36
CA ASP B 537 1.50 31.05 -24.12
C ASP B 537 -0.02 30.99 -23.97
N ARG B 538 -0.54 29.79 -23.71
CA ARG B 538 -1.97 29.56 -23.57
C ARG B 538 -2.74 30.20 -24.74
N CYS B 539 -2.24 29.93 -25.94
CA CYS B 539 -2.67 30.67 -27.12
C CYS B 539 -4.01 30.18 -27.63
N ILE B 540 -4.65 31.04 -28.41
CA ILE B 540 -5.79 30.67 -29.22
C ILE B 540 -5.36 30.76 -30.68
N SER B 541 -5.55 29.67 -31.42
CA SER B 541 -5.26 29.58 -32.84
C SER B 541 -6.49 29.38 -33.70
N ASN B 542 -7.47 28.63 -33.22
CA ASN B 542 -8.66 28.27 -34.00
C ASN B 542 -9.88 28.69 -33.18
N LEU B 543 -10.52 29.78 -33.60
CA LEU B 543 -11.63 30.32 -32.80
C LEU B 543 -12.88 29.44 -32.89
N ILE B 544 -13.03 28.68 -33.97
CA ILE B 544 -14.19 27.80 -34.10
C ILE B 544 -14.10 26.65 -33.10
N SER B 545 -12.99 25.91 -33.12
CA SER B 545 -12.84 24.80 -32.18
C SER B 545 -12.87 25.29 -30.74
N PHE B 546 -12.32 26.49 -30.48
CA PHE B 546 -12.36 27.06 -29.14
C PHE B 546 -13.80 27.19 -28.65
N GLY B 547 -14.72 27.57 -29.54
CA GLY B 547 -16.11 27.68 -29.12
C GLY B 547 -16.68 26.37 -28.60
N GLY B 548 -16.22 25.24 -29.13
CA GLY B 548 -16.77 23.94 -28.77
C GLY B 548 -15.99 23.17 -27.72
N THR B 549 -14.74 23.54 -27.49
CA THR B 549 -13.87 22.84 -26.55
C THR B 549 -13.69 23.55 -25.22
N SER B 550 -13.68 24.87 -25.21
CA SER B 550 -13.42 25.62 -23.99
C SER B 550 -14.67 25.68 -23.11
N ASP B 551 -14.43 25.73 -21.79
CA ASP B 551 -15.55 25.77 -20.84
C ASP B 551 -16.20 27.14 -20.75
N ILE B 552 -15.74 28.13 -21.52
CA ILE B 552 -16.47 29.38 -21.69
C ILE B 552 -16.74 29.64 -23.17
N GLY B 553 -16.54 28.64 -24.02
CA GLY B 553 -16.71 28.78 -25.44
C GLY B 553 -18.14 29.07 -25.84
N LEU B 554 -19.10 28.70 -25.00
CA LEU B 554 -20.50 28.80 -25.35
C LEU B 554 -21.00 30.25 -25.36
N ARG B 555 -20.29 31.16 -24.69
CA ARG B 555 -20.67 32.57 -24.67
C ARG B 555 -19.54 33.55 -24.99
N PHE B 556 -18.27 33.13 -24.95
CA PHE B 556 -17.17 34.09 -25.05
C PHE B 556 -17.18 34.83 -26.38
N TRP B 557 -17.16 34.10 -27.50
CA TRP B 557 -17.19 34.76 -28.80
C TRP B 557 -18.51 35.48 -29.01
N ASP B 558 -19.59 35.00 -28.38
CA ASP B 558 -20.87 35.67 -28.48
C ASP B 558 -20.80 37.08 -27.88
N ASP B 559 -20.17 37.21 -26.71
CA ASP B 559 -20.05 38.52 -26.07
C ASP B 559 -18.91 39.34 -26.67
N GLU B 560 -17.78 38.70 -26.98
CA GLU B 560 -16.62 39.45 -27.46
C GLU B 560 -16.75 39.84 -28.92
N LEU B 561 -17.49 39.06 -29.71
CA LEU B 561 -17.55 39.29 -31.16
C LEU B 561 -18.96 39.25 -31.73
N GLY B 562 -19.97 38.84 -30.98
CA GLY B 562 -21.29 38.66 -31.55
C GLY B 562 -21.35 37.53 -32.56
N LEU B 563 -20.62 36.45 -32.31
CA LEU B 563 -20.52 35.32 -33.23
C LEU B 563 -20.80 34.03 -32.50
N ASP B 564 -21.63 33.18 -33.11
CA ASP B 564 -22.00 31.87 -32.57
C ASP B 564 -21.38 30.82 -33.48
N PHE B 565 -20.42 30.06 -32.94
CA PHE B 565 -19.72 29.08 -33.78
C PHE B 565 -20.66 28.03 -34.33
N SER B 566 -21.83 27.85 -33.71
CA SER B 566 -22.79 26.85 -34.15
C SER B 566 -23.73 27.37 -35.23
N ARG B 567 -23.44 28.52 -35.81
CA ARG B 567 -24.20 29.07 -36.94
C ARG B 567 -23.25 29.28 -38.11
N ARG B 568 -23.70 28.90 -39.31
CA ARG B 568 -22.78 28.76 -40.45
C ARG B 568 -22.09 30.08 -40.79
N ALA B 569 -22.86 31.16 -40.94
CA ALA B 569 -22.27 32.43 -41.35
C ALA B 569 -21.34 32.98 -40.27
N ASP B 570 -21.68 32.77 -38.99
CA ASP B 570 -20.82 33.25 -37.92
C ASP B 570 -19.50 32.48 -37.87
N ALA B 571 -19.56 31.16 -38.08
CA ALA B 571 -18.35 30.35 -38.01
C ALA B 571 -17.34 30.78 -39.06
N LEU B 572 -17.82 31.14 -40.26
CA LEU B 572 -16.92 31.59 -41.32
C LEU B 572 -16.21 32.88 -40.94
N LYS B 573 -16.93 33.80 -40.31
CA LYS B 573 -16.30 35.00 -39.79
C LYS B 573 -15.33 34.65 -38.66
N LEU B 574 -15.69 33.66 -37.84
CA LEU B 574 -14.79 33.23 -36.79
C LEU B 574 -13.51 32.63 -37.37
N TRP B 575 -13.64 31.86 -38.46
CA TRP B 575 -12.46 31.30 -39.10
C TRP B 575 -11.57 32.40 -39.68
N ASP B 576 -12.19 33.45 -40.24
CA ASP B 576 -11.39 34.55 -40.78
C ASP B 576 -10.71 35.36 -39.69
N LEU B 577 -11.20 35.31 -38.46
CA LEU B 577 -10.54 35.92 -37.31
C LEU B 577 -9.56 34.98 -36.61
N SER B 578 -9.37 33.75 -37.11
CA SER B 578 -8.52 32.76 -36.45
C SER B 578 -7.08 32.87 -36.99
N PRO B 579 -6.07 33.02 -36.12
CA PRO B 579 -4.68 33.14 -36.62
C PRO B 579 -4.24 31.93 -37.42
N LEU B 580 -4.90 30.79 -37.25
CA LEU B 580 -4.53 29.59 -37.98
C LEU B 580 -4.79 29.73 -39.47
N GLN B 581 -5.77 30.53 -39.87
CA GLN B 581 -5.98 30.76 -41.29
C GLN B 581 -4.72 31.34 -41.96
N TYR B 582 -3.95 32.14 -41.23
CA TYR B 582 -2.81 32.84 -41.80
C TYR B 582 -1.49 32.23 -41.36
N VAL B 583 -1.52 30.98 -40.89
CA VAL B 583 -0.31 30.35 -40.37
C VAL B 583 0.75 30.15 -41.44
N GLU B 584 0.35 30.07 -42.72
CA GLU B 584 1.34 29.87 -43.77
C GLU B 584 2.34 31.02 -43.85
N ASN B 585 1.95 32.22 -43.40
CA ASN B 585 2.85 33.36 -43.44
C ASN B 585 3.81 33.38 -42.27
N VAL B 586 3.63 32.52 -41.27
CA VAL B 586 4.51 32.56 -40.09
C VAL B 586 5.89 32.08 -40.51
N LYS B 587 6.91 32.87 -40.20
CA LYS B 587 8.29 32.45 -40.34
C LYS B 587 9.10 32.67 -39.08
N THR B 588 8.49 33.15 -38.02
CA THR B 588 9.21 33.51 -36.81
C THR B 588 9.42 32.27 -35.93
N PRO B 589 10.64 32.00 -35.50
CA PRO B 589 10.86 30.88 -34.57
C PRO B 589 10.03 31.09 -33.31
N THR B 590 9.12 30.16 -33.06
CA THR B 590 8.10 30.32 -32.03
C THR B 590 8.27 29.26 -30.95
N LEU B 591 8.22 29.69 -29.70
CA LEU B 591 8.08 28.80 -28.55
C LEU B 591 6.62 28.80 -28.12
N ILE B 592 6.03 27.60 -28.06
CA ILE B 592 4.62 27.42 -27.70
C ILE B 592 4.56 26.82 -26.31
N VAL B 593 3.85 27.48 -25.40
CA VAL B 593 3.74 27.06 -24.01
C VAL B 593 2.27 26.85 -23.69
N HIS B 594 1.95 25.69 -23.12
CA HIS B 594 0.56 25.35 -22.86
C HIS B 594 0.49 24.23 -21.83
N SER B 595 -0.61 24.22 -21.08
CA SER B 595 -0.93 23.13 -20.16
C SER B 595 -1.71 22.05 -20.90
N VAL B 596 -1.43 20.79 -20.56
CA VAL B 596 -2.08 19.69 -21.26
C VAL B 596 -3.57 19.63 -20.91
N LEU B 597 -3.93 19.96 -19.67
CA LEU B 597 -5.31 19.82 -19.20
C LEU B 597 -6.00 21.17 -18.95
N ASP B 598 -5.67 22.19 -19.73
CA ASP B 598 -6.33 23.49 -19.63
C ASP B 598 -7.79 23.36 -20.08
N HIS B 599 -8.72 23.76 -19.21
CA HIS B 599 -10.14 23.73 -19.54
C HIS B 599 -10.62 25.02 -20.19
N ARG B 600 -9.99 26.15 -19.86
CA ARG B 600 -10.40 27.43 -20.41
C ARG B 600 -9.83 27.65 -21.80
N CYS B 601 -8.63 27.15 -22.06
CA CYS B 601 -7.98 27.23 -23.37
C CYS B 601 -7.41 25.87 -23.68
N PRO B 602 -8.22 24.94 -24.18
CA PRO B 602 -7.75 23.57 -24.39
C PRO B 602 -6.52 23.51 -25.28
N VAL B 603 -5.66 22.53 -24.98
CA VAL B 603 -4.37 22.39 -25.63
C VAL B 603 -4.52 22.17 -27.14
N GLU B 604 -5.71 21.80 -27.61
CA GLU B 604 -5.94 21.63 -29.03
C GLU B 604 -5.60 22.92 -29.79
N GLN B 605 -5.74 24.07 -29.13
CA GLN B 605 -5.36 25.34 -29.76
C GLN B 605 -3.85 25.40 -30.01
N ALA B 606 -3.05 24.94 -29.05
CA ALA B 606 -1.60 24.94 -29.21
C ALA B 606 -1.12 23.82 -30.12
N GLU B 607 -1.84 22.69 -30.15
CA GLU B 607 -1.45 21.60 -31.02
C GLU B 607 -1.60 21.99 -32.48
N GLN B 608 -2.66 22.73 -32.81
CA GLN B 608 -2.87 23.16 -34.19
C GLN B 608 -1.76 24.09 -34.65
N TRP B 609 -1.37 25.04 -33.80
CA TRP B 609 -0.28 25.95 -34.15
C TRP B 609 1.03 25.19 -34.32
N TYR B 610 1.37 24.33 -33.37
CA TYR B 610 2.62 23.57 -33.47
C TYR B 610 2.66 22.72 -34.72
N ALA B 611 1.60 21.94 -34.96
CA ALA B 611 1.57 21.08 -36.15
C ALA B 611 1.73 21.90 -37.43
N ALA B 612 1.12 23.09 -37.47
CA ALA B 612 1.21 23.91 -38.67
C ALA B 612 2.61 24.47 -38.84
N LEU B 613 3.17 25.06 -37.78
CA LEU B 613 4.54 25.55 -37.87
C LEU B 613 5.50 24.43 -38.22
N HIS B 614 5.24 23.23 -37.69
CA HIS B 614 6.14 22.11 -37.92
C HIS B 614 6.11 21.68 -39.39
N LYS B 615 4.93 21.64 -40.00
CA LYS B 615 4.88 21.25 -41.42
C LYS B 615 5.59 22.28 -42.30
N HIS B 616 5.51 23.55 -41.95
CA HIS B 616 6.24 24.59 -42.70
C HIS B 616 7.70 24.65 -42.31
N GLN B 617 8.10 23.83 -41.34
CA GLN B 617 9.45 23.76 -40.77
C GLN B 617 9.88 25.12 -40.22
N VAL B 618 8.93 25.85 -39.70
CA VAL B 618 9.35 27.03 -38.95
C VAL B 618 9.95 26.56 -37.63
N PRO B 619 11.10 27.05 -37.23
CA PRO B 619 11.69 26.61 -35.95
C PRO B 619 10.69 26.76 -34.82
N VAL B 620 10.31 25.64 -34.20
CA VAL B 620 9.21 25.59 -33.26
C VAL B 620 9.56 24.67 -32.11
N ARG B 621 9.05 24.99 -30.93
CA ARG B 621 9.22 24.18 -29.74
C ARG B 621 7.93 24.23 -28.93
N PHE B 622 7.48 23.08 -28.45
CA PHE B 622 6.17 22.94 -27.82
C PHE B 622 6.37 22.34 -26.43
N VAL B 623 6.24 23.18 -25.41
CA VAL B 623 6.32 22.75 -24.02
C VAL B 623 4.91 22.47 -23.52
N ARG B 624 4.64 21.21 -23.17
CA ARG B 624 3.33 20.80 -22.68
C ARG B 624 3.43 20.57 -21.19
N PHE B 625 2.76 21.42 -20.41
CA PHE B 625 2.87 21.38 -18.95
C PHE B 625 1.89 20.39 -18.36
N PRO B 626 2.32 19.49 -17.48
CA PRO B 626 1.35 18.65 -16.77
C PRO B 626 0.57 19.40 -15.71
N GLU B 627 1.15 20.45 -15.14
CA GLU B 627 0.46 21.29 -14.17
C GLU B 627 -0.40 22.32 -14.88
N GLU B 628 -1.63 22.49 -14.40
CA GLU B 628 -2.52 23.51 -14.95
C GLU B 628 -2.00 24.90 -14.61
N ASN B 629 -2.63 25.91 -15.21
CA ASN B 629 -2.25 27.28 -14.91
C ASN B 629 -2.60 27.63 -13.47
N HIS B 630 -1.87 28.60 -12.92
CA HIS B 630 -2.04 29.04 -11.53
C HIS B 630 -1.81 27.89 -10.55
N GLU B 631 -0.84 27.02 -10.87
CA GLU B 631 -0.54 25.92 -9.98
C GLU B 631 0.09 26.41 -8.68
N LEU B 632 0.85 27.50 -8.73
CA LEU B 632 1.43 28.06 -7.52
C LEU B 632 0.34 28.38 -6.49
N SER B 633 -0.78 28.95 -6.94
CA SER B 633 -1.88 29.22 -6.03
C SER B 633 -2.60 27.93 -5.62
N ARG B 634 -2.59 26.91 -6.46
CA ARG B 634 -3.40 25.72 -6.24
C ARG B 634 -2.71 24.69 -5.36
N SER B 635 -1.40 24.55 -5.45
CA SER B 635 -0.68 23.55 -4.67
C SER B 635 0.55 24.11 -3.97
N GLY B 636 0.95 25.36 -4.24
CA GLY B 636 2.16 25.90 -3.71
C GLY B 636 3.42 25.45 -4.43
N ARG B 637 3.31 24.58 -5.42
CA ARG B 637 4.48 24.12 -6.16
C ARG B 637 4.86 25.15 -7.22
N PRO B 638 6.05 25.74 -7.15
CA PRO B 638 6.48 26.71 -8.16
C PRO B 638 7.14 26.12 -9.39
N ASP B 639 7.07 24.79 -9.59
CA ASP B 639 7.79 24.16 -10.68
C ASP B 639 7.35 24.71 -12.03
N ARG B 640 6.04 24.88 -12.21
CA ARG B 640 5.54 25.39 -13.49
C ARG B 640 6.06 26.78 -13.79
N ARG B 641 6.10 27.63 -12.77
CA ARG B 641 6.55 29.00 -12.99
C ARG B 641 8.03 29.05 -13.33
N LEU B 642 8.84 28.23 -12.66
CA LEU B 642 10.26 28.21 -12.96
C LEU B 642 10.51 27.61 -14.34
N THR B 643 9.85 26.49 -14.65
CA THR B 643 10.04 25.86 -15.95
C THR B 643 9.64 26.80 -17.09
N ARG B 644 8.50 27.49 -16.95
CA ARG B 644 8.08 28.43 -17.97
C ARG B 644 9.13 29.53 -18.18
N LEU B 645 9.64 30.09 -17.10
CA LEU B 645 10.65 31.14 -17.23
C LEU B 645 11.94 30.58 -17.83
N ASN B 646 12.35 29.38 -17.42
CA ASN B 646 13.52 28.75 -18.03
C ASN B 646 13.34 28.62 -19.53
N GLU B 647 12.18 28.14 -19.97
CA GLU B 647 11.96 27.95 -21.40
C GLU B 647 11.89 29.28 -22.13
N TYR B 648 11.27 30.29 -21.51
CA TYR B 648 11.22 31.63 -22.09
C TYR B 648 12.61 32.15 -22.38
N PHE B 649 13.45 32.19 -21.34
CA PHE B 649 14.79 32.76 -21.49
C PHE B 649 15.65 31.91 -22.41
N ALA B 650 15.50 30.58 -22.34
CA ALA B 650 16.26 29.71 -23.23
C ALA B 650 15.94 30.02 -24.69
N TRP B 651 14.64 30.17 -25.01
CA TRP B 651 14.25 30.50 -26.38
C TRP B 651 14.79 31.86 -26.81
N LEU B 652 14.74 32.85 -25.90
CA LEU B 652 15.24 34.18 -26.23
C LEU B 652 16.75 34.16 -26.44
N GLU B 653 17.48 33.37 -25.66
CA GLU B 653 18.93 33.34 -25.82
C GLU B 653 19.33 32.67 -27.13
N ARG B 654 18.48 31.78 -27.65
CA ARG B 654 18.81 31.10 -28.90
C ARG B 654 18.67 32.01 -30.12
N TRP B 655 17.67 32.89 -30.12
CA TRP B 655 17.36 33.67 -31.32
C TRP B 655 17.70 35.14 -31.20
N LEU B 656 17.91 35.67 -30.00
CA LEU B 656 18.28 37.08 -29.84
C LEU B 656 19.71 37.21 -29.32
N ALA C 9 -35.31 -10.83 -23.76
CA ALA C 9 -34.51 -10.45 -24.91
C ALA C 9 -33.04 -10.33 -24.55
N PRO C 10 -32.15 -10.70 -25.47
CA PRO C 10 -30.71 -10.64 -25.17
C PRO C 10 -30.23 -9.21 -24.97
N GLY C 11 -29.16 -9.09 -24.20
CA GLY C 11 -28.57 -7.80 -23.92
C GLY C 11 -27.10 -7.76 -24.31
N PRO C 12 -26.45 -6.62 -24.09
CA PRO C 12 -25.02 -6.52 -24.41
C PRO C 12 -24.17 -7.60 -23.76
N ASP C 13 -24.52 -8.04 -22.55
CA ASP C 13 -23.71 -9.06 -21.88
C ASP C 13 -23.68 -10.39 -22.64
N SER C 14 -24.56 -10.59 -23.64
CA SER C 14 -24.45 -11.77 -24.48
C SER C 14 -23.05 -11.93 -25.05
N LEU C 15 -22.30 -10.83 -25.16
CA LEU C 15 -20.93 -10.89 -25.66
C LEU C 15 -20.05 -11.75 -24.75
N LEU C 16 -20.32 -11.74 -23.44
CA LEU C 16 -19.50 -12.48 -22.50
C LEU C 16 -19.63 -13.99 -22.63
N ALA C 17 -20.57 -14.47 -23.44
CA ALA C 17 -20.64 -15.89 -23.74
C ALA C 17 -19.56 -16.32 -24.72
N LEU C 18 -18.97 -15.38 -25.45
CA LEU C 18 -18.13 -15.71 -26.58
C LEU C 18 -16.66 -15.83 -26.19
N ALA C 19 -15.97 -16.76 -26.85
CA ALA C 19 -14.52 -16.82 -26.83
C ALA C 19 -13.99 -16.44 -28.20
N PHE C 20 -12.84 -15.77 -28.22
CA PHE C 20 -12.36 -15.12 -29.44
C PHE C 20 -11.10 -15.79 -29.97
N PRO C 21 -11.13 -16.35 -31.17
CA PRO C 21 -9.95 -16.98 -31.75
C PRO C 21 -9.08 -15.99 -32.51
N SER C 22 -7.80 -16.32 -32.58
CA SER C 22 -6.84 -15.45 -33.27
C SER C 22 -5.56 -16.22 -33.52
N ASP C 23 -4.76 -15.68 -34.44
CA ASP C 23 -3.42 -16.16 -34.76
C ASP C 23 -3.39 -17.66 -35.02
N PRO C 24 -4.01 -18.14 -36.10
CA PRO C 24 -3.96 -19.57 -36.43
C PRO C 24 -2.63 -19.92 -37.09
N GLN C 25 -1.77 -20.60 -36.36
CA GLN C 25 -0.41 -20.90 -36.82
C GLN C 25 -0.30 -22.38 -37.15
N VAL C 26 -0.07 -22.69 -38.42
CA VAL C 26 0.10 -24.07 -38.87
C VAL C 26 1.50 -24.55 -38.53
N SER C 27 1.62 -25.84 -38.22
CA SER C 27 2.92 -26.42 -37.95
C SER C 27 3.73 -26.54 -39.24
N PRO C 28 5.06 -26.63 -39.13
CA PRO C 28 5.87 -26.76 -40.34
C PRO C 28 5.55 -27.99 -41.17
N ASP C 29 5.14 -29.09 -40.54
CA ASP C 29 4.77 -30.28 -41.32
C ASP C 29 3.33 -30.22 -41.84
N GLY C 30 2.58 -29.17 -41.50
CA GLY C 30 1.27 -28.96 -42.05
C GLY C 30 0.17 -29.79 -41.45
N LYS C 31 0.42 -30.52 -40.37
CA LYS C 31 -0.55 -31.43 -39.80
C LYS C 31 -1.12 -30.95 -38.47
N GLN C 32 -0.73 -29.75 -38.00
CA GLN C 32 -1.19 -29.21 -36.73
C GLN C 32 -1.44 -27.71 -36.86
N VAL C 33 -2.28 -27.21 -35.95
CA VAL C 33 -2.50 -25.76 -35.81
C VAL C 33 -2.49 -25.41 -34.33
N ALA C 34 -1.65 -24.43 -33.97
CA ALA C 34 -1.69 -23.78 -32.67
C ALA C 34 -2.25 -22.37 -32.83
N PHE C 35 -3.14 -21.99 -31.91
CA PHE C 35 -3.76 -20.66 -32.00
C PHE C 35 -4.06 -20.13 -30.62
N VAL C 36 -4.49 -18.86 -30.58
CA VAL C 36 -4.82 -18.16 -29.36
C VAL C 36 -6.33 -18.09 -29.22
N LEU C 37 -6.82 -18.21 -27.99
CA LEU C 37 -8.25 -18.08 -27.72
C LEU C 37 -8.42 -17.26 -26.45
N ALA C 38 -9.18 -16.18 -26.54
CA ALA C 38 -9.44 -15.30 -25.41
C ALA C 38 -10.84 -15.58 -24.89
N GLN C 39 -10.93 -15.90 -23.60
CA GLN C 39 -12.16 -16.30 -22.95
C GLN C 39 -12.22 -15.69 -21.55
N ILE C 40 -13.43 -15.66 -20.99
CA ILE C 40 -13.61 -15.11 -19.65
C ILE C 40 -13.05 -16.04 -18.59
N PRO C 55 -15.29 -9.14 -14.65
CA PRO C 55 -15.13 -10.13 -15.73
C PRO C 55 -14.10 -9.67 -16.77
N ARG C 56 -13.04 -10.45 -16.96
CA ARG C 56 -11.95 -10.07 -17.85
C ARG C 56 -11.57 -11.24 -18.76
N TYR C 57 -11.20 -10.89 -19.99
CA TYR C 57 -10.76 -11.88 -20.98
C TYR C 57 -9.26 -12.11 -20.85
N ARG C 58 -8.86 -13.37 -20.83
CA ARG C 58 -7.46 -13.77 -20.85
C ARG C 58 -7.28 -14.82 -21.93
N SER C 59 -6.10 -14.85 -22.53
CA SER C 59 -5.86 -15.69 -23.70
C SER C 59 -4.87 -16.80 -23.36
N GLY C 60 -5.11 -17.98 -23.94
CA GLY C 60 -4.16 -19.08 -23.83
C GLY C 60 -3.98 -19.74 -25.18
N LEU C 61 -2.91 -20.52 -25.26
CA LEU C 61 -2.61 -21.27 -26.48
C LEU C 61 -3.47 -22.50 -26.56
N TRP C 62 -4.01 -22.77 -27.75
CA TRP C 62 -4.74 -24.00 -28.02
C TRP C 62 -4.04 -24.73 -29.16
N LEU C 63 -4.28 -26.04 -29.25
CA LEU C 63 -3.59 -26.87 -30.22
C LEU C 63 -4.54 -27.96 -30.71
N SER C 64 -4.44 -28.25 -32.01
CA SER C 64 -5.20 -29.33 -32.63
C SER C 64 -4.33 -29.99 -33.69
N GLU C 65 -4.45 -31.31 -33.80
CA GLU C 65 -3.79 -32.09 -34.83
C GLU C 65 -4.75 -32.49 -35.95
N GLY C 66 -6.01 -32.08 -35.85
CA GLY C 66 -7.02 -32.44 -36.82
C GLY C 66 -8.37 -32.54 -36.16
N GLY C 67 -8.39 -32.82 -34.87
CA GLY C 67 -9.60 -32.94 -34.10
C GLY C 67 -9.91 -31.69 -33.30
N ALA C 68 -10.79 -31.86 -32.31
CA ALA C 68 -11.18 -30.75 -31.46
C ALA C 68 -9.96 -30.18 -30.74
N ALA C 69 -9.81 -28.86 -30.80
CA ALA C 69 -8.66 -28.22 -30.17
C ALA C 69 -8.73 -28.35 -28.66
N ARG C 70 -7.55 -28.42 -28.05
CA ARG C 70 -7.37 -28.55 -26.61
C ARG C 70 -6.47 -27.43 -26.10
N PRO C 71 -6.71 -26.95 -24.88
CA PRO C 71 -5.84 -25.90 -24.34
C PRO C 71 -4.45 -26.41 -24.02
N LEU C 72 -3.46 -25.55 -24.26
CA LEU C 72 -2.07 -25.84 -24.01
C LEU C 72 -1.53 -25.12 -22.78
N THR C 73 -2.00 -23.89 -22.53
CA THR C 73 -1.67 -23.11 -21.36
C THR C 73 -2.96 -22.75 -20.63
N HIS C 74 -2.81 -22.18 -19.41
CA HIS C 74 -3.98 -21.89 -18.57
C HIS C 74 -3.67 -20.64 -17.72
N ALA C 75 -3.73 -19.48 -18.37
CA ALA C 75 -3.45 -18.24 -17.67
C ALA C 75 -4.60 -17.86 -16.74
N GLU C 76 -4.23 -17.45 -15.52
CA GLU C 76 -5.18 -16.95 -14.53
C GLU C 76 -4.99 -15.47 -14.22
N THR C 77 -3.81 -14.92 -14.49
CA THR C 77 -3.52 -13.52 -14.24
C THR C 77 -2.95 -12.91 -15.50
N GLY C 78 -2.93 -11.57 -15.53
CA GLY C 78 -2.41 -10.88 -16.69
C GLY C 78 -3.32 -11.03 -17.90
N ARG C 79 -2.77 -10.66 -19.06
CA ARG C 79 -3.51 -10.77 -20.30
C ARG C 79 -3.50 -12.19 -20.85
N GLY C 80 -2.50 -12.99 -20.51
CA GLY C 80 -2.42 -14.36 -20.96
C GLY C 80 -1.24 -14.61 -21.88
N ASP C 81 -1.36 -15.69 -22.65
CA ASP C 81 -0.30 -16.13 -23.55
C ASP C 81 -0.74 -15.94 -24.99
N SER C 82 0.21 -15.60 -25.85
CA SER C 82 -0.10 -15.16 -27.20
C SER C 82 1.12 -15.38 -28.09
N ALA C 83 0.93 -15.11 -29.38
CA ALA C 83 1.98 -15.22 -30.39
C ALA C 83 2.63 -16.61 -30.41
N PRO C 84 1.87 -17.67 -30.63
CA PRO C 84 2.49 -19.01 -30.73
C PRO C 84 3.23 -19.15 -32.05
N ARG C 85 4.47 -19.63 -32.00
CA ARG C 85 5.24 -19.81 -33.22
C ARG C 85 6.02 -21.12 -33.16
N TRP C 86 5.81 -21.96 -34.15
CA TRP C 86 6.44 -23.28 -34.21
C TRP C 86 7.94 -23.18 -34.42
N SER C 87 8.69 -23.96 -33.66
CA SER C 87 10.06 -24.24 -34.05
C SER C 87 10.02 -25.08 -35.32
N PRO C 88 11.02 -24.94 -36.19
CA PRO C 88 11.01 -25.70 -37.45
C PRO C 88 10.91 -27.21 -37.28
N ASP C 89 11.48 -27.78 -36.21
CA ASP C 89 11.40 -29.22 -36.01
C ASP C 89 10.03 -29.68 -35.49
N GLY C 90 9.10 -28.75 -35.28
CA GLY C 90 7.76 -29.10 -34.81
C GLY C 90 7.65 -29.55 -33.38
N GLN C 91 8.72 -29.41 -32.60
CA GLN C 91 8.77 -29.93 -31.24
C GLN C 91 8.54 -28.88 -30.17
N ASN C 92 8.69 -27.60 -30.49
CA ASN C 92 8.55 -26.55 -29.50
C ASN C 92 7.66 -25.44 -30.03
N LEU C 93 7.10 -24.68 -29.10
CA LEU C 93 6.33 -23.48 -29.39
C LEU C 93 6.98 -22.32 -28.63
N ALA C 94 7.53 -21.37 -29.37
CA ALA C 94 7.81 -20.07 -28.78
C ALA C 94 6.49 -19.32 -28.64
N PHE C 95 6.37 -18.55 -27.57
CA PHE C 95 5.19 -17.70 -27.40
C PHE C 95 5.53 -16.59 -26.41
N VAL C 96 4.59 -15.66 -26.26
CA VAL C 96 4.75 -14.47 -25.42
C VAL C 96 3.75 -14.54 -24.29
N ARG C 97 4.22 -14.32 -23.07
CA ARG C 97 3.41 -14.47 -21.87
C ARG C 97 3.24 -13.13 -21.17
N SER C 98 2.00 -12.81 -20.84
CA SER C 98 1.67 -11.64 -20.03
C SER C 98 1.01 -12.15 -18.76
N ALA C 99 1.67 -11.94 -17.63
CA ALA C 99 1.16 -12.40 -16.33
C ALA C 99 1.15 -11.26 -15.31
N VAL C 102 4.55 -9.52 -15.10
CA VAL C 102 5.30 -9.92 -16.29
C VAL C 102 4.61 -9.38 -17.55
N LYS C 103 5.23 -8.39 -18.19
CA LYS C 103 4.60 -7.70 -19.30
C LYS C 103 4.48 -8.60 -20.53
N ALA C 104 5.61 -9.10 -21.04
CA ALA C 104 5.61 -9.92 -22.24
C ALA C 104 6.91 -10.70 -22.40
N ALA C 105 7.06 -11.80 -21.66
CA ALA C 105 8.29 -12.59 -21.68
C ALA C 105 8.22 -13.66 -22.75
N LEU C 106 9.36 -13.91 -23.39
CA LEU C 106 9.43 -14.94 -24.42
C LEU C 106 9.59 -16.30 -23.76
N MET C 107 8.69 -17.22 -24.13
CA MET C 107 8.64 -18.54 -23.54
C MET C 107 8.92 -19.62 -24.58
N LEU C 108 9.37 -20.77 -24.04
CA LEU C 108 9.75 -21.96 -24.79
C LEU C 108 8.99 -23.17 -24.23
N LEU C 109 8.04 -23.66 -25.01
CA LEU C 109 7.24 -24.78 -24.53
C LEU C 109 7.59 -26.04 -25.29
N PRO C 110 8.19 -27.03 -24.64
CA PRO C 110 8.39 -28.32 -25.30
C PRO C 110 7.07 -29.05 -25.46
N LEU C 111 6.73 -29.38 -26.71
CA LEU C 111 5.38 -29.86 -27.01
C LEU C 111 5.15 -31.31 -26.64
N LYS C 112 6.20 -32.10 -26.43
CA LYS C 112 6.04 -33.51 -26.12
C LYS C 112 6.18 -33.80 -24.64
N GLY C 113 6.05 -32.79 -23.78
CA GLY C 113 6.09 -33.01 -22.34
C GLY C 113 6.84 -31.96 -21.56
N GLY C 114 6.23 -31.42 -20.51
CA GLY C 114 6.89 -30.46 -19.66
C GLY C 114 6.31 -29.06 -19.84
N GLU C 115 6.55 -28.22 -18.83
CA GLU C 115 6.08 -26.85 -18.87
C GLU C 115 7.11 -25.95 -19.53
N ALA C 116 6.67 -24.75 -19.91
CA ALA C 116 7.49 -23.83 -20.67
C ALA C 116 8.57 -23.19 -19.80
N ARG C 117 9.66 -22.79 -20.44
CA ARG C 117 10.74 -22.06 -19.80
C ARG C 117 10.79 -20.64 -20.33
N ARG C 118 11.07 -19.68 -19.45
CA ARG C 118 11.24 -18.29 -19.82
C ARG C 118 12.70 -17.99 -20.13
N VAL C 119 12.96 -17.40 -21.30
CA VAL C 119 14.33 -17.11 -21.72
C VAL C 119 14.62 -15.62 -21.89
N THR C 120 13.64 -14.75 -21.72
CA THR C 120 13.92 -13.32 -21.74
C THR C 120 13.47 -12.72 -20.42
N HIS C 121 14.21 -11.72 -19.96
CA HIS C 121 13.92 -11.04 -18.71
C HIS C 121 14.08 -9.54 -18.91
N PHE C 122 13.25 -8.97 -19.77
CA PHE C 122 13.24 -7.54 -20.01
C PHE C 122 12.10 -6.88 -19.22
N LYS C 123 12.32 -5.63 -18.82
CA LYS C 123 11.32 -4.92 -18.04
C LYS C 123 10.05 -4.69 -18.85
N ASN C 124 10.18 -4.37 -20.13
CA ASN C 124 9.04 -4.01 -20.96
C ASN C 124 8.60 -5.13 -21.89
N GLY C 125 9.12 -6.34 -21.69
CA GLY C 125 8.66 -7.46 -22.48
C GLY C 125 9.19 -7.42 -23.90
N VAL C 126 8.68 -8.36 -24.71
CA VAL C 126 9.12 -8.54 -26.09
C VAL C 126 7.91 -8.53 -26.99
N SER C 127 8.17 -8.53 -28.30
CA SER C 127 7.10 -8.51 -29.29
C SER C 127 7.58 -9.15 -30.59
N GLY C 128 6.66 -9.87 -31.23
CA GLY C 128 6.87 -10.37 -32.58
C GLY C 128 8.02 -11.35 -32.72
N PRO C 129 7.92 -12.50 -32.06
CA PRO C 129 8.98 -13.51 -32.21
C PRO C 129 8.88 -14.20 -33.56
N GLN C 130 10.02 -14.51 -34.15
CA GLN C 130 10.06 -15.24 -35.41
C GLN C 130 11.25 -16.19 -35.39
N TRP C 131 10.98 -17.48 -35.48
CA TRP C 131 12.07 -18.45 -35.60
C TRP C 131 12.81 -18.24 -36.92
N SER C 132 14.10 -18.52 -36.91
CA SER C 132 14.79 -18.67 -38.17
C SER C 132 14.44 -20.04 -38.77
N PRO C 133 14.37 -20.13 -40.10
CA PRO C 133 13.94 -21.40 -40.73
C PRO C 133 14.78 -22.61 -40.34
N ASP C 134 16.03 -22.42 -39.93
CA ASP C 134 16.87 -23.52 -39.48
C ASP C 134 16.71 -23.83 -38.00
N GLY C 135 15.85 -23.10 -37.29
CA GLY C 135 15.63 -23.34 -35.88
C GLY C 135 16.75 -22.89 -34.97
N ARG C 136 17.73 -22.15 -35.48
CA ARG C 136 18.88 -21.75 -34.70
C ARG C 136 18.66 -20.44 -33.94
N PHE C 137 17.68 -19.64 -34.36
CA PHE C 137 17.49 -18.31 -33.79
C PHE C 137 16.01 -17.99 -33.70
N ILE C 138 15.67 -17.12 -32.75
CA ILE C 138 14.37 -16.46 -32.70
C ILE C 138 14.62 -14.97 -32.66
N ALA C 139 14.14 -14.24 -33.66
CA ALA C 139 14.24 -12.79 -33.67
C ALA C 139 13.00 -12.18 -33.02
N PHE C 140 13.20 -11.04 -32.37
CA PHE C 140 12.11 -10.30 -31.72
C PHE C 140 12.61 -8.90 -31.41
N THR C 141 11.69 -8.05 -30.95
CA THR C 141 12.02 -6.68 -30.55
C THR C 141 11.65 -6.45 -29.09
N THR C 142 12.30 -5.46 -28.49
CA THR C 142 12.04 -5.08 -27.10
C THR C 142 12.56 -3.66 -26.88
N THR C 143 11.88 -2.92 -26.01
CA THR C 143 12.15 -1.51 -25.81
C THR C 143 13.17 -1.30 -24.69
N ALA C 144 13.39 -0.03 -24.34
CA ALA C 144 14.24 0.36 -23.22
C ALA C 144 13.53 1.43 -22.36
N ARG C 175 14.67 5.07 -28.16
CA ARG C 175 13.21 5.19 -28.14
C ARG C 175 12.49 4.10 -28.94
N PRO C 176 12.90 3.82 -30.19
CA PRO C 176 12.27 2.73 -30.93
C PRO C 176 12.80 1.37 -30.51
N ALA C 177 11.90 0.38 -30.53
CA ALA C 177 12.26 -0.97 -30.15
C ALA C 177 13.41 -1.49 -30.99
N ALA C 178 14.35 -2.16 -30.34
CA ALA C 178 15.51 -2.71 -31.01
C ALA C 178 15.28 -4.18 -31.34
N LEU C 179 15.84 -4.61 -32.47
CA LEU C 179 15.74 -6.00 -32.87
C LEU C 179 16.74 -6.84 -32.09
N TRP C 180 16.26 -7.89 -31.45
CA TRP C 180 17.11 -8.77 -30.64
C TRP C 180 17.17 -10.17 -31.25
N LEU C 181 18.04 -10.99 -30.66
CA LEU C 181 18.32 -12.32 -31.19
C LEU C 181 18.52 -13.29 -30.03
N TYR C 182 17.73 -14.36 -30.02
CA TYR C 182 17.89 -15.45 -29.06
C TYR C 182 18.61 -16.60 -29.76
N ASP C 183 19.83 -16.90 -29.31
CA ASP C 183 20.56 -18.06 -29.78
C ASP C 183 20.03 -19.32 -29.11
N VAL C 184 19.45 -20.22 -29.90
CA VAL C 184 18.78 -21.39 -29.32
C VAL C 184 19.80 -22.39 -28.81
N GLU C 185 20.79 -22.73 -29.63
CA GLU C 185 21.80 -23.69 -29.21
C GLU C 185 22.66 -23.17 -28.06
N ALA C 186 22.66 -21.85 -27.81
CA ALA C 186 23.45 -21.26 -26.76
C ALA C 186 22.64 -20.76 -25.57
N ASP C 187 21.32 -20.68 -25.71
CA ASP C 187 20.45 -20.08 -24.68
C ASP C 187 20.96 -18.70 -24.28
N LYS C 188 21.48 -17.96 -25.25
CA LYS C 188 22.01 -16.62 -25.02
C LYS C 188 21.22 -15.61 -25.83
N LEU C 189 21.13 -14.40 -25.28
CA LEU C 189 20.51 -13.27 -25.96
C LEU C 189 21.59 -12.34 -26.48
N ARG C 190 21.19 -11.46 -27.41
CA ARG C 190 22.13 -10.55 -28.05
C ARG C 190 21.35 -9.51 -28.84
N GLU C 191 21.55 -8.23 -28.53
CA GLU C 191 20.94 -7.19 -29.35
C GLU C 191 21.53 -7.24 -30.75
N TRP C 192 20.65 -7.16 -31.75
CA TRP C 192 21.03 -7.32 -33.15
C TRP C 192 21.13 -5.98 -33.87
N TYR C 193 20.09 -5.17 -33.82
CA TYR C 193 20.05 -3.91 -34.58
C TYR C 193 19.16 -2.94 -33.83
N ALA C 194 19.72 -1.80 -33.42
CA ALA C 194 18.95 -0.76 -32.79
C ALA C 194 18.62 0.30 -33.83
N PRO C 195 17.38 0.39 -34.31
CA PRO C 195 17.08 1.27 -35.44
C PRO C 195 16.96 2.72 -35.03
N GLU C 196 17.15 3.59 -36.02
CA GLU C 196 17.03 5.03 -35.78
C GLU C 196 15.57 5.45 -35.62
N ILE C 197 14.70 5.01 -36.53
CA ILE C 197 13.29 5.36 -36.51
C ILE C 197 12.41 4.19 -36.08
N GLY C 198 12.66 3.02 -36.63
CA GLY C 198 11.88 1.85 -36.25
C GLY C 198 11.85 0.82 -37.35
N ILE C 199 11.54 -0.42 -36.94
CA ILE C 199 11.48 -1.55 -37.85
C ILE C 199 10.02 -1.98 -38.00
N GLY C 200 9.56 -2.08 -39.24
CA GLY C 200 8.23 -2.56 -39.51
C GLY C 200 8.21 -4.05 -39.76
N ALA C 201 7.77 -4.45 -40.96
CA ALA C 201 7.75 -5.86 -41.31
C ALA C 201 9.16 -6.44 -41.29
N LEU C 202 9.25 -7.72 -40.94
CA LEU C 202 10.51 -8.44 -40.91
C LEU C 202 10.28 -9.88 -41.31
N SER C 203 11.22 -10.44 -42.07
CA SER C 203 11.10 -11.82 -42.51
C SER C 203 12.48 -12.41 -42.71
N TRP C 204 12.69 -13.61 -42.16
CA TRP C 204 13.95 -14.30 -42.38
C TRP C 204 14.10 -14.71 -43.83
N TRP C 205 15.34 -14.68 -44.32
CA TRP C 205 15.67 -15.35 -45.55
C TRP C 205 15.46 -16.85 -45.38
N PRO C 206 15.11 -17.57 -46.44
CA PRO C 206 14.85 -19.02 -46.29
C PRO C 206 16.07 -19.83 -45.88
N ASP C 207 17.28 -19.31 -46.07
CA ASP C 207 18.50 -19.99 -45.65
C ASP C 207 19.00 -19.51 -44.30
N SER C 208 18.23 -18.66 -43.63
CA SER C 208 18.54 -18.18 -42.27
C SER C 208 19.83 -17.37 -42.23
N ARG C 209 20.20 -16.71 -43.31
CA ARG C 209 21.39 -15.87 -43.28
C ARG C 209 21.12 -14.51 -42.64
N GLY C 210 19.86 -14.12 -42.51
CA GLY C 210 19.54 -12.80 -42.02
C GLY C 210 18.07 -12.52 -42.26
N VAL C 211 17.70 -11.25 -42.12
CA VAL C 211 16.32 -10.84 -42.23
C VAL C 211 16.18 -9.66 -43.18
N LEU C 212 15.06 -9.63 -43.89
CA LEU C 212 14.57 -8.44 -44.56
C LEU C 212 13.78 -7.62 -43.55
N ILE C 213 14.02 -6.31 -43.53
CA ILE C 213 13.27 -5.42 -42.66
C ILE C 213 12.78 -4.24 -43.48
N VAL C 214 11.62 -3.74 -43.11
CA VAL C 214 11.07 -2.52 -43.70
C VAL C 214 11.31 -1.40 -42.70
N GLN C 215 11.94 -0.33 -43.16
CA GLN C 215 12.26 0.81 -42.30
C GLN C 215 12.51 2.03 -43.18
N SER C 216 12.45 3.20 -42.54
CA SER C 216 12.61 4.46 -43.26
C SER C 216 14.07 4.91 -43.33
N GLU C 219 14.69 10.36 -40.87
CA GLU C 219 13.52 11.09 -40.36
C GLU C 219 12.81 11.83 -41.49
N TRP C 220 13.56 12.20 -42.53
CA TRP C 220 12.95 12.86 -43.69
C TRP C 220 11.95 11.93 -44.36
N GLN C 221 12.38 10.70 -44.67
CA GLN C 221 11.46 9.71 -45.21
C GLN C 221 10.43 9.27 -44.17
N ALA C 222 10.83 9.21 -42.90
CA ALA C 222 9.92 8.76 -41.85
C ALA C 222 8.76 9.72 -41.67
N SER C 223 9.01 11.03 -41.76
CA SER C 223 7.94 12.00 -41.64
C SER C 223 6.91 11.86 -42.75
N GLN C 224 7.31 11.40 -43.92
CA GLN C 224 6.40 11.21 -45.04
C GLN C 224 5.75 9.83 -45.06
N TRP C 225 5.95 9.02 -44.02
CA TRP C 225 5.37 7.68 -43.92
C TRP C 225 5.78 6.82 -45.12
N ARG C 226 7.04 6.96 -45.52
CA ARG C 226 7.62 6.24 -46.63
C ARG C 226 8.76 5.37 -46.12
N GLN C 227 8.81 4.14 -46.59
CA GLN C 227 9.75 3.15 -46.08
C GLN C 227 10.49 2.48 -47.23
N ASP C 228 11.62 1.88 -46.91
CA ASP C 228 12.40 1.04 -47.82
C ASP C 228 12.55 -0.35 -47.21
N VAL C 229 13.24 -1.22 -47.94
CA VAL C 229 13.51 -2.58 -47.50
C VAL C 229 15.02 -2.77 -47.40
N TYR C 230 15.46 -3.34 -46.28
CA TYR C 230 16.88 -3.53 -45.99
C TYR C 230 17.20 -4.99 -45.76
N ASP C 231 18.36 -5.40 -46.26
CA ASP C 231 18.95 -6.68 -45.90
C ASP C 231 19.77 -6.49 -44.63
N LEU C 232 19.52 -7.34 -43.63
CA LEU C 232 20.28 -7.30 -42.39
C LEU C 232 20.82 -8.69 -42.11
N PRO C 233 22.11 -8.94 -42.30
CA PRO C 233 22.66 -10.27 -42.04
C PRO C 233 22.88 -10.49 -40.55
N LEU C 234 23.09 -11.75 -40.20
CA LEU C 234 23.34 -12.12 -38.81
C LEU C 234 24.65 -11.51 -38.33
N PRO C 235 24.74 -11.16 -37.05
CA PRO C 235 25.94 -10.48 -36.55
C PRO C 235 27.13 -11.43 -36.48
N THR C 236 28.33 -10.88 -36.65
CA THR C 236 29.53 -11.69 -36.50
C THR C 236 30.57 -11.04 -35.60
N ALA C 237 31.29 -10.04 -36.12
CA ALA C 237 32.29 -9.31 -35.35
C ALA C 237 31.67 -8.13 -34.60
N PRO C 243 23.19 -2.79 -41.64
CA PRO C 243 22.26 -3.24 -42.68
C PRO C 243 22.31 -2.41 -43.96
N GLN C 244 22.47 -3.09 -45.10
CA GLN C 244 22.42 -2.44 -46.40
C GLN C 244 21.00 -2.46 -46.96
N LYS C 245 20.74 -1.53 -47.88
CA LYS C 245 19.41 -1.38 -48.46
C LYS C 245 19.26 -2.29 -49.66
N LEU C 246 18.11 -2.95 -49.77
CA LEU C 246 17.80 -3.82 -50.89
C LEU C 246 16.93 -3.18 -51.95
N LEU C 247 16.07 -2.23 -51.57
CA LEU C 247 15.05 -1.73 -52.48
C LEU C 247 14.78 -0.28 -52.17
N ASP C 248 15.00 0.58 -53.17
CA ASP C 248 14.62 1.99 -53.07
C ASP C 248 13.13 2.07 -53.33
N TRP C 249 12.34 1.93 -52.26
CA TRP C 249 10.89 1.86 -52.36
C TRP C 249 10.23 3.21 -52.14
N ASN C 250 10.63 3.92 -51.08
CA ASN C 250 10.09 5.26 -50.77
C ASN C 250 8.57 5.26 -50.75
N SER C 251 8.00 4.21 -50.16
CA SER C 251 6.56 4.05 -50.14
C SER C 251 6.19 3.06 -49.05
N ALA C 252 4.91 2.70 -48.98
CA ALA C 252 4.42 1.80 -47.95
C ALA C 252 4.66 0.36 -48.38
N ALA C 253 5.24 -0.43 -47.47
CA ALA C 253 5.54 -1.83 -47.76
C ALA C 253 5.44 -2.62 -46.46
N HIS C 254 4.74 -3.75 -46.52
CA HIS C 254 4.68 -4.70 -45.43
C HIS C 254 4.50 -6.09 -46.02
N GLY C 255 4.32 -7.08 -45.14
CA GLY C 255 4.08 -8.43 -45.61
C GLY C 255 5.18 -9.01 -46.47
N LEU C 256 6.44 -8.88 -46.01
CA LEU C 256 7.57 -9.45 -46.75
C LEU C 256 7.46 -10.96 -46.82
N ALA C 257 7.55 -11.50 -48.03
CA ALA C 257 7.50 -12.95 -48.26
C ALA C 257 8.71 -13.32 -49.11
N PRO C 258 9.81 -13.72 -48.46
CA PRO C 258 11.00 -14.15 -49.22
C PRO C 258 10.70 -15.38 -50.07
N HIS C 259 11.18 -15.34 -51.32
CA HIS C 259 11.01 -16.46 -52.23
C HIS C 259 11.91 -17.63 -51.80
N PRO C 260 11.48 -18.86 -52.09
CA PRO C 260 12.33 -20.02 -51.75
C PRO C 260 13.74 -19.95 -52.30
N ASP C 261 13.96 -19.23 -53.41
CA ASP C 261 15.30 -19.19 -54.00
C ASP C 261 16.28 -18.34 -53.20
N GLY C 262 15.85 -17.72 -52.10
CA GLY C 262 16.74 -16.94 -51.27
C GLY C 262 17.27 -15.66 -51.87
N GLN C 263 16.81 -15.28 -53.06
CA GLN C 263 17.24 -14.05 -53.72
C GLN C 263 16.09 -13.08 -53.93
N ARG C 264 15.01 -13.51 -54.55
CA ARG C 264 13.86 -12.63 -54.76
C ARG C 264 12.96 -12.64 -53.53
N PHE C 265 12.09 -11.63 -53.45
CA PHE C 265 11.10 -11.59 -52.39
C PHE C 265 9.91 -10.76 -52.83
N ALA C 266 8.80 -10.96 -52.13
CA ALA C 266 7.55 -10.25 -52.38
C ALA C 266 7.22 -9.31 -51.24
N LEU C 267 6.42 -8.29 -51.57
CA LEU C 267 5.98 -7.28 -50.60
C LEU C 267 4.51 -6.96 -50.87
N ILE C 268 3.85 -6.41 -49.85
CA ILE C 268 2.52 -5.83 -50.00
C ILE C 268 2.65 -4.33 -49.89
N GLY C 269 1.99 -3.61 -50.77
CA GLY C 269 1.98 -2.16 -50.65
C GLY C 269 1.74 -1.51 -52.00
N ARG C 270 2.38 -0.35 -52.18
CA ARG C 270 2.20 0.47 -53.35
C ARG C 270 3.55 1.08 -53.72
N PRO C 271 3.85 1.21 -55.01
CA PRO C 271 5.07 1.93 -55.40
C PRO C 271 4.93 3.42 -55.09
N ALA C 272 6.07 4.11 -55.19
CA ALA C 272 6.16 5.49 -54.68
C ALA C 272 5.18 6.43 -55.37
N GLY C 273 4.89 6.21 -56.65
CA GLY C 273 4.01 7.12 -57.37
C GLY C 273 2.60 7.17 -56.78
N LYS C 274 2.11 6.02 -56.31
CA LYS C 274 0.72 5.93 -55.87
C LYS C 274 0.54 6.58 -54.48
N GLY C 275 -0.71 6.95 -54.19
CA GLY C 275 -1.09 7.43 -52.88
C GLY C 275 -1.72 6.32 -52.06
N ASN C 276 -2.12 6.67 -50.84
CA ASN C 276 -2.59 5.65 -49.91
C ASN C 276 -3.97 5.10 -50.26
N THR C 277 -4.82 5.91 -50.89
CA THR C 277 -6.14 5.42 -51.28
C THR C 277 -6.05 4.37 -52.36
N GLU C 278 -4.89 4.23 -52.97
CA GLU C 278 -4.67 3.19 -53.97
C GLU C 278 -4.71 1.81 -53.33
N HIS C 279 -5.34 0.87 -54.02
CA HIS C 279 -5.36 -0.51 -53.56
C HIS C 279 -3.94 -1.01 -53.28
N ALA C 280 -3.75 -1.62 -52.11
CA ALA C 280 -2.54 -2.38 -51.85
C ALA C 280 -2.51 -3.62 -52.75
N HIS C 281 -1.32 -3.93 -53.26
CA HIS C 281 -1.16 -5.07 -54.17
C HIS C 281 0.12 -5.84 -53.81
N LEU C 282 0.34 -6.95 -54.49
CA LEU C 282 1.53 -7.78 -54.33
C LEU C 282 2.57 -7.40 -55.38
N TYR C 283 3.83 -7.33 -54.95
CA TYR C 283 4.93 -6.93 -55.83
C TYR C 283 6.10 -7.88 -55.64
N LEU C 284 6.65 -8.35 -56.76
CA LEU C 284 7.82 -9.21 -56.76
C LEU C 284 9.07 -8.38 -56.92
N ILE C 285 10.05 -8.57 -56.03
CA ILE C 285 11.28 -7.79 -56.04
C ILE C 285 12.42 -8.64 -56.57
N GLU C 286 13.20 -8.07 -57.47
CA GLU C 286 14.37 -8.74 -58.02
C GLU C 286 15.44 -7.70 -58.35
N ASN C 287 16.51 -7.66 -57.56
CA ASN C 287 17.65 -6.77 -57.78
C ASN C 287 17.22 -5.31 -57.91
N GLY C 288 16.36 -4.88 -56.99
CA GLY C 288 15.87 -3.52 -56.99
C GLY C 288 14.72 -3.25 -57.92
N GLN C 289 14.43 -4.16 -58.85
CA GLN C 289 13.30 -4.01 -59.75
C GLN C 289 12.04 -4.62 -59.14
N HIS C 290 10.90 -4.01 -59.45
CA HIS C 290 9.61 -4.42 -58.91
C HIS C 290 8.61 -4.53 -60.04
N ARG C 291 7.79 -5.58 -59.99
CA ARG C 291 6.69 -5.75 -60.93
C ARG C 291 5.49 -6.28 -60.17
N ARG C 292 4.29 -5.83 -60.56
CA ARG C 292 3.10 -6.22 -59.85
C ARG C 292 2.80 -7.70 -60.07
N LEU C 293 2.43 -8.38 -58.99
CA LEU C 293 2.28 -9.83 -58.99
C LEU C 293 0.83 -10.28 -59.05
N ASP C 294 -0.08 -9.57 -58.39
CA ASP C 294 -1.50 -9.93 -58.42
C ASP C 294 -2.23 -9.16 -59.51
N THR C 295 -1.79 -9.41 -60.74
CA THR C 295 -2.35 -8.71 -61.90
C THR C 295 -3.74 -9.24 -62.22
N GLY C 296 -4.55 -8.39 -62.86
CA GLY C 296 -5.90 -8.75 -63.22
C GLY C 296 -6.83 -8.94 -62.04
N HIS C 297 -6.55 -8.27 -60.93
CA HIS C 297 -7.35 -8.42 -59.71
C HIS C 297 -7.54 -7.04 -59.09
N ASP C 298 -8.61 -6.34 -59.48
CA ASP C 298 -8.88 -4.96 -59.06
C ASP C 298 -9.43 -4.91 -57.64
N HIS C 299 -8.70 -5.49 -56.68
CA HIS C 299 -9.13 -5.50 -55.29
C HIS C 299 -7.87 -5.48 -54.43
N PRO C 300 -7.95 -4.96 -53.22
CA PRO C 300 -6.75 -4.85 -52.37
C PRO C 300 -6.38 -6.15 -51.67
N VAL C 301 -5.13 -6.20 -51.22
CA VAL C 301 -4.59 -7.32 -50.46
C VAL C 301 -4.91 -7.12 -48.98
N GLY C 302 -5.35 -8.18 -48.32
CA GLY C 302 -5.63 -8.16 -46.91
C GLY C 302 -7.11 -8.03 -46.62
N ASP C 303 -7.45 -8.23 -45.33
CA ASP C 303 -8.82 -8.11 -44.85
C ASP C 303 -9.12 -6.64 -44.57
N ALA C 304 -10.18 -6.12 -45.20
CA ALA C 304 -10.69 -4.79 -44.89
C ALA C 304 -12.21 -4.82 -44.74
N VAL C 305 -12.74 -5.91 -44.18
CA VAL C 305 -14.18 -6.08 -43.99
C VAL C 305 -14.47 -5.98 -42.49
N GLY C 306 -15.64 -5.42 -42.16
CA GLY C 306 -16.00 -5.21 -40.78
C GLY C 306 -16.33 -6.50 -40.06
N GLY C 307 -16.28 -6.42 -38.73
CA GLY C 307 -16.56 -7.55 -37.85
C GLY C 307 -16.06 -7.27 -36.45
N ASP C 308 -16.91 -7.46 -35.43
CA ASP C 308 -16.56 -7.07 -34.06
C ASP C 308 -16.15 -8.27 -33.21
N CYS C 309 -15.71 -9.36 -33.83
CA CYS C 309 -15.31 -10.55 -33.09
C CYS C 309 -13.86 -10.94 -33.43
N HIS C 310 -13.01 -9.93 -33.59
CA HIS C 310 -11.58 -10.13 -33.85
C HIS C 310 -10.78 -9.57 -32.67
N VAL C 311 -10.28 -10.46 -31.83
CA VAL C 311 -9.48 -10.10 -30.65
C VAL C 311 -8.15 -10.81 -30.75
N GLY C 312 -7.08 -10.04 -30.96
CA GLY C 312 -5.75 -10.61 -31.05
C GLY C 312 -5.09 -10.40 -32.40
N ALA C 313 -4.02 -11.14 -32.67
CA ALA C 313 -3.29 -11.00 -33.92
C ALA C 313 -3.95 -11.84 -35.01
N PHE C 314 -4.02 -11.26 -36.22
CA PHE C 314 -4.61 -11.94 -37.37
C PHE C 314 -3.62 -11.91 -38.51
N PRO C 315 -2.75 -12.92 -38.60
CA PRO C 315 -1.72 -12.92 -39.65
C PRO C 315 -2.32 -13.11 -41.02
N GLU C 316 -1.84 -12.32 -41.99
CA GLU C 316 -2.19 -12.47 -43.38
C GLU C 316 -0.97 -12.42 -44.29
N GLY C 317 0.21 -12.73 -43.75
CA GLY C 317 1.43 -12.66 -44.51
C GLY C 317 1.44 -13.66 -45.67
N PRO C 318 1.74 -13.16 -46.87
CA PRO C 318 1.78 -14.06 -48.03
C PRO C 318 2.82 -15.15 -47.87
N ARG C 319 2.51 -16.32 -48.43
CA ARG C 319 3.36 -17.50 -48.29
C ARG C 319 3.50 -18.20 -49.63
N TRP C 320 4.74 -18.58 -49.96
CA TRP C 320 5.02 -19.27 -51.21
C TRP C 320 4.66 -20.74 -51.05
N LEU C 321 3.62 -21.19 -51.76
CA LEU C 321 3.29 -22.62 -51.75
C LEU C 321 4.30 -23.40 -52.58
N ASP C 322 4.74 -22.86 -53.70
CA ASP C 322 5.90 -23.39 -54.42
C ASP C 322 6.65 -22.23 -55.06
N GLY C 323 7.58 -22.56 -55.97
CA GLY C 323 8.39 -21.54 -56.61
C GLY C 323 7.61 -20.57 -57.48
N ASP C 324 6.42 -20.97 -57.93
CA ASP C 324 5.60 -20.11 -58.77
C ASP C 324 4.42 -19.50 -58.01
N THR C 325 3.96 -20.14 -56.96
CA THR C 325 2.69 -19.79 -56.32
C THR C 325 2.93 -19.01 -55.04
N LEU C 326 2.25 -17.88 -54.89
CA LEU C 326 2.27 -17.10 -53.65
C LEU C 326 0.83 -16.89 -53.22
N LEU C 327 0.51 -17.33 -52.00
CA LEU C 327 -0.84 -17.30 -51.49
C LEU C 327 -1.08 -16.00 -50.73
N PHE C 328 -2.22 -15.37 -50.97
CA PHE C 328 -2.51 -14.09 -50.34
C PHE C 328 -4.00 -13.96 -50.11
N SER C 329 -4.37 -12.99 -49.29
CA SER C 329 -5.74 -12.67 -48.99
C SER C 329 -6.13 -11.37 -49.69
N SER C 330 -7.43 -11.24 -49.96
CA SER C 330 -7.92 -10.06 -50.65
C SER C 330 -9.39 -9.82 -50.33
N THR C 331 -9.76 -8.54 -50.23
CA THR C 331 -11.12 -8.13 -49.94
C THR C 331 -11.87 -7.91 -51.26
N VAL C 332 -13.00 -8.60 -51.43
CA VAL C 332 -13.75 -8.57 -52.67
C VAL C 332 -15.24 -8.48 -52.31
N ARG C 333 -15.84 -7.32 -52.59
CA ARG C 333 -17.26 -7.04 -52.40
C ARG C 333 -17.77 -7.65 -51.09
N GLY C 334 -17.24 -7.12 -49.99
CA GLY C 334 -17.68 -7.49 -48.66
C GLY C 334 -17.15 -8.80 -48.14
N SER C 335 -16.34 -9.51 -48.92
CA SER C 335 -15.77 -10.80 -48.54
C SER C 335 -14.25 -10.71 -48.50
N VAL C 336 -13.64 -11.67 -47.80
CA VAL C 336 -12.19 -11.85 -47.80
C VAL C 336 -11.92 -13.31 -48.15
N GLY C 337 -11.15 -13.52 -49.21
CA GLY C 337 -10.82 -14.85 -49.67
C GLY C 337 -9.33 -15.01 -49.88
N LEU C 338 -8.92 -16.25 -50.08
CA LEU C 338 -7.53 -16.57 -50.40
C LEU C 338 -7.40 -16.78 -51.90
N PHE C 339 -6.36 -16.21 -52.48
CA PHE C 339 -6.07 -16.35 -53.90
C PHE C 339 -4.59 -16.72 -54.04
N THR C 340 -4.21 -17.18 -55.22
CA THR C 340 -2.82 -17.49 -55.51
C THR C 340 -2.34 -16.59 -56.64
N ALA C 341 -1.31 -15.80 -56.36
CA ALA C 341 -0.59 -15.07 -57.40
C ALA C 341 0.48 -15.98 -58.00
N HIS C 342 0.81 -15.72 -59.26
CA HIS C 342 1.72 -16.59 -60.01
C HIS C 342 2.75 -15.74 -60.73
N ILE C 343 4.02 -16.15 -60.64
CA ILE C 343 5.08 -15.44 -61.34
C ILE C 343 4.83 -15.47 -62.84
N GLY C 344 4.61 -16.65 -63.40
CA GLY C 344 4.35 -16.78 -64.82
C GLY C 344 2.88 -16.88 -65.14
N GLY C 345 2.05 -16.07 -64.48
CA GLY C 345 0.63 -16.12 -64.72
C GLY C 345 -0.11 -15.03 -63.97
N GLY C 346 -1.43 -15.18 -63.91
CA GLY C 346 -2.30 -14.19 -63.30
C GLY C 346 -2.64 -14.48 -61.85
N VAL C 347 -3.94 -14.46 -61.53
CA VAL C 347 -4.42 -14.70 -60.18
C VAL C 347 -5.55 -15.70 -60.22
N LYS C 348 -5.46 -16.74 -59.40
CA LYS C 348 -6.48 -17.77 -59.32
C LYS C 348 -7.07 -17.79 -57.92
N ALA C 349 -8.37 -18.05 -57.82
CA ALA C 349 -8.98 -18.26 -56.53
C ALA C 349 -8.42 -19.51 -55.88
N TYR C 350 -8.22 -19.46 -54.56
CA TYR C 350 -7.75 -20.60 -53.78
C TYR C 350 -8.80 -21.05 -52.78
N ASP C 351 -9.39 -20.12 -52.05
CA ASP C 351 -10.49 -20.43 -51.13
C ASP C 351 -11.23 -19.09 -50.95
N HIS C 352 -12.26 -18.88 -51.78
CA HIS C 352 -12.94 -17.59 -51.80
C HIS C 352 -14.45 -17.83 -51.87
N ASP C 353 -15.09 -17.99 -50.73
CA ASP C 353 -16.54 -17.94 -50.68
C ASP C 353 -16.98 -16.49 -50.70
N PRO C 354 -17.68 -16.03 -51.72
CA PRO C 354 -18.10 -14.63 -51.77
C PRO C 354 -19.06 -14.25 -50.66
N GLN C 355 -19.48 -15.22 -49.86
CA GLN C 355 -20.34 -14.95 -48.71
C GLN C 355 -19.61 -15.09 -47.38
N GLY C 356 -18.29 -15.31 -47.40
CA GLY C 356 -17.55 -15.55 -46.19
C GLY C 356 -16.29 -14.70 -46.14
N VAL C 357 -15.67 -14.69 -44.95
CA VAL C 357 -14.48 -13.90 -44.66
C VAL C 357 -13.42 -14.80 -44.04
N ILE C 358 -12.25 -14.84 -44.65
CA ILE C 358 -11.08 -15.49 -44.06
C ILE C 358 -10.24 -14.38 -43.43
N SER C 359 -10.28 -14.29 -42.10
CA SER C 359 -9.70 -13.17 -41.40
C SER C 359 -8.20 -13.32 -41.17
N ALA C 360 -7.68 -14.55 -41.18
CA ALA C 360 -6.26 -14.78 -40.94
C ALA C 360 -5.89 -16.14 -41.50
N PHE C 361 -4.60 -16.30 -41.82
CA PHE C 361 -4.15 -17.58 -42.36
C PHE C 361 -2.64 -17.70 -42.23
N THR C 362 -2.19 -18.91 -41.98
CA THR C 362 -0.79 -19.31 -42.12
C THR C 362 -0.74 -20.49 -43.07
N ALA C 363 0.42 -20.66 -43.70
CA ALA C 363 0.56 -21.70 -44.70
C ALA C 363 2.03 -22.03 -44.92
N ASN C 364 2.26 -23.24 -45.41
CA ASN C 364 3.56 -23.66 -45.93
C ASN C 364 3.28 -24.66 -47.05
N GLU C 365 4.31 -25.41 -47.43
CA GLU C 365 4.12 -26.36 -48.53
C GLU C 365 3.38 -27.63 -48.11
N HIS C 366 3.07 -27.79 -46.83
CA HIS C 366 2.43 -29.00 -46.35
C HIS C 366 1.04 -28.80 -45.77
N GLY C 367 0.61 -27.57 -45.52
CA GLY C 367 -0.70 -27.35 -44.92
C GLY C 367 -1.06 -25.89 -44.83
N VAL C 368 -2.33 -25.65 -44.52
CA VAL C 368 -2.87 -24.31 -44.34
C VAL C 368 -3.78 -24.29 -43.13
N ALA C 369 -3.66 -23.24 -42.31
CA ALA C 369 -4.56 -22.96 -41.21
C ALA C 369 -5.13 -21.56 -41.38
N LEU C 370 -6.38 -21.37 -40.95
CA LEU C 370 -7.05 -20.08 -41.16
C LEU C 370 -8.17 -19.93 -40.14
N ILE C 371 -8.72 -18.71 -40.10
CA ILE C 371 -9.97 -18.43 -39.38
C ILE C 371 -11.00 -17.99 -40.41
N ARG C 372 -12.20 -18.57 -40.36
CA ARG C 372 -13.22 -18.29 -41.35
C ARG C 372 -14.50 -17.86 -40.63
N GLU C 373 -15.24 -16.95 -41.25
CA GLU C 373 -16.48 -16.45 -40.67
C GLU C 373 -17.41 -16.00 -41.79
N SER C 374 -18.66 -15.73 -41.41
CA SER C 374 -19.67 -15.24 -42.33
C SER C 374 -20.57 -14.27 -41.57
N ALA C 375 -21.54 -13.68 -42.28
CA ALA C 375 -22.52 -12.83 -41.62
C ALA C 375 -23.35 -13.62 -40.62
N THR C 376 -23.37 -14.95 -40.73
CA THR C 376 -24.19 -15.81 -39.88
C THR C 376 -23.36 -16.87 -39.13
N ARG C 377 -22.03 -16.83 -39.26
CA ARG C 377 -21.17 -17.82 -38.63
C ARG C 377 -20.07 -17.12 -37.84
N PHE C 378 -20.04 -17.34 -36.53
CA PHE C 378 -18.97 -16.81 -35.68
C PHE C 378 -17.63 -17.37 -36.15
N PRO C 379 -16.54 -16.60 -36.00
CA PRO C 379 -15.22 -17.07 -36.44
C PRO C 379 -14.85 -18.46 -35.91
N GLU C 380 -14.24 -19.26 -36.76
CA GLU C 380 -13.79 -20.59 -36.38
C GLU C 380 -12.39 -20.84 -36.91
N VAL C 381 -11.63 -21.64 -36.19
CA VAL C 381 -10.30 -22.05 -36.61
C VAL C 381 -10.39 -23.31 -37.46
N GLU C 382 -9.64 -23.32 -38.57
CA GLU C 382 -9.63 -24.44 -39.50
C GLU C 382 -8.20 -24.90 -39.75
N LEU C 383 -8.05 -26.20 -39.98
CA LEU C 383 -6.77 -26.78 -40.40
C LEU C 383 -7.04 -27.65 -41.63
N ASN C 384 -6.55 -27.20 -42.78
CA ASN C 384 -6.73 -27.93 -44.03
C ASN C 384 -8.18 -28.34 -44.26
N GLY C 385 -9.08 -27.35 -44.17
CA GLY C 385 -10.49 -27.55 -44.46
C GLY C 385 -11.31 -28.10 -43.33
N GLN C 386 -10.69 -28.65 -42.29
CA GLN C 386 -11.39 -29.25 -41.17
C GLN C 386 -11.51 -28.24 -40.04
N ARG C 387 -12.74 -27.87 -39.69
CA ARG C 387 -12.94 -26.96 -38.56
C ARG C 387 -12.60 -27.67 -37.26
N VAL C 388 -11.80 -27.02 -36.42
CA VAL C 388 -11.29 -27.64 -35.20
C VAL C 388 -11.85 -27.00 -33.94
N THR C 389 -12.61 -25.93 -34.05
CA THR C 389 -13.21 -25.25 -32.91
C THR C 389 -14.72 -25.36 -32.98
N ASP C 390 -15.37 -25.04 -31.86
CA ASP C 390 -16.83 -25.07 -31.77
C ASP C 390 -17.32 -23.77 -31.12
N LEU C 391 -16.87 -22.64 -31.65
CA LEU C 391 -17.10 -21.36 -30.98
C LEU C 391 -18.46 -20.77 -31.33
N HIS C 392 -18.98 -21.06 -32.51
CA HIS C 392 -20.32 -20.59 -32.87
C HIS C 392 -21.38 -21.19 -31.97
N ALA C 393 -21.14 -22.39 -31.43
CA ALA C 393 -22.10 -23.01 -30.53
C ALA C 393 -22.30 -22.17 -29.28
N ARG C 394 -21.30 -21.37 -28.91
CA ARG C 394 -21.37 -20.55 -27.71
C ARG C 394 -22.22 -19.29 -27.91
N PHE C 395 -22.57 -18.93 -29.14
CA PHE C 395 -23.36 -17.73 -29.36
C PHE C 395 -24.72 -17.89 -28.70
N PRO C 396 -25.09 -17.01 -27.78
CA PRO C 396 -26.19 -17.32 -26.84
C PRO C 396 -27.59 -17.03 -27.35
N PHE C 397 -27.79 -16.57 -28.58
CA PHE C 397 -29.13 -16.40 -29.12
C PHE C 397 -29.10 -16.69 -30.60
N PRO C 398 -30.25 -17.01 -31.22
CA PRO C 398 -30.25 -17.36 -32.64
C PRO C 398 -29.78 -16.22 -33.52
N VAL C 399 -28.95 -16.56 -34.50
CA VAL C 399 -28.50 -15.59 -35.48
C VAL C 399 -29.51 -15.59 -36.64
N ARG C 400 -29.57 -14.47 -37.34
CA ARG C 400 -30.54 -14.28 -38.41
C ARG C 400 -29.81 -13.94 -39.70
N GLU C 401 -30.48 -14.23 -40.83
CA GLU C 401 -29.88 -14.09 -42.16
C GLU C 401 -30.21 -12.73 -42.76
N PRO C 402 -29.21 -11.98 -43.22
CA PRO C 402 -29.49 -10.68 -43.85
C PRO C 402 -30.13 -10.84 -45.22
N GLN C 403 -30.75 -9.75 -45.69
CA GLN C 403 -31.32 -9.62 -47.02
C GLN C 403 -30.49 -8.66 -47.84
N ARG C 404 -30.19 -9.03 -49.08
CA ARG C 404 -29.46 -8.11 -49.96
C ARG C 404 -30.42 -7.11 -50.57
N VAL C 405 -30.01 -5.83 -50.59
CA VAL C 405 -30.77 -4.76 -51.22
C VAL C 405 -29.79 -3.90 -52.01
N THR C 406 -30.12 -3.58 -53.26
CA THR C 406 -29.19 -2.91 -54.14
C THR C 406 -29.60 -1.47 -54.38
N PHE C 407 -28.62 -0.66 -54.81
CA PHE C 407 -28.86 0.72 -55.21
C PHE C 407 -27.98 1.05 -56.42
N GLU C 408 -28.42 2.02 -57.21
CA GLU C 408 -27.76 2.30 -58.49
C GLU C 408 -26.86 3.51 -58.41
N THR C 409 -25.73 3.42 -59.11
CA THR C 409 -24.71 4.45 -59.09
C THR C 409 -24.27 4.69 -60.55
N GLU C 410 -23.71 5.88 -60.80
CA GLU C 410 -23.13 6.17 -62.11
C GLU C 410 -21.95 5.24 -62.41
N LEU C 411 -21.40 4.58 -61.39
CA LEU C 411 -20.33 3.60 -61.50
C LEU C 411 -20.83 2.17 -61.54
N GLY C 412 -22.14 1.94 -61.51
CA GLY C 412 -22.67 0.60 -61.44
C GLY C 412 -23.54 0.30 -60.23
N GLU C 413 -23.67 -0.98 -59.90
CA GLU C 413 -24.59 -1.42 -58.87
C GLU C 413 -23.89 -1.46 -57.52
N GLY C 414 -24.46 -0.78 -56.54
CA GLY C 414 -24.02 -0.87 -55.16
C GLY C 414 -24.92 -1.81 -54.38
N GLU C 415 -24.40 -2.31 -53.26
CA GLU C 415 -25.12 -3.32 -52.51
C GLU C 415 -25.05 -3.03 -51.01
N GLY C 416 -26.04 -3.56 -50.30
CA GLY C 416 -26.12 -3.44 -48.87
C GLY C 416 -27.05 -4.50 -48.33
N TRP C 417 -27.21 -4.52 -47.01
CA TRP C 417 -27.96 -5.61 -46.39
C TRP C 417 -28.89 -5.06 -45.32
N VAL C 418 -29.95 -5.83 -45.05
CA VAL C 418 -30.91 -5.55 -43.99
C VAL C 418 -31.03 -6.78 -43.11
N LEU C 419 -30.82 -6.60 -41.81
CA LEU C 419 -30.99 -7.64 -40.81
C LEU C 419 -32.22 -7.31 -39.97
N LEU C 420 -33.20 -8.19 -40.00
CA LEU C 420 -34.48 -7.96 -39.35
C LEU C 420 -34.69 -8.91 -38.18
N PRO C 421 -35.43 -8.47 -37.16
CA PRO C 421 -35.78 -9.39 -36.08
C PRO C 421 -36.84 -10.40 -36.49
N GLU C 422 -37.19 -11.31 -35.57
CA GLU C 422 -38.25 -12.27 -35.82
C GLU C 422 -39.60 -11.57 -35.86
N GLY C 423 -40.59 -12.26 -36.41
CA GLY C 423 -41.95 -11.77 -36.42
C GLY C 423 -42.35 -11.18 -37.75
N GLU C 424 -43.49 -10.48 -37.72
CA GLU C 424 -44.06 -9.84 -38.89
C GLU C 424 -44.41 -8.38 -38.64
N GLN C 425 -44.07 -7.85 -37.47
CA GLN C 425 -44.44 -6.50 -37.08
C GLN C 425 -43.48 -5.47 -37.66
N LYS C 426 -43.94 -4.23 -37.76
CA LYS C 426 -43.07 -3.13 -38.14
C LYS C 426 -41.97 -2.95 -37.10
N VAL C 427 -40.76 -2.66 -37.59
CA VAL C 427 -39.62 -2.49 -36.68
C VAL C 427 -38.85 -1.24 -37.09
N PRO C 428 -38.16 -0.60 -36.15
CA PRO C 428 -37.35 0.58 -36.51
C PRO C 428 -36.19 0.20 -37.41
N ALA C 429 -35.78 1.16 -38.24
CA ALA C 429 -34.74 0.94 -39.24
C ALA C 429 -33.50 1.71 -38.81
N LEU C 430 -32.39 0.98 -38.63
CA LEU C 430 -31.12 1.56 -38.19
C LEU C 430 -30.17 1.56 -39.38
N LEU C 431 -29.80 2.76 -39.84
CA LEU C 431 -28.80 2.92 -40.90
C LEU C 431 -27.42 2.98 -40.25
N ASN C 432 -26.63 1.93 -40.45
CA ASN C 432 -25.28 1.86 -39.90
C ASN C 432 -24.28 2.16 -41.02
N ILE C 433 -23.29 3.00 -40.72
CA ILE C 433 -22.31 3.45 -41.69
C ILE C 433 -20.94 2.96 -41.23
N HIS C 434 -20.28 2.17 -42.07
CA HIS C 434 -18.96 1.65 -41.69
C HIS C 434 -17.92 2.75 -41.87
N GLY C 435 -16.85 2.64 -41.07
CA GLY C 435 -15.77 3.59 -41.13
C GLY C 435 -14.80 3.29 -42.24
N GLY C 436 -13.62 3.91 -42.14
CA GLY C 436 -12.58 3.74 -43.13
C GLY C 436 -12.09 5.07 -43.67
N PRO C 437 -12.74 5.56 -44.73
CA PRO C 437 -13.92 5.02 -45.40
C PRO C 437 -13.65 3.80 -46.28
N HIS C 438 -12.39 3.45 -46.52
CA HIS C 438 -12.07 2.40 -47.48
C HIS C 438 -12.01 1.03 -46.81
N THR C 439 -13.17 0.61 -46.29
CA THR C 439 -13.41 -0.77 -45.88
C THR C 439 -14.76 -1.22 -46.43
N ASP C 440 -15.20 -2.42 -46.03
CA ASP C 440 -16.44 -3.01 -46.54
C ASP C 440 -17.26 -3.54 -45.38
N TYR C 441 -18.58 -3.36 -45.47
CA TYR C 441 -19.52 -4.17 -44.72
C TYR C 441 -19.80 -5.44 -45.50
N GLY C 442 -20.54 -6.36 -44.89
CA GLY C 442 -21.00 -7.50 -45.66
C GLY C 442 -21.00 -8.85 -44.97
N HIS C 443 -19.88 -9.56 -45.01
CA HIS C 443 -19.87 -10.97 -44.68
C HIS C 443 -18.91 -11.31 -43.54
N GLY C 444 -18.52 -10.31 -42.76
CA GLY C 444 -17.92 -10.55 -41.47
C GLY C 444 -19.01 -10.69 -40.42
N PHE C 445 -18.69 -11.42 -39.34
CA PHE C 445 -19.65 -11.63 -38.28
C PHE C 445 -19.68 -10.40 -37.37
N THR C 446 -20.86 -9.80 -37.24
CA THR C 446 -21.04 -8.60 -36.43
C THR C 446 -22.00 -8.94 -35.29
N HIS C 447 -21.44 -9.17 -34.10
CA HIS C 447 -22.27 -9.46 -32.94
C HIS C 447 -23.22 -8.31 -32.64
N GLU C 448 -22.77 -7.08 -32.85
CA GLU C 448 -23.62 -5.92 -32.59
C GLU C 448 -24.84 -5.91 -33.51
N PHE C 449 -24.65 -6.26 -34.79
CA PHE C 449 -25.78 -6.28 -35.70
C PHE C 449 -26.75 -7.42 -35.35
N GLN C 450 -26.22 -8.60 -35.03
CA GLN C 450 -27.08 -9.69 -34.58
C GLN C 450 -27.84 -9.31 -33.32
N LEU C 451 -27.18 -8.60 -32.40
CA LEU C 451 -27.85 -8.20 -31.16
C LEU C 451 -28.88 -7.10 -31.41
N MET C 452 -28.62 -6.20 -32.36
CA MET C 452 -29.61 -5.19 -32.71
C MET C 452 -30.89 -5.84 -33.21
N ALA C 453 -30.77 -6.80 -34.14
CA ALA C 453 -31.94 -7.51 -34.60
C ALA C 453 -32.59 -8.30 -33.47
N ALA C 454 -31.78 -8.96 -32.64
CA ALA C 454 -32.34 -9.72 -31.53
C ALA C 454 -33.12 -8.83 -30.56
N ARG C 455 -32.91 -7.51 -30.59
CA ARG C 455 -33.65 -6.58 -29.77
C ARG C 455 -34.70 -5.81 -30.55
N GLY C 456 -35.08 -6.29 -31.73
CA GLY C 456 -36.21 -5.75 -32.45
C GLY C 456 -35.92 -4.63 -33.42
N TYR C 457 -34.68 -4.48 -33.88
CA TYR C 457 -34.31 -3.42 -34.80
C TYR C 457 -33.96 -3.99 -36.16
N GLY C 458 -34.31 -3.26 -37.21
CA GLY C 458 -33.86 -3.59 -38.55
C GLY C 458 -32.57 -2.88 -38.87
N VAL C 459 -31.50 -3.65 -39.12
CA VAL C 459 -30.17 -3.11 -39.32
C VAL C 459 -29.90 -3.02 -40.81
N CYS C 460 -29.76 -1.80 -41.33
CA CYS C 460 -29.44 -1.56 -42.74
C CYS C 460 -28.02 -1.04 -42.84
N TYR C 461 -27.18 -1.76 -43.59
CA TYR C 461 -25.77 -1.45 -43.71
C TYR C 461 -25.30 -1.79 -45.13
N SER C 462 -24.49 -0.90 -45.70
CA SER C 462 -24.16 -0.98 -47.13
C SER C 462 -22.70 -0.59 -47.36
N ASN C 463 -22.28 -0.68 -48.62
CA ASN C 463 -20.95 -0.27 -49.06
C ASN C 463 -21.11 0.82 -50.12
N PRO C 464 -21.17 2.09 -49.70
CA PRO C 464 -21.26 3.19 -50.66
C PRO C 464 -19.95 3.40 -51.39
N ARG C 465 -19.93 4.31 -52.36
CA ARG C 465 -18.67 4.68 -52.98
C ARG C 465 -17.71 5.19 -51.92
N GLY C 466 -16.44 4.82 -52.05
CA GLY C 466 -15.46 4.96 -51.01
C GLY C 466 -15.11 3.63 -50.34
N SER C 467 -16.04 2.67 -50.37
CA SER C 467 -15.76 1.33 -49.88
C SER C 467 -14.68 0.69 -50.75
N VAL C 468 -14.00 -0.32 -50.19
CA VAL C 468 -12.74 -0.77 -50.74
C VAL C 468 -12.84 -1.98 -51.68
N GLY C 469 -13.92 -2.76 -51.59
CA GLY C 469 -13.98 -4.03 -52.27
C GLY C 469 -14.66 -4.08 -53.63
N TYR C 470 -14.96 -2.92 -54.22
CA TYR C 470 -15.70 -2.88 -55.48
C TYR C 470 -14.91 -2.20 -56.59
N GLY C 471 -13.59 -2.20 -56.48
CA GLY C 471 -12.71 -1.66 -57.51
C GLY C 471 -12.10 -0.32 -57.09
N GLN C 472 -11.01 0.03 -57.77
CA GLN C 472 -10.33 1.29 -57.47
C GLN C 472 -11.21 2.50 -57.75
N ALA C 473 -12.02 2.43 -58.81
CA ALA C 473 -12.87 3.57 -59.15
C ALA C 473 -13.91 3.84 -58.07
N TRP C 474 -14.46 2.77 -57.50
CA TRP C 474 -15.41 2.92 -56.40
C TRP C 474 -14.77 3.66 -55.24
N VAL C 475 -13.49 3.37 -54.96
CA VAL C 475 -12.77 4.09 -53.91
C VAL C 475 -12.55 5.55 -54.31
N ASP C 476 -12.09 5.78 -55.53
CA ASP C 476 -11.70 7.12 -55.94
C ASP C 476 -12.88 8.06 -56.15
N ALA C 477 -14.10 7.55 -56.16
CA ALA C 477 -15.26 8.41 -56.44
C ALA C 477 -15.44 9.49 -55.39
N ILE C 478 -15.00 9.24 -54.15
CA ILE C 478 -15.19 10.20 -53.06
C ILE C 478 -13.97 11.05 -52.80
N TYR C 479 -12.89 10.88 -53.56
CA TYR C 479 -11.65 11.60 -53.30
C TYR C 479 -11.87 13.11 -53.31
N GLY C 480 -11.43 13.75 -52.23
CA GLY C 480 -11.48 15.19 -52.13
C GLY C 480 -12.87 15.77 -51.94
N ARG C 481 -13.89 14.95 -51.74
CA ARG C 481 -15.26 15.45 -51.67
C ARG C 481 -16.10 14.55 -50.78
N TRP C 482 -15.60 14.27 -49.59
CA TRP C 482 -16.41 13.59 -48.58
C TRP C 482 -17.70 14.35 -48.35
N GLY C 483 -18.81 13.64 -48.34
CA GLY C 483 -20.12 14.24 -48.15
C GLY C 483 -20.90 14.52 -49.42
N THR C 484 -20.44 14.06 -50.58
CA THR C 484 -21.20 14.19 -51.81
C THR C 484 -21.71 12.79 -52.19
N VAL C 485 -21.01 12.06 -53.05
CA VAL C 485 -21.55 10.82 -53.61
C VAL C 485 -21.65 9.74 -52.55
N ASP C 486 -20.80 9.81 -51.51
CA ASP C 486 -20.89 8.83 -50.44
C ASP C 486 -22.18 8.99 -49.65
N ALA C 487 -22.50 10.24 -49.25
CA ALA C 487 -23.74 10.49 -48.53
C ALA C 487 -24.96 10.21 -49.40
N ASP C 488 -24.89 10.54 -50.69
CA ASP C 488 -25.97 10.21 -51.60
C ASP C 488 -26.21 8.70 -51.63
N ASP C 489 -25.13 7.92 -51.85
CA ASP C 489 -25.25 6.46 -51.90
C ASP C 489 -25.91 5.91 -50.65
N LEU C 490 -25.53 6.42 -49.47
CA LEU C 490 -26.05 5.89 -48.22
C LEU C 490 -27.54 6.16 -48.08
N LEU C 491 -27.99 7.37 -48.38
CA LEU C 491 -29.41 7.63 -48.29
C LEU C 491 -30.17 7.05 -49.49
N ASN C 492 -29.51 6.93 -50.64
CA ASN C 492 -30.08 6.16 -51.73
C ASN C 492 -30.29 4.72 -51.29
N PHE C 493 -29.27 4.12 -50.69
CA PHE C 493 -29.40 2.76 -50.19
C PHE C 493 -30.53 2.66 -49.16
N PHE C 494 -30.61 3.62 -48.23
CA PHE C 494 -31.61 3.54 -47.17
C PHE C 494 -33.01 3.65 -47.74
N ASP C 495 -33.21 4.53 -48.73
CA ASP C 495 -34.53 4.64 -49.34
C ASP C 495 -34.95 3.33 -50.01
N ARG C 496 -34.00 2.65 -50.67
CA ARG C 496 -34.31 1.34 -51.26
C ARG C 496 -34.64 0.31 -50.19
N CYS C 497 -33.99 0.40 -49.03
CA CYS C 497 -34.27 -0.54 -47.94
C CYS C 497 -35.72 -0.41 -47.47
N LEU C 498 -36.18 0.82 -47.26
CA LEU C 498 -37.56 1.02 -46.83
C LEU C 498 -38.54 0.58 -47.91
N GLU C 499 -38.17 0.75 -49.19
CA GLU C 499 -39.03 0.30 -50.28
C GLU C 499 -39.06 -1.23 -50.36
N ALA C 500 -37.89 -1.86 -50.33
CA ALA C 500 -37.79 -3.30 -50.54
C ALA C 500 -38.24 -4.11 -49.32
N VAL C 501 -38.17 -3.53 -48.13
CA VAL C 501 -38.51 -4.23 -46.89
C VAL C 501 -39.66 -3.51 -46.19
N PRO C 502 -40.92 -3.89 -46.45
CA PRO C 502 -42.04 -3.15 -45.86
C PRO C 502 -42.06 -3.17 -44.34
N ARG C 503 -41.43 -4.15 -43.71
CA ARG C 503 -41.42 -4.21 -42.25
C ARG C 503 -40.69 -3.05 -41.62
N LEU C 504 -39.76 -2.42 -42.34
CA LEU C 504 -39.05 -1.28 -41.80
C LEU C 504 -39.99 -0.11 -41.58
N ASP C 505 -39.92 0.48 -40.39
CA ASP C 505 -40.78 1.60 -40.00
C ASP C 505 -40.10 2.90 -40.43
N ALA C 506 -40.65 3.53 -41.48
CA ALA C 506 -40.07 4.78 -41.99
C ALA C 506 -40.26 5.95 -41.04
N ALA C 507 -41.09 5.81 -40.01
CA ALA C 507 -41.30 6.87 -39.03
C ALA C 507 -40.45 6.70 -37.79
N LYS C 508 -39.72 5.59 -37.69
CA LYS C 508 -38.82 5.31 -36.57
C LYS C 508 -37.49 4.85 -37.18
N THR C 509 -36.66 5.81 -37.58
CA THR C 509 -35.40 5.54 -38.24
C THR C 509 -34.26 6.21 -37.47
N ALA C 510 -33.07 5.63 -37.58
CA ALA C 510 -31.89 6.20 -36.95
C ALA C 510 -30.69 6.01 -37.86
N VAL C 511 -29.70 6.89 -37.71
CA VAL C 511 -28.45 6.81 -38.46
C VAL C 511 -27.29 6.82 -37.47
N MET C 512 -26.31 5.96 -37.72
CA MET C 512 -25.22 5.76 -36.78
C MET C 512 -23.97 5.28 -37.52
N GLY C 513 -22.81 5.56 -36.93
CA GLY C 513 -21.57 5.09 -37.50
C GLY C 513 -20.39 5.55 -36.66
N GLY C 514 -19.25 4.89 -36.89
CA GLY C 514 -18.04 5.18 -36.14
C GLY C 514 -16.93 5.70 -37.03
N ALA C 515 -16.07 6.54 -36.45
CA ALA C 515 -14.94 7.13 -37.15
C ALA C 515 -15.43 7.90 -38.38
N TYR C 516 -15.05 7.45 -39.58
CA TYR C 516 -15.65 8.02 -40.79
C TYR C 516 -17.15 7.88 -40.75
N GLY C 517 -17.67 6.80 -40.17
CA GLY C 517 -19.10 6.67 -39.98
C GLY C 517 -19.68 7.71 -39.04
N GLY C 518 -18.87 8.19 -38.09
CA GLY C 518 -19.29 9.31 -37.27
C GLY C 518 -19.29 10.62 -38.02
N PHE C 519 -18.22 10.87 -38.79
CA PHE C 519 -18.21 12.00 -39.70
C PHE C 519 -19.45 12.03 -40.57
N MET C 520 -19.78 10.88 -41.17
CA MET C 520 -20.94 10.84 -42.06
C MET C 520 -22.25 10.98 -41.31
N THR C 521 -22.35 10.42 -40.10
CA THR C 521 -23.54 10.64 -39.29
C THR C 521 -23.71 12.12 -38.99
N ASN C 522 -22.61 12.80 -38.66
CA ASN C 522 -22.68 14.24 -38.44
C ASN C 522 -23.02 14.98 -39.72
N TRP C 523 -22.41 14.59 -40.84
CA TRP C 523 -22.72 15.22 -42.11
C TRP C 523 -24.18 15.01 -42.50
N ILE C 524 -24.70 13.81 -42.31
CA ILE C 524 -26.05 13.51 -42.76
C ILE C 524 -27.08 14.25 -41.91
N THR C 525 -26.95 14.16 -40.58
CA THR C 525 -27.87 14.90 -39.71
C THR C 525 -27.80 16.40 -39.95
N GLY C 526 -26.67 16.91 -40.44
CA GLY C 526 -26.55 18.31 -40.75
C GLY C 526 -27.06 18.71 -42.12
N HIS C 527 -27.52 17.74 -42.92
CA HIS C 527 -28.11 18.00 -44.24
C HIS C 527 -29.48 17.36 -44.43
N THR C 528 -29.99 16.64 -43.44
CA THR C 528 -31.38 16.17 -43.46
C THR C 528 -31.83 15.93 -42.03
N THR C 529 -33.12 16.12 -41.80
CA THR C 529 -33.74 15.92 -40.50
C THR C 529 -34.58 14.65 -40.46
N ARG C 530 -34.51 13.81 -41.50
CA ARG C 530 -35.44 12.70 -41.66
C ARG C 530 -35.33 11.70 -40.52
N PHE C 531 -34.16 11.58 -39.90
CA PHE C 531 -33.94 10.57 -38.88
C PHE C 531 -34.47 11.03 -37.53
N GLN C 532 -34.97 10.07 -36.75
CA GLN C 532 -35.50 10.32 -35.42
C GLN C 532 -34.45 10.20 -34.33
N ALA C 533 -33.37 9.48 -34.60
CA ALA C 533 -32.25 9.41 -33.67
C ALA C 533 -30.95 9.33 -34.48
N ALA C 534 -29.85 9.62 -33.80
CA ALA C 534 -28.53 9.51 -34.40
C ALA C 534 -27.53 9.19 -33.30
N ILE C 535 -26.60 8.30 -33.61
CA ILE C 535 -25.51 7.96 -32.70
C ILE C 535 -24.21 8.14 -33.47
N THR C 536 -23.40 9.11 -33.05
CA THR C 536 -22.14 9.39 -33.71
C THR C 536 -21.00 8.96 -32.79
N ASP C 537 -20.11 8.13 -33.31
CA ASP C 537 -19.10 7.43 -32.51
C ASP C 537 -17.73 7.72 -33.10
N ARG C 538 -16.81 8.20 -32.27
CA ARG C 538 -15.46 8.55 -32.72
C ARG C 538 -15.52 9.46 -33.93
N CYS C 539 -16.37 10.48 -33.85
CA CYS C 539 -16.75 11.26 -35.01
C CYS C 539 -15.67 12.28 -35.37
N ILE C 540 -15.73 12.74 -36.60
CA ILE C 540 -15.01 13.93 -37.04
C ILE C 540 -16.04 15.01 -37.34
N SER C 541 -15.86 16.17 -36.72
CA SER C 541 -16.73 17.31 -36.93
C SER C 541 -16.03 18.49 -37.58
N ASN C 542 -14.77 18.72 -37.24
CA ASN C 542 -14.01 19.88 -37.69
C ASN C 542 -12.75 19.34 -38.35
N LEU C 543 -12.70 19.40 -39.68
CA LEU C 543 -11.55 18.83 -40.38
C LEU C 543 -10.30 19.69 -40.20
N ILE C 544 -10.47 20.98 -39.93
CA ILE C 544 -9.31 21.84 -39.72
C ILE C 544 -8.60 21.46 -38.43
N SER C 545 -9.31 21.44 -37.30
CA SER C 545 -8.67 21.10 -36.04
C SER C 545 -8.15 19.66 -36.02
N PHE C 546 -8.84 18.73 -36.71
CA PHE C 546 -8.36 17.35 -36.80
C PHE C 546 -6.96 17.28 -37.39
N GLY C 547 -6.70 18.10 -38.42
CA GLY C 547 -5.40 18.10 -39.04
C GLY C 547 -4.28 18.41 -38.05
N GLY C 548 -4.56 19.25 -37.05
CA GLY C 548 -3.56 19.67 -36.11
C GLY C 548 -3.53 18.87 -34.81
N THR C 549 -4.61 18.17 -34.50
CA THR C 549 -4.71 17.44 -33.24
C THR C 549 -4.48 15.94 -33.38
N SER C 550 -4.88 15.34 -34.49
CA SER C 550 -4.77 13.91 -34.68
C SER C 550 -3.34 13.50 -35.02
N ASP C 551 -2.94 12.31 -34.59
CA ASP C 551 -1.60 11.82 -34.86
C ASP C 551 -1.42 11.34 -36.30
N ILE C 552 -2.47 11.43 -37.11
CA ILE C 552 -2.40 11.19 -38.55
C ILE C 552 -3.03 12.38 -39.28
N GLY C 553 -3.18 13.51 -38.59
CA GLY C 553 -3.91 14.62 -39.17
C GLY C 553 -3.30 15.18 -40.43
N LEU C 554 -1.97 15.17 -40.53
CA LEU C 554 -1.33 15.71 -41.73
C LEU C 554 -1.27 14.73 -42.88
N ARG C 555 -1.34 13.43 -42.62
CA ARG C 555 -1.27 12.49 -43.73
C ARG C 555 -2.63 11.99 -44.14
N PHE C 556 -3.62 12.04 -43.25
CA PHE C 556 -4.95 11.55 -43.57
C PHE C 556 -5.63 12.44 -44.62
N TRP C 557 -5.74 13.75 -44.33
CA TRP C 557 -6.39 14.65 -45.29
C TRP C 557 -5.57 14.81 -46.57
N ASP C 558 -4.24 14.70 -46.48
CA ASP C 558 -3.42 14.72 -47.68
C ASP C 558 -3.73 13.52 -48.57
N ASP C 559 -3.89 12.34 -47.97
CA ASP C 559 -4.16 11.14 -48.74
C ASP C 559 -5.61 11.08 -49.19
N GLU C 560 -6.56 11.42 -48.30
CA GLU C 560 -7.97 11.27 -48.60
C GLU C 560 -8.52 12.42 -49.44
N LEU C 561 -7.94 13.61 -49.33
CA LEU C 561 -8.52 14.80 -49.94
C LEU C 561 -7.53 15.66 -50.70
N GLY C 562 -6.23 15.41 -50.59
CA GLY C 562 -5.25 16.28 -51.18
C GLY C 562 -5.22 17.68 -50.59
N LEU C 563 -5.44 17.78 -49.27
CA LEU C 563 -5.52 19.07 -48.59
C LEU C 563 -4.59 19.10 -47.39
N ASP C 564 -3.89 20.22 -47.25
CA ASP C 564 -2.98 20.48 -46.14
C ASP C 564 -3.61 21.57 -45.28
N PHE C 565 -4.02 21.21 -44.05
CA PHE C 565 -4.71 22.17 -43.20
C PHE C 565 -3.83 23.37 -42.85
N SER C 566 -2.51 23.26 -43.03
CA SER C 566 -1.60 24.34 -42.68
C SER C 566 -1.43 25.35 -43.80
N ARG C 567 -2.24 25.26 -44.86
CA ARG C 567 -2.26 26.23 -45.93
C ARG C 567 -3.65 26.82 -46.06
N ARG C 568 -3.71 28.14 -46.25
CA ARG C 568 -4.95 28.89 -46.09
C ARG C 568 -6.05 28.38 -47.03
N ALA C 569 -5.72 28.22 -48.32
CA ALA C 569 -6.74 27.82 -49.28
C ALA C 569 -7.26 26.42 -49.00
N ASP C 570 -6.39 25.53 -48.55
CA ASP C 570 -6.82 24.16 -48.25
C ASP C 570 -7.70 24.13 -47.02
N ALA C 571 -7.38 24.94 -46.00
CA ALA C 571 -8.15 24.92 -44.76
C ALA C 571 -9.60 25.32 -45.00
N LEU C 572 -9.82 26.29 -45.89
CA LEU C 572 -11.20 26.70 -46.20
C LEU C 572 -11.96 25.56 -46.85
N LYS C 573 -11.32 24.84 -47.77
CA LYS C 573 -11.96 23.67 -48.36
C LYS C 573 -12.20 22.60 -47.31
N LEU C 574 -11.28 22.44 -46.37
CA LEU C 574 -11.50 21.51 -45.27
C LEU C 574 -12.67 21.96 -44.40
N TRP C 575 -12.78 23.28 -44.16
CA TRP C 575 -13.91 23.77 -43.39
C TRP C 575 -15.21 23.52 -44.13
N ASP C 576 -15.20 23.63 -45.46
CA ASP C 576 -16.40 23.36 -46.23
C ASP C 576 -16.74 21.87 -46.24
N LEU C 577 -15.77 21.00 -45.93
CA LEU C 577 -16.01 19.58 -45.73
C LEU C 577 -16.36 19.23 -44.29
N SER C 578 -16.40 20.23 -43.39
CA SER C 578 -16.59 19.89 -41.98
C SER C 578 -18.07 19.86 -41.65
N PRO C 579 -18.56 18.76 -41.06
CA PRO C 579 -19.99 18.70 -40.68
C PRO C 579 -20.39 19.82 -39.73
N LEU C 580 -19.44 20.40 -38.98
CA LEU C 580 -19.77 21.46 -38.04
C LEU C 580 -20.22 22.72 -38.75
N GLN C 581 -19.75 22.96 -39.97
CA GLN C 581 -20.22 24.12 -40.72
C GLN C 581 -21.74 24.10 -40.88
N TYR C 582 -22.35 22.91 -40.92
CA TYR C 582 -23.78 22.76 -41.18
C TYR C 582 -24.56 22.34 -39.94
N VAL C 583 -23.95 22.46 -38.75
CA VAL C 583 -24.57 22.00 -37.52
C VAL C 583 -25.85 22.75 -37.19
N GLU C 584 -26.01 23.97 -37.69
CA GLU C 584 -27.22 24.74 -37.38
C GLU C 584 -28.48 24.02 -37.84
N ASN C 585 -28.36 23.16 -38.84
CA ASN C 585 -29.50 22.41 -39.36
C ASN C 585 -29.84 21.16 -38.56
N VAL C 586 -28.94 20.70 -37.67
CA VAL C 586 -29.18 19.45 -36.97
C VAL C 586 -30.32 19.62 -35.99
N LYS C 587 -31.31 18.75 -36.08
CA LYS C 587 -32.41 18.69 -35.13
C LYS C 587 -32.62 17.29 -34.59
N THR C 588 -31.81 16.33 -35.00
CA THR C 588 -31.99 14.92 -34.62
C THR C 588 -31.35 14.66 -33.26
N PRO C 589 -32.08 14.09 -32.31
CA PRO C 589 -31.48 13.76 -31.00
C PRO C 589 -30.29 12.82 -31.17
N THR C 590 -29.13 13.27 -30.75
CA THR C 590 -27.87 12.60 -31.04
C THR C 590 -27.20 12.13 -29.76
N LEU C 591 -26.73 10.88 -29.77
CA LEU C 591 -25.84 10.35 -28.75
C LEU C 591 -24.41 10.39 -29.26
N ILE C 592 -23.52 11.00 -28.49
CA ILE C 592 -22.12 11.14 -28.88
C ILE C 592 -21.27 10.23 -28.01
N VAL C 593 -20.48 9.38 -28.67
CA VAL C 593 -19.62 8.41 -28.01
C VAL C 593 -18.19 8.66 -28.46
N HIS C 594 -17.28 8.78 -27.50
CA HIS C 594 -15.90 9.10 -27.82
C HIS C 594 -15.02 8.72 -26.64
N SER C 595 -13.77 8.39 -26.94
CA SER C 595 -12.76 8.15 -25.92
C SER C 595 -12.08 9.46 -25.56
N VAL C 596 -11.79 9.64 -24.28
CA VAL C 596 -11.19 10.88 -23.81
C VAL C 596 -9.75 11.01 -24.29
N LEU C 597 -9.03 9.89 -24.39
CA LEU C 597 -7.60 9.91 -24.71
C LEU C 597 -7.33 9.40 -26.12
N ASP C 598 -8.27 9.59 -27.03
CA ASP C 598 -8.09 9.18 -28.43
C ASP C 598 -7.00 10.01 -29.08
N HIS C 599 -5.98 9.34 -29.62
CA HIS C 599 -4.91 10.02 -30.33
C HIS C 599 -5.18 10.10 -31.83
N ARG C 600 -5.90 9.13 -32.38
CA ARG C 600 -6.19 9.16 -33.82
C ARG C 600 -7.36 10.08 -34.12
N CYS C 601 -8.33 10.18 -33.22
CA CYS C 601 -9.47 11.07 -33.36
C CYS C 601 -9.68 11.81 -32.05
N PRO C 602 -8.95 12.91 -31.82
CA PRO C 602 -8.99 13.58 -30.52
C PRO C 602 -10.39 14.01 -30.11
N VAL C 603 -10.60 14.01 -28.79
CA VAL C 603 -11.91 14.25 -28.22
C VAL C 603 -12.46 15.64 -28.56
N GLU C 604 -11.60 16.58 -28.97
CA GLU C 604 -12.08 17.90 -29.36
C GLU C 604 -13.10 17.81 -30.48
N GLN C 605 -13.02 16.79 -31.34
CA GLN C 605 -14.01 16.64 -32.39
C GLN C 605 -15.40 16.37 -31.81
N ALA C 606 -15.48 15.51 -30.80
CA ALA C 606 -16.77 15.23 -30.19
C ALA C 606 -17.24 16.38 -29.31
N GLU C 607 -16.29 17.10 -28.70
CA GLU C 607 -16.66 18.24 -27.86
C GLU C 607 -17.30 19.35 -28.70
N GLN C 608 -16.75 19.59 -29.88
CA GLN C 608 -17.30 20.64 -30.76
C GLN C 608 -18.72 20.30 -31.19
N TRP C 609 -18.96 19.03 -31.55
CA TRP C 609 -20.31 18.61 -31.92
C TRP C 609 -21.28 18.73 -30.74
N TYR C 610 -20.86 18.25 -29.58
CA TYR C 610 -21.70 18.33 -28.39
C TYR C 610 -22.07 19.77 -28.07
N ALA C 611 -21.06 20.64 -27.99
CA ALA C 611 -21.31 22.05 -27.68
C ALA C 611 -22.26 22.69 -28.69
N ALA C 612 -22.12 22.34 -29.97
CA ALA C 612 -22.95 22.95 -31.00
C ALA C 612 -24.41 22.52 -30.87
N LEU C 613 -24.65 21.22 -30.75
CA LEU C 613 -26.01 20.72 -30.53
C LEU C 613 -26.59 21.28 -29.24
N HIS C 614 -25.75 21.42 -28.21
CA HIS C 614 -26.22 21.91 -26.91
C HIS C 614 -26.62 23.39 -26.98
N LYS C 615 -25.84 24.20 -27.71
CA LYS C 615 -26.17 25.61 -27.86
C LYS C 615 -27.49 25.78 -28.63
N HIS C 616 -27.76 24.89 -29.57
CA HIS C 616 -29.04 24.89 -30.26
C HIS C 616 -30.14 24.19 -29.46
N GLN C 617 -29.80 23.65 -28.29
CA GLN C 617 -30.76 22.91 -27.46
C GLN C 617 -31.37 21.71 -28.18
N VAL C 618 -30.58 21.08 -29.04
CA VAL C 618 -30.91 19.77 -29.60
C VAL C 618 -30.71 18.70 -28.53
N PRO C 619 -31.64 17.72 -28.36
CA PRO C 619 -31.42 16.64 -27.40
C PRO C 619 -30.09 15.94 -27.65
N VAL C 620 -29.22 15.97 -26.65
CA VAL C 620 -27.82 15.61 -26.83
C VAL C 620 -27.35 14.77 -25.64
N ARG C 621 -26.47 13.81 -25.90
CA ARG C 621 -25.88 13.04 -24.81
C ARG C 621 -24.46 12.65 -25.22
N PHE C 622 -23.52 12.86 -24.29
CA PHE C 622 -22.08 12.76 -24.57
C PHE C 622 -21.46 11.78 -23.60
N VAL C 623 -21.15 10.58 -24.07
CA VAL C 623 -20.45 9.57 -23.28
C VAL C 623 -18.96 9.70 -23.56
N ARG C 624 -18.20 10.03 -22.52
CA ARG C 624 -16.76 10.19 -22.62
C ARG C 624 -16.10 8.99 -21.95
N PHE C 625 -15.46 8.13 -22.75
CA PHE C 625 -14.89 6.89 -22.25
C PHE C 625 -13.48 7.13 -21.72
N PRO C 626 -13.17 6.65 -20.50
CA PRO C 626 -11.77 6.69 -20.05
C PRO C 626 -10.90 5.64 -20.72
N GLU C 627 -11.49 4.52 -21.15
CA GLU C 627 -10.75 3.52 -21.91
C GLU C 627 -10.70 3.91 -23.38
N GLU C 628 -9.52 3.77 -23.98
CA GLU C 628 -9.38 4.02 -25.41
C GLU C 628 -10.08 2.93 -26.22
N ASN C 629 -10.12 3.14 -27.53
CA ASN C 629 -10.75 2.18 -28.44
C ASN C 629 -9.96 0.88 -28.45
N HIS C 630 -10.66 -0.21 -28.77
CA HIS C 630 -10.08 -1.56 -28.83
C HIS C 630 -9.50 -1.97 -27.48
N GLU C 631 -10.16 -1.56 -26.39
CA GLU C 631 -9.67 -1.90 -25.06
C GLU C 631 -9.77 -3.39 -24.79
N LEU C 632 -10.77 -4.06 -25.37
CA LEU C 632 -10.87 -5.51 -25.21
C LEU C 632 -9.61 -6.20 -25.73
N SER C 633 -9.11 -5.76 -26.90
CA SER C 633 -7.89 -6.33 -27.44
C SER C 633 -6.67 -5.91 -26.63
N ARG C 634 -6.73 -4.75 -25.98
CA ARG C 634 -5.55 -4.22 -25.31
C ARG C 634 -5.41 -4.76 -23.89
N SER C 635 -6.53 -4.98 -23.19
CA SER C 635 -6.48 -5.44 -21.81
C SER C 635 -7.39 -6.61 -21.51
N GLY C 636 -8.24 -7.04 -22.45
CA GLY C 636 -9.20 -8.07 -22.15
C GLY C 636 -10.41 -7.61 -21.38
N ARG C 637 -10.45 -6.35 -20.99
CA ARG C 637 -11.59 -5.80 -20.25
C ARG C 637 -12.71 -5.44 -21.22
N PRO C 638 -13.87 -6.07 -21.14
CA PRO C 638 -14.98 -5.74 -22.05
C PRO C 638 -15.88 -4.60 -21.59
N ASP C 639 -15.46 -3.82 -20.60
CA ASP C 639 -16.34 -2.79 -20.03
C ASP C 639 -16.75 -1.77 -21.08
N ARG C 640 -15.81 -1.33 -21.92
CA ARG C 640 -16.12 -0.32 -22.91
C ARG C 640 -17.19 -0.81 -23.89
N ARG C 641 -17.09 -2.08 -24.30
CA ARG C 641 -18.03 -2.60 -25.28
C ARG C 641 -19.42 -2.72 -24.70
N LEU C 642 -19.53 -3.17 -23.44
CA LEU C 642 -20.82 -3.29 -22.79
C LEU C 642 -21.44 -1.91 -22.54
N THR C 643 -20.63 -0.97 -22.02
CA THR C 643 -21.12 0.38 -21.80
C THR C 643 -21.55 1.03 -23.11
N ARG C 644 -20.75 0.88 -24.17
CA ARG C 644 -21.11 1.45 -25.46
C ARG C 644 -22.42 0.87 -25.97
N LEU C 645 -22.57 -0.46 -25.91
CA LEU C 645 -23.81 -1.07 -26.37
C LEU C 645 -24.99 -0.68 -25.50
N ASN C 646 -24.76 -0.61 -24.18
CA ASN C 646 -25.81 -0.15 -23.27
C ASN C 646 -26.31 1.23 -23.66
N GLU C 647 -25.37 2.15 -23.92
CA GLU C 647 -25.75 3.51 -24.28
C GLU C 647 -26.44 3.56 -25.63
N TYR C 648 -25.98 2.76 -26.59
CA TYR C 648 -26.63 2.69 -27.89
C TYR C 648 -28.10 2.33 -27.75
N PHE C 649 -28.37 1.20 -27.11
CA PHE C 649 -29.75 0.72 -27.00
C PHE C 649 -30.59 1.66 -26.14
N ALA C 650 -30.02 2.22 -25.09
CA ALA C 650 -30.74 3.19 -24.27
C ALA C 650 -31.19 4.38 -25.10
N TRP C 651 -30.28 4.92 -25.91
CA TRP C 651 -30.65 6.05 -26.76
C TRP C 651 -31.71 5.68 -27.78
N LEU C 652 -31.60 4.49 -28.37
CA LEU C 652 -32.57 4.06 -29.36
C LEU C 652 -33.95 3.84 -28.73
N GLU C 653 -33.99 3.32 -27.50
CA GLU C 653 -35.30 3.09 -26.86
C GLU C 653 -35.97 4.39 -26.47
N ARG C 654 -35.19 5.47 -26.26
CA ARG C 654 -35.81 6.73 -25.85
C ARG C 654 -36.52 7.41 -27.03
N TRP C 655 -35.97 7.30 -28.24
CA TRP C 655 -36.47 8.06 -29.37
C TRP C 655 -37.14 7.21 -30.45
N LEU C 656 -36.96 5.89 -30.43
CA LEU C 656 -37.57 5.05 -31.44
C LEU C 656 -38.61 4.14 -30.81
N PRO D 8 -30.59 -2.96 34.12
CA PRO D 8 -29.37 -3.14 33.33
C PRO D 8 -28.11 -2.72 34.09
N ALA D 9 -27.38 -3.71 34.61
CA ALA D 9 -26.19 -3.43 35.40
C ALA D 9 -25.08 -2.86 34.53
N PRO D 10 -24.26 -1.96 35.07
CA PRO D 10 -23.17 -1.38 34.28
C PRO D 10 -22.15 -2.45 33.90
N GLY D 11 -21.45 -2.21 32.80
CA GLY D 11 -20.45 -3.11 32.32
C GLY D 11 -19.08 -2.47 32.15
N PRO D 12 -18.11 -3.25 31.66
CA PRO D 12 -16.75 -2.71 31.45
C PRO D 12 -16.72 -1.43 30.63
N ASP D 13 -17.64 -1.26 29.68
CA ASP D 13 -17.68 -0.06 28.86
C ASP D 13 -17.87 1.21 29.67
N SER D 14 -18.31 1.11 30.93
CA SER D 14 -18.38 2.29 31.78
C SER D 14 -17.04 3.03 31.84
N LEU D 15 -15.94 2.31 31.61
CA LEU D 15 -14.63 2.94 31.61
C LEU D 15 -14.52 4.03 30.55
N LEU D 16 -15.21 3.84 29.41
CA LEU D 16 -15.11 4.76 28.30
C LEU D 16 -15.77 6.11 28.60
N ALA D 17 -16.51 6.23 29.70
CA ALA D 17 -17.06 7.52 30.10
C ALA D 17 -16.02 8.43 30.74
N LEU D 18 -14.89 7.88 31.16
CA LEU D 18 -13.95 8.60 32.01
C LEU D 18 -12.89 9.31 31.18
N ALA D 19 -12.49 10.48 31.67
CA ALA D 19 -11.29 11.16 31.20
C ALA D 19 -10.26 11.11 32.31
N PHE D 20 -8.99 10.99 31.92
CA PHE D 20 -7.94 10.68 32.88
C PHE D 20 -6.97 11.84 33.04
N PRO D 21 -6.87 12.43 34.23
CA PRO D 21 -5.94 13.54 34.45
C PRO D 21 -4.55 13.04 34.81
N SER D 22 -3.55 13.87 34.49
CA SER D 22 -2.16 13.51 34.76
C SER D 22 -1.28 14.75 34.66
N ASP D 23 -0.08 14.64 35.23
CA ASP D 23 0.97 15.66 35.20
C ASP D 23 0.48 17.04 35.55
N PRO D 24 0.09 17.30 36.78
CA PRO D 24 -0.35 18.67 37.12
C PRO D 24 0.85 19.57 37.38
N GLN D 25 1.08 20.50 36.46
CA GLN D 25 2.24 21.37 36.51
C GLN D 25 1.83 22.78 36.92
N VAL D 26 2.33 23.22 38.08
CA VAL D 26 2.05 24.57 38.57
C VAL D 26 2.94 25.57 37.84
N SER D 27 2.40 26.75 37.58
CA SER D 27 3.15 27.81 36.93
C SER D 27 4.18 28.41 37.91
N PRO D 28 5.22 29.06 37.38
CA PRO D 28 6.23 29.65 38.27
C PRO D 28 5.67 30.68 39.25
N ASP D 29 4.64 31.44 38.87
CA ASP D 29 4.06 32.39 39.82
C ASP D 29 3.07 31.74 40.79
N GLY D 30 2.77 30.46 40.61
CA GLY D 30 1.92 29.74 41.54
C GLY D 30 0.44 29.98 41.38
N LYS D 31 0.03 30.71 40.34
CA LYS D 31 -1.38 31.09 40.15
C LYS D 31 -2.04 30.36 38.98
N GLN D 32 -1.35 29.40 38.34
CA GLN D 32 -1.91 28.65 37.22
C GLN D 32 -1.46 27.20 37.32
N VAL D 33 -2.25 26.32 36.69
CA VAL D 33 -1.90 24.92 36.54
C VAL D 33 -2.18 24.47 35.11
N ALA D 34 -1.18 23.89 34.47
CA ALA D 34 -1.33 23.17 33.21
C ALA D 34 -1.20 21.68 33.46
N PHE D 35 -2.08 20.89 32.84
CA PHE D 35 -2.04 19.45 33.03
C PHE D 35 -2.50 18.73 31.77
N VAL D 36 -2.36 17.40 31.79
CA VAL D 36 -2.72 16.52 30.68
C VAL D 36 -4.02 15.81 31.01
N LEU D 37 -4.86 15.62 30.00
CA LEU D 37 -6.10 14.88 30.16
C LEU D 37 -6.32 13.99 28.95
N ALA D 38 -6.52 12.69 29.20
CA ALA D 38 -6.71 11.71 28.14
C ALA D 38 -8.19 11.37 28.02
N GLN D 39 -8.75 11.55 26.82
CA GLN D 39 -10.17 11.32 26.58
C GLN D 39 -10.33 10.67 25.21
N ILE D 40 -11.45 9.99 25.02
CA ILE D 40 -11.71 9.33 23.73
C ILE D 40 -12.12 10.33 22.65
N PRO D 55 -12.55 2.98 19.37
CA PRO D 55 -12.46 4.02 20.40
C PRO D 55 -11.09 4.10 21.04
N ARG D 56 -10.45 5.27 20.95
CA ARG D 56 -9.09 5.45 21.43
C ARG D 56 -8.94 6.74 22.25
N TYR D 57 -8.10 6.66 23.28
CA TYR D 57 -7.82 7.79 24.14
C TYR D 57 -6.68 8.60 23.56
N ARG D 58 -6.85 9.91 23.51
CA ARG D 58 -5.80 10.83 23.11
C ARG D 58 -5.74 11.93 24.17
N SER D 59 -4.55 12.48 24.38
CA SER D 59 -4.34 13.42 25.46
C SER D 59 -4.07 14.81 24.89
N GLY D 60 -4.58 15.82 25.58
CA GLY D 60 -4.28 17.20 25.25
C GLY D 60 -3.97 17.98 26.51
N LEU D 61 -3.37 19.14 26.30
CA LEU D 61 -3.02 20.02 27.41
C LEU D 61 -4.24 20.81 27.86
N TRP D 62 -4.43 20.92 29.17
CA TRP D 62 -5.46 21.77 29.75
C TRP D 62 -4.82 22.81 30.64
N LEU D 63 -5.56 23.89 30.88
CA LEU D 63 -5.04 25.03 31.63
C LEU D 63 -6.15 25.66 32.47
N SER D 64 -5.79 26.10 33.67
CA SER D 64 -6.69 26.81 34.56
C SER D 64 -5.91 27.85 35.35
N GLU D 65 -6.54 29.01 35.57
CA GLU D 65 -5.99 30.07 36.39
C GLU D 65 -6.60 30.10 37.78
N GLY D 66 -7.51 29.18 38.09
CA GLY D 66 -8.18 29.15 39.38
C GLY D 66 -9.59 28.63 39.21
N GLY D 67 -10.14 28.79 38.01
CA GLY D 67 -11.47 28.33 37.68
C GLY D 67 -11.46 27.02 36.93
N ALA D 68 -12.59 26.73 36.29
CA ALA D 68 -12.72 25.50 35.50
C ALA D 68 -11.68 25.46 34.39
N ALA D 69 -10.98 24.33 34.29
CA ALA D 69 -9.95 24.18 33.29
C ALA D 69 -10.54 24.20 31.88
N ARG D 70 -9.74 24.70 30.94
CA ARG D 70 -10.10 24.82 29.53
C ARG D 70 -9.04 24.12 28.69
N PRO D 71 -9.45 23.54 27.56
CA PRO D 71 -8.47 22.87 26.69
C PRO D 71 -7.55 23.87 26.00
N LEU D 72 -6.29 23.49 25.86
CA LEU D 72 -5.28 24.29 25.19
C LEU D 72 -4.91 23.75 23.81
N THR D 73 -4.89 22.42 23.66
CA THR D 73 -4.64 21.76 22.39
C THR D 73 -5.82 20.86 22.06
N HIS D 74 -5.84 20.34 20.83
CA HIS D 74 -6.97 19.55 20.34
C HIS D 74 -6.43 18.49 19.37
N ALA D 75 -5.84 17.44 19.94
CA ALA D 75 -5.26 16.39 19.13
C ALA D 75 -6.34 15.54 18.47
N GLU D 76 -6.14 15.24 17.18
CA GLU D 76 -7.03 14.37 16.43
C GLU D 76 -6.40 13.05 16.02
N THR D 77 -5.08 12.98 15.92
CA THR D 77 -4.39 11.76 15.54
C THR D 77 -3.27 11.51 16.54
N GLY D 78 -2.73 10.28 16.48
CA GLY D 78 -1.66 9.92 17.38
C GLY D 78 -2.14 9.81 18.81
N ARG D 79 -1.16 9.79 19.72
CA ARG D 79 -1.46 9.69 21.14
C ARG D 79 -1.84 11.03 21.74
N GLY D 80 -1.43 12.13 21.13
CA GLY D 80 -1.80 13.45 21.62
C GLY D 80 -0.61 14.23 22.14
N ASP D 81 -0.92 15.21 22.98
CA ASP D 81 0.08 16.10 23.54
C ASP D 81 0.23 15.86 25.03
N SER D 82 1.46 15.99 25.52
CA SER D 82 1.80 15.58 26.87
C SER D 82 3.02 16.35 27.33
N ALA D 83 3.40 16.13 28.59
CA ALA D 83 4.56 16.75 29.21
C ALA D 83 4.56 18.28 29.11
N PRO D 84 3.54 18.95 29.67
CA PRO D 84 3.57 20.42 29.69
C PRO D 84 4.59 20.90 30.70
N ARG D 85 5.40 21.87 30.29
CA ARG D 85 6.45 22.41 31.16
C ARG D 85 6.46 23.92 31.01
N TRP D 86 6.25 24.63 32.11
CA TRP D 86 6.21 26.09 32.09
C TRP D 86 7.57 26.68 31.83
N SER D 87 7.63 27.66 30.92
CA SER D 87 8.80 28.53 30.86
C SER D 87 8.86 29.38 32.12
N PRO D 88 10.06 29.71 32.61
CA PRO D 88 10.16 30.49 33.85
C PRO D 88 9.43 31.81 33.84
N ASP D 89 9.33 32.48 32.68
CA ASP D 89 8.60 33.75 32.65
C ASP D 89 7.08 33.56 32.63
N GLY D 90 6.60 32.32 32.63
CA GLY D 90 5.18 32.04 32.64
C GLY D 90 4.46 32.30 31.34
N GLN D 91 5.18 32.56 30.25
CA GLN D 91 4.57 32.96 29.00
C GLN D 91 4.46 31.83 27.98
N ASN D 92 5.22 30.75 28.14
CA ASN D 92 5.22 29.67 27.17
C ASN D 92 5.06 28.34 27.88
N LEU D 93 4.58 27.36 27.12
CA LEU D 93 4.49 25.96 27.55
C LEU D 93 5.27 25.13 26.56
N ALA D 94 6.36 24.53 27.03
CA ALA D 94 6.98 23.44 26.30
C ALA D 94 6.12 22.20 26.50
N PHE D 95 6.01 21.38 25.46
CA PHE D 95 5.32 20.11 25.59
C PHE D 95 5.77 19.19 24.47
N VAL D 96 5.34 17.94 24.55
CA VAL D 96 5.70 16.89 23.61
C VAL D 96 4.45 16.46 22.88
N ARG D 97 4.56 16.34 21.55
CA ARG D 97 3.41 16.07 20.69
C ARG D 97 3.60 14.72 20.00
N SER D 98 2.56 13.89 20.05
CA SER D 98 2.55 12.64 19.30
C SER D 98 1.42 12.66 18.28
N LYS D 103 6.33 11.21 16.20
CA LYS D 103 6.42 10.30 17.34
C LYS D 103 6.30 11.07 18.64
N ALA D 104 7.23 12.01 18.85
CA ALA D 104 7.28 12.81 20.07
C ALA D 104 8.13 14.05 19.89
N ALA D 105 7.59 15.08 19.23
CA ALA D 105 8.33 16.29 18.93
C ALA D 105 8.18 17.33 20.03
N LEU D 106 9.25 18.08 20.26
CA LEU D 106 9.23 19.17 21.23
C LEU D 106 8.58 20.40 20.64
N MET D 107 7.56 20.91 21.35
CA MET D 107 6.77 22.03 20.90
C MET D 107 6.91 23.21 21.86
N LEU D 108 6.68 24.42 21.33
CA LEU D 108 6.65 25.68 22.07
C LEU D 108 5.34 26.39 21.81
N LEU D 109 4.52 26.49 22.86
CA LEU D 109 3.22 27.12 22.74
C LEU D 109 3.23 28.47 23.43
N PRO D 110 3.12 29.57 22.70
CA PRO D 110 2.98 30.87 23.37
C PRO D 110 1.59 30.98 24.00
N LEU D 111 1.55 31.22 25.31
CA LEU D 111 0.31 31.15 26.06
C LEU D 111 -0.56 32.38 25.90
N LYS D 112 0.00 33.50 25.44
CA LYS D 112 -0.76 34.73 25.30
C LYS D 112 -1.23 34.97 23.88
N GLY D 113 -1.25 33.93 23.04
CA GLY D 113 -1.77 34.06 21.70
C GLY D 113 -0.94 33.35 20.64
N GLY D 114 -1.58 32.54 19.81
CA GLY D 114 -0.88 31.88 18.73
C GLY D 114 -0.72 30.39 18.97
N GLU D 115 -0.48 29.66 17.88
CA GLU D 115 -0.29 28.23 17.94
C GLU D 115 1.17 27.89 18.20
N ALA D 116 1.41 26.64 18.58
CA ALA D 116 2.74 26.19 18.96
C ALA D 116 3.65 26.00 17.76
N ARG D 117 4.96 26.11 18.00
CA ARG D 117 5.96 25.83 16.99
C ARG D 117 6.74 24.58 17.37
N ARG D 118 7.08 23.78 16.36
CA ARG D 118 7.88 22.58 16.56
C ARG D 118 9.36 22.90 16.41
N VAL D 119 10.17 22.50 17.39
CA VAL D 119 11.59 22.82 17.41
C VAL D 119 12.50 21.60 17.34
N THR D 120 11.96 20.39 17.36
CA THR D 120 12.79 19.20 17.18
C THR D 120 12.24 18.41 16.00
N HIS D 121 13.15 17.80 15.25
CA HIS D 121 12.80 16.95 14.12
C HIS D 121 13.69 15.71 14.16
N PHE D 122 13.54 14.91 15.20
CA PHE D 122 14.21 13.63 15.34
C PHE D 122 13.26 12.53 14.92
N LYS D 123 13.81 11.44 14.38
CA LYS D 123 12.97 10.34 13.89
C LYS D 123 12.17 9.71 15.02
N ASN D 124 12.78 9.53 16.18
CA ASN D 124 12.14 8.83 17.29
C ASN D 124 11.66 9.77 18.39
N GLY D 125 11.63 11.08 18.16
CA GLY D 125 11.06 11.98 19.13
C GLY D 125 11.93 12.24 20.34
N VAL D 126 11.31 12.92 21.32
CA VAL D 126 12.00 13.35 22.52
C VAL D 126 11.24 12.83 23.73
N SER D 127 11.83 13.04 24.91
CA SER D 127 11.18 12.65 26.15
C SER D 127 11.76 13.49 27.28
N GLY D 128 10.89 13.87 28.22
CA GLY D 128 11.30 14.51 29.45
C GLY D 128 11.97 15.86 29.29
N PRO D 129 11.24 16.86 28.78
CA PRO D 129 11.82 18.21 28.71
C PRO D 129 11.83 18.89 30.06
N GLN D 130 12.88 19.68 30.31
CA GLN D 130 13.01 20.44 31.55
C GLN D 130 13.65 21.78 31.25
N TRP D 131 12.91 22.86 31.50
CA TRP D 131 13.49 24.19 31.35
C TRP D 131 14.61 24.43 32.36
N SER D 132 15.59 25.21 31.97
CA SER D 132 16.52 25.73 32.95
C SER D 132 15.86 26.88 33.71
N PRO D 133 16.19 27.06 34.99
CA PRO D 133 15.51 28.09 35.80
C PRO D 133 15.61 29.49 35.22
N ASP D 134 16.63 29.79 34.43
CA ASP D 134 16.75 31.10 33.82
C ASP D 134 16.02 31.20 32.47
N GLY D 135 15.37 30.13 32.04
CA GLY D 135 14.66 30.14 30.78
C GLY D 135 15.52 30.14 29.54
N ARG D 136 16.82 29.90 29.68
CA ARG D 136 17.73 29.93 28.54
C ARG D 136 17.84 28.60 27.81
N PHE D 137 17.45 27.50 28.46
CA PHE D 137 17.63 26.17 27.87
C PHE D 137 16.46 25.27 28.23
N ILE D 138 16.23 24.29 27.37
CA ILE D 138 15.35 23.16 27.66
C ILE D 138 16.17 21.89 27.44
N ALA D 139 16.36 21.12 28.52
CA ALA D 139 17.05 19.84 28.41
C ALA D 139 16.06 18.74 28.11
N PHE D 140 16.53 17.74 27.37
CA PHE D 140 15.71 16.58 27.03
C PHE D 140 16.64 15.49 26.50
N THR D 141 16.07 14.31 26.31
CA THR D 141 16.78 13.18 25.74
C THR D 141 16.07 12.72 24.47
N THR D 142 16.84 12.04 23.63
CA THR D 142 16.31 11.49 22.39
C THR D 142 17.29 10.40 21.94
N THR D 143 16.77 9.41 21.22
CA THR D 143 17.57 8.25 20.88
C THR D 143 18.52 8.56 19.73
N ARG D 175 23.15 3.43 21.80
CA ARG D 175 21.94 2.72 22.20
C ARG D 175 21.12 3.46 23.26
N PRO D 176 21.74 3.94 24.34
CA PRO D 176 20.97 4.71 25.33
C PRO D 176 20.75 6.15 24.89
N ALA D 177 19.58 6.68 25.25
CA ALA D 177 19.20 8.03 24.87
C ALA D 177 20.24 9.03 25.35
N ALA D 178 20.56 9.98 24.48
CA ALA D 178 21.53 11.03 24.77
C ALA D 178 20.82 12.29 25.24
N LEU D 179 21.45 13.00 26.17
CA LEU D 179 20.92 14.26 26.67
C LEU D 179 21.22 15.39 25.69
N TRP D 180 20.18 16.11 25.28
CA TRP D 180 20.29 17.20 24.32
C TRP D 180 19.97 18.53 24.97
N LEU D 181 20.18 19.60 24.20
CA LEU D 181 20.05 20.96 24.69
C LEU D 181 19.43 21.84 23.62
N TYR D 182 18.32 22.50 23.94
CA TYR D 182 17.70 23.47 23.05
C TYR D 182 18.05 24.87 23.56
N ASP D 183 18.84 25.60 22.77
CA ASP D 183 19.14 26.99 23.07
C ASP D 183 17.95 27.86 22.65
N VAL D 184 17.31 28.50 23.62
CA VAL D 184 16.07 29.25 23.34
C VAL D 184 16.37 30.54 22.61
N GLU D 185 17.31 31.34 23.12
CA GLU D 185 17.64 32.60 22.46
C GLU D 185 18.28 32.39 21.09
N ALA D 186 18.75 31.18 20.80
CA ALA D 186 19.40 30.88 19.53
C ALA D 186 18.55 30.03 18.60
N ASP D 187 17.46 29.44 19.10
CA ASP D 187 16.65 28.50 18.33
C ASP D 187 17.52 27.41 17.70
N LYS D 188 18.55 26.99 18.43
CA LYS D 188 19.47 25.97 17.98
C LYS D 188 19.46 24.79 18.93
N LEU D 189 19.71 23.61 18.39
CA LEU D 189 19.84 22.38 19.15
C LEU D 189 21.29 21.99 19.25
N ARG D 190 21.60 21.09 20.18
CA ARG D 190 22.98 20.70 20.43
C ARG D 190 23.00 19.48 21.34
N GLU D 191 23.61 18.37 20.90
CA GLU D 191 23.78 17.24 21.78
C GLU D 191 24.71 17.61 22.93
N TRP D 192 24.30 17.26 24.15
CA TRP D 192 24.99 17.66 25.36
C TRP D 192 25.89 16.56 25.91
N TYR D 193 25.33 15.38 26.16
CA TYR D 193 26.07 14.29 26.78
C TYR D 193 25.47 12.97 26.33
N ALA D 194 26.27 12.14 25.69
CA ALA D 194 25.83 10.81 25.27
C ALA D 194 26.32 9.79 26.28
N PRO D 195 25.45 9.22 27.10
CA PRO D 195 25.91 8.38 28.21
C PRO D 195 26.30 6.98 27.74
N GLU D 196 27.13 6.33 28.56
CA GLU D 196 27.55 4.97 28.28
C GLU D 196 26.43 3.98 28.53
N ILE D 197 25.78 4.06 29.69
CA ILE D 197 24.73 3.12 30.08
C ILE D 197 23.36 3.76 30.00
N GLY D 198 23.21 4.95 30.53
CA GLY D 198 21.94 5.65 30.48
C GLY D 198 21.84 6.64 31.63
N ILE D 199 20.97 7.61 31.46
CA ILE D 199 20.75 8.68 32.43
C ILE D 199 19.38 8.51 33.06
N GLY D 200 19.33 8.51 34.39
CA GLY D 200 18.07 8.44 35.10
C GLY D 200 17.52 9.81 35.46
N ALA D 201 17.37 10.08 36.75
CA ALA D 201 16.85 11.37 37.19
C ALA D 201 17.76 12.50 36.73
N LEU D 202 17.15 13.66 36.47
CA LEU D 202 17.87 14.84 36.04
C LEU D 202 17.20 16.08 36.62
N SER D 203 18.03 17.03 37.06
CA SER D 203 17.52 18.28 37.63
C SER D 203 18.55 19.38 37.42
N TRP D 204 18.07 20.53 36.94
CA TRP D 204 18.93 21.69 36.79
C TRP D 204 19.35 22.23 38.16
N TRP D 205 20.58 22.74 38.23
CA TRP D 205 20.96 23.56 39.36
C TRP D 205 20.10 24.84 39.36
N PRO D 206 19.83 25.42 40.52
CA PRO D 206 18.98 26.61 40.56
C PRO D 206 19.57 27.82 39.87
N ASP D 207 20.89 27.85 39.64
CA ASP D 207 21.54 28.95 38.92
C ASP D 207 21.74 28.63 37.45
N SER D 208 21.20 27.51 36.97
CA SER D 208 21.23 27.15 35.56
C SER D 208 22.66 26.94 35.04
N ARG D 209 23.58 26.55 35.92
CA ARG D 209 24.94 26.25 35.48
C ARG D 209 25.04 24.87 34.86
N GLY D 210 24.06 24.00 35.09
CA GLY D 210 24.13 22.63 34.63
C GLY D 210 23.06 21.80 35.29
N VAL D 211 23.21 20.49 35.18
CA VAL D 211 22.20 19.56 35.68
C VAL D 211 22.87 18.50 36.53
N LEU D 212 22.14 18.06 37.55
CA LEU D 212 22.45 16.83 38.26
C LEU D 212 21.81 15.67 37.50
N ILE D 213 22.56 14.61 37.30
CA ILE D 213 22.04 13.42 36.63
C ILE D 213 22.41 12.21 37.46
N VAL D 214 21.52 11.22 37.46
CA VAL D 214 21.76 9.94 38.09
C VAL D 214 22.10 8.93 37.01
N GLN D 215 23.24 8.26 37.15
CA GLN D 215 23.67 7.29 36.15
C GLN D 215 24.69 6.36 36.80
N SER D 216 24.91 5.21 36.16
CA SER D 216 25.81 4.19 36.69
C SER D 216 27.26 4.38 36.22
N GLU D 219 29.61 -0.49 33.61
CA GLU D 219 28.66 -1.55 33.39
C GLU D 219 28.61 -2.49 34.60
N TRP D 220 29.72 -2.58 35.33
CA TRP D 220 29.74 -3.41 36.53
C TRP D 220 28.77 -2.88 37.58
N GLN D 221 28.85 -1.57 37.87
CA GLN D 221 27.86 -0.98 38.77
C GLN D 221 26.47 -0.97 38.15
N ALA D 222 26.38 -0.81 36.83
CA ALA D 222 25.09 -0.82 36.16
C ALA D 222 24.44 -2.18 36.27
N SER D 223 25.24 -3.24 36.19
CA SER D 223 24.74 -4.60 36.35
C SER D 223 24.15 -4.84 37.73
N GLN D 224 24.65 -4.14 38.75
CA GLN D 224 24.14 -4.29 40.10
C GLN D 224 22.98 -3.34 40.41
N TRP D 225 22.46 -2.65 39.39
CA TRP D 225 21.34 -1.71 39.54
C TRP D 225 21.67 -0.65 40.60
N ARG D 226 22.92 -0.20 40.57
CA ARG D 226 23.44 0.80 41.48
C ARG D 226 23.89 2.01 40.67
N GLN D 227 23.56 3.20 41.16
CA GLN D 227 23.79 4.44 40.43
C GLN D 227 24.50 5.43 41.32
N ASP D 228 25.14 6.42 40.69
CA ASP D 228 25.75 7.54 41.37
C ASP D 228 25.14 8.84 40.84
N VAL D 229 25.61 9.96 41.39
CA VAL D 229 25.16 11.29 40.99
C VAL D 229 26.35 12.05 40.43
N TYR D 230 26.16 12.67 39.28
CA TYR D 230 27.23 13.39 38.59
C TYR D 230 26.80 14.83 38.35
N ASP D 231 27.76 15.74 38.48
CA ASP D 231 27.59 17.12 38.06
C ASP D 231 27.91 17.24 36.58
N LEU D 232 27.00 17.82 35.81
CA LEU D 232 27.22 18.05 34.39
C LEU D 232 27.01 19.53 34.08
N PRO D 233 28.08 20.28 33.86
CA PRO D 233 27.94 21.71 33.52
C PRO D 233 27.58 21.88 32.04
N LEU D 234 27.14 23.09 31.71
CA LEU D 234 26.77 23.41 30.35
C LEU D 234 27.99 23.36 29.42
N PRO D 235 27.79 22.97 28.15
CA PRO D 235 28.95 22.83 27.26
C PRO D 235 29.52 24.19 26.86
N THR D 236 30.82 24.19 26.59
CA THR D 236 31.50 25.40 26.10
C THR D 236 32.32 25.09 24.85
N ALA D 242 32.94 16.95 29.95
CA ALA D 242 32.93 15.70 30.70
C ALA D 242 32.28 15.88 32.07
N PRO D 243 31.42 14.94 32.45
CA PRO D 243 30.73 15.06 33.74
C PRO D 243 31.55 14.49 34.88
N GLN D 244 31.73 15.29 35.94
CA GLN D 244 32.41 14.83 37.14
C GLN D 244 31.42 14.24 38.12
N LYS D 245 31.92 13.40 39.01
CA LYS D 245 31.09 12.69 39.98
C LYS D 245 30.90 13.55 41.23
N LEU D 246 29.65 13.60 41.70
CA LEU D 246 29.32 14.34 42.92
C LEU D 246 29.16 13.46 44.14
N LEU D 247 28.72 12.22 43.97
CA LEU D 247 28.32 11.39 45.11
C LEU D 247 28.59 9.93 44.79
N ASP D 248 29.44 9.29 45.59
CA ASP D 248 29.65 7.86 45.49
C ASP D 248 28.48 7.20 46.23
N TRP D 249 27.39 6.98 45.50
CA TRP D 249 26.17 6.48 46.09
C TRP D 249 26.09 4.96 46.01
N ASN D 250 26.37 4.40 44.84
CA ASN D 250 26.38 2.95 44.63
C ASN D 250 25.07 2.32 45.09
N SER D 251 23.96 2.99 44.78
CA SER D 251 22.65 2.54 45.22
C SER D 251 21.60 3.23 44.37
N ALA D 252 20.32 3.02 44.72
CA ALA D 252 19.22 3.57 43.97
C ALA D 252 18.97 5.01 44.38
N ALA D 253 18.82 5.89 43.38
CA ALA D 253 18.59 7.30 43.63
C ALA D 253 17.75 7.90 42.50
N HIS D 254 16.71 8.64 42.88
CA HIS D 254 15.91 9.40 41.94
C HIS D 254 15.39 10.63 42.67
N GLY D 255 14.55 11.40 41.99
CA GLY D 255 13.96 12.58 42.59
C GLY D 255 14.96 13.61 43.08
N LEU D 256 15.94 13.96 42.22
CA LEU D 256 16.91 14.97 42.60
C LEU D 256 16.23 16.32 42.80
N ALA D 257 16.47 16.93 43.95
CA ALA D 257 15.90 18.23 44.30
C ALA D 257 17.04 19.14 44.74
N PRO D 258 17.61 19.92 43.83
CA PRO D 258 18.68 20.84 44.21
C PRO D 258 18.19 21.89 45.21
N HIS D 259 19.00 22.13 46.24
CA HIS D 259 18.68 23.12 47.24
C HIS D 259 18.82 24.52 46.64
N PRO D 260 18.03 25.49 47.12
CA PRO D 260 18.14 26.86 46.60
C PRO D 260 19.55 27.44 46.67
N ASP D 261 20.39 26.97 47.60
CA ASP D 261 21.72 27.55 47.72
C ASP D 261 22.65 27.12 46.58
N GLY D 262 22.20 26.28 45.66
CA GLY D 262 23.01 25.88 44.53
C GLY D 262 24.20 25.00 44.85
N GLN D 263 24.33 24.56 46.09
CA GLN D 263 25.43 23.68 46.49
C GLN D 263 24.94 22.33 46.97
N ARG D 264 24.02 22.30 47.93
CA ARG D 264 23.47 21.04 48.41
C ARG D 264 22.31 20.59 47.54
N PHE D 265 21.96 19.32 47.68
CA PHE D 265 20.80 18.79 46.98
C PHE D 265 20.27 17.58 47.73
N ALA D 266 19.00 17.26 47.47
CA ALA D 266 18.31 16.12 48.05
C ALA D 266 18.00 15.08 46.98
N LEU D 267 17.86 13.84 47.43
CA LEU D 267 17.53 12.71 46.56
C LEU D 267 16.60 11.76 47.32
N ILE D 268 15.91 10.91 46.56
CA ILE D 268 15.09 9.83 47.10
C ILE D 268 15.79 8.50 46.82
N GLY D 269 15.80 7.63 47.81
CA GLY D 269 16.37 6.32 47.58
C GLY D 269 16.85 5.69 48.88
N ARG D 270 17.96 4.97 48.78
CA ARG D 270 18.61 4.19 49.82
C ARG D 270 20.12 4.31 49.71
N PRO D 271 20.83 4.36 50.84
CA PRO D 271 22.29 4.23 50.80
C PRO D 271 22.67 2.80 50.44
N ALA D 272 23.96 2.61 50.16
CA ALA D 272 24.43 1.36 49.59
C ALA D 272 24.16 0.15 50.50
N GLY D 273 24.20 0.35 51.82
CA GLY D 273 24.01 -0.77 52.74
C GLY D 273 22.67 -1.45 52.60
N LYS D 274 21.62 -0.67 52.36
CA LYS D 274 20.26 -1.19 52.37
C LYS D 274 19.93 -1.96 51.09
N GLY D 275 18.91 -2.82 51.18
CA GLY D 275 18.39 -3.53 50.04
C GLY D 275 17.15 -2.85 49.47
N ASN D 276 16.60 -3.49 48.43
CA ASN D 276 15.49 -2.88 47.70
C ASN D 276 14.19 -2.90 48.50
N THR D 277 14.05 -3.84 49.42
CA THR D 277 12.84 -3.92 50.24
C THR D 277 12.77 -2.81 51.28
N GLU D 278 13.86 -2.10 51.50
CA GLU D 278 13.91 -1.02 52.47
C GLU D 278 13.07 0.15 51.94
N HIS D 279 12.34 0.81 52.84
CA HIS D 279 11.59 2.01 52.48
C HIS D 279 12.52 3.01 51.81
N ALA D 280 12.08 3.57 50.69
CA ALA D 280 12.76 4.74 50.12
C ALA D 280 12.59 5.94 51.04
N HIS D 281 13.65 6.73 51.19
CA HIS D 281 13.61 7.90 52.06
C HIS D 281 14.28 9.09 51.38
N LEU D 282 14.24 10.24 52.05
CA LEU D 282 14.84 11.47 51.58
C LEU D 282 16.22 11.63 52.20
N TYR D 283 17.17 12.08 51.38
CA TYR D 283 18.55 12.23 51.84
C TYR D 283 19.12 13.56 51.36
N LEU D 284 19.72 14.30 52.29
CA LEU D 284 20.40 15.56 51.98
C LEU D 284 21.87 15.30 51.73
N ILE D 285 22.39 15.76 50.59
CA ILE D 285 23.77 15.51 50.18
C ILE D 285 24.55 16.80 50.35
N GLU D 286 25.75 16.69 50.95
CA GLU D 286 26.62 17.85 51.16
C GLU D 286 28.07 17.40 51.10
N ASN D 287 28.78 17.78 50.05
CA ASN D 287 30.19 17.43 49.85
C ASN D 287 30.41 15.93 49.94
N GLY D 288 29.56 15.17 49.26
CA GLY D 288 29.68 13.72 49.28
C GLY D 288 29.09 13.05 50.49
N GLN D 289 28.76 13.81 51.54
CA GLN D 289 28.15 13.27 52.75
C GLN D 289 26.63 13.25 52.60
N HIS D 290 26.02 12.26 53.24
CA HIS D 290 24.57 12.08 53.17
C HIS D 290 24.03 11.85 54.57
N ARG D 291 22.90 12.49 54.87
CA ARG D 291 22.18 12.26 56.10
C ARG D 291 20.70 12.22 55.76
N ARG D 292 19.98 11.35 56.44
CA ARG D 292 18.56 11.14 56.13
C ARG D 292 17.75 12.38 56.50
N LEU D 293 16.80 12.74 55.65
CA LEU D 293 16.05 13.98 55.82
C LEU D 293 14.65 13.77 56.39
N ASP D 294 13.97 12.69 56.02
CA ASP D 294 12.61 12.44 56.53
C ASP D 294 12.64 11.52 57.75
N THR D 295 13.29 12.03 58.80
CA THR D 295 13.47 11.25 60.02
C THR D 295 12.17 11.17 60.80
N GLY D 296 12.04 10.11 61.58
CA GLY D 296 10.84 9.87 62.36
C GLY D 296 9.61 9.58 61.53
N HIS D 297 9.79 9.02 60.34
CA HIS D 297 8.68 8.73 59.43
C HIS D 297 8.92 7.35 58.82
N ASP D 298 8.42 6.31 59.49
CA ASP D 298 8.65 4.93 59.05
C ASP D 298 7.72 4.55 57.90
N HIS D 299 7.80 5.33 56.83
CA HIS D 299 7.00 5.13 55.64
C HIS D 299 7.81 5.55 54.42
N PRO D 300 7.53 4.95 53.27
CA PRO D 300 8.32 5.23 52.07
C PRO D 300 7.91 6.52 51.38
N VAL D 301 8.81 7.03 50.56
CA VAL D 301 8.57 8.22 49.74
C VAL D 301 7.90 7.80 48.44
N GLY D 302 6.88 8.57 48.04
CA GLY D 302 6.20 8.34 46.79
C GLY D 302 4.88 7.61 46.96
N ASP D 303 4.11 7.58 45.87
CA ASP D 303 2.84 6.88 45.83
C ASP D 303 3.09 5.40 45.57
N ALA D 304 2.60 4.55 46.45
CA ALA D 304 2.64 3.10 46.27
C ALA D 304 1.28 2.49 46.59
N VAL D 305 0.21 3.22 46.25
CA VAL D 305 -1.15 2.79 46.52
C VAL D 305 -1.81 2.40 45.21
N GLY D 306 -2.66 1.38 45.25
CA GLY D 306 -3.31 0.91 44.05
C GLY D 306 -4.36 1.87 43.54
N GLY D 307 -4.70 1.71 42.28
CA GLY D 307 -5.68 2.55 41.62
C GLY D 307 -5.60 2.44 40.12
N ASP D 308 -6.74 2.21 39.46
CA ASP D 308 -6.76 1.92 38.04
C ASP D 308 -7.17 3.12 37.19
N CYS D 309 -7.04 4.33 37.71
CA CYS D 309 -7.39 5.54 36.97
C CYS D 309 -6.20 6.49 36.88
N HIS D 310 -5.01 5.94 36.69
CA HIS D 310 -3.79 6.72 36.49
C HIS D 310 -3.27 6.42 35.09
N VAL D 311 -3.47 7.38 34.18
CA VAL D 311 -3.03 7.29 32.79
C VAL D 311 -2.17 8.51 32.50
N GLY D 312 -0.88 8.30 32.32
CA GLY D 312 0.04 9.37 32.02
C GLY D 312 1.09 9.53 33.10
N ALA D 313 1.78 10.67 33.05
CA ALA D 313 2.86 10.95 33.98
C ALA D 313 2.32 11.51 35.28
N PHE D 314 2.88 11.05 36.40
CA PHE D 314 2.48 11.48 37.73
C PHE D 314 3.72 11.93 38.51
N PRO D 315 4.09 13.20 38.38
CA PRO D 315 5.30 13.68 39.06
C PRO D 315 5.13 13.72 40.57
N GLU D 316 6.16 13.26 41.28
CA GLU D 316 6.21 13.37 42.74
C GLU D 316 7.54 13.90 43.22
N GLY D 317 8.28 14.63 42.38
CA GLY D 317 9.58 15.13 42.72
C GLY D 317 9.55 16.14 43.85
N PRO D 318 10.38 15.93 44.87
CA PRO D 318 10.43 16.86 45.99
C PRO D 318 10.85 18.26 45.56
N ARG D 319 10.32 19.25 46.26
CA ARG D 319 10.53 20.65 45.93
C ARG D 319 10.80 21.42 47.22
N TRP D 320 11.81 22.30 47.18
CA TRP D 320 12.14 23.12 48.34
C TRP D 320 11.21 24.32 48.39
N LEU D 321 10.34 24.34 49.40
CA LEU D 321 9.46 25.49 49.59
C LEU D 321 10.22 26.69 50.15
N ASP D 322 11.17 26.44 51.05
CA ASP D 322 12.10 27.47 51.50
C ASP D 322 13.46 26.82 51.72
N GLY D 323 14.37 27.55 52.39
CA GLY D 323 15.70 27.05 52.66
C GLY D 323 15.72 25.86 53.61
N ASP D 324 14.68 25.71 54.44
CA ASP D 324 14.60 24.63 55.41
C ASP D 324 13.62 23.53 55.01
N THR D 325 12.62 23.85 54.20
CA THR D 325 11.50 22.97 53.95
C THR D 325 11.62 22.31 52.57
N LEU D 326 11.47 20.98 52.55
CA LEU D 326 11.38 20.22 51.30
C LEU D 326 10.11 19.37 51.33
N LEU D 327 9.23 19.59 50.36
CA LEU D 327 7.94 18.92 50.34
C LEU D 327 8.00 17.63 49.54
N PHE D 328 7.41 16.58 50.07
CA PHE D 328 7.46 15.27 49.46
C PHE D 328 6.16 14.52 49.74
N SER D 329 5.96 13.44 48.99
CA SER D 329 4.81 12.56 49.15
C SER D 329 5.26 11.27 49.82
N SER D 330 4.33 10.62 50.51
CA SER D 330 4.64 9.40 51.24
C SER D 330 3.39 8.53 51.36
N THR D 331 3.58 7.22 51.27
CA THR D 331 2.49 6.26 51.39
C THR D 331 2.40 5.82 52.85
N VAL D 332 1.22 6.00 53.44
CA VAL D 332 0.98 5.70 54.86
C VAL D 332 -0.37 5.02 54.95
N ARG D 333 -0.37 3.73 55.30
CA ARG D 333 -1.57 2.95 55.56
C ARG D 333 -2.66 3.20 54.51
N GLY D 334 -2.33 2.86 53.26
CA GLY D 334 -3.29 2.94 52.18
C GLY D 334 -3.54 4.33 51.63
N SER D 335 -2.91 5.35 52.19
CA SER D 335 -3.07 6.72 51.74
C SER D 335 -1.73 7.27 51.27
N VAL D 336 -1.79 8.33 50.47
CA VAL D 336 -0.61 9.08 50.05
C VAL D 336 -0.87 10.54 50.38
N GLY D 337 0.03 11.13 51.17
CA GLY D 337 -0.12 12.50 51.58
C GLY D 337 1.16 13.27 51.32
N LEU D 338 1.06 14.59 51.45
CA LEU D 338 2.20 15.48 51.31
C LEU D 338 2.74 15.83 52.68
N PHE D 339 4.06 15.75 52.83
CA PHE D 339 4.72 16.09 54.09
C PHE D 339 5.86 17.05 53.80
N THR D 340 6.36 17.67 54.85
CA THR D 340 7.50 18.58 54.74
C THR D 340 8.64 18.03 55.59
N ALA D 341 9.76 17.74 54.94
CA ALA D 341 11.00 17.44 55.64
C ALA D 341 11.71 18.74 55.94
N HIS D 342 12.49 18.74 57.03
CA HIS D 342 13.13 19.95 57.51
C HIS D 342 14.58 19.67 57.83
N ILE D 343 15.45 20.57 57.36
CA ILE D 343 16.88 20.42 57.65
C ILE D 343 17.11 20.47 59.15
N GLY D 344 16.58 21.50 59.80
CA GLY D 344 16.73 21.62 61.24
C GLY D 344 15.52 21.14 62.02
N GLY D 345 14.95 20.00 61.62
CA GLY D 345 13.80 19.48 62.32
C GLY D 345 13.39 18.12 61.78
N GLY D 346 12.20 17.69 62.19
CA GLY D 346 11.71 16.37 61.80
C GLY D 346 10.85 16.46 60.55
N VAL D 347 9.66 15.86 60.56
CA VAL D 347 8.76 15.86 59.41
C VAL D 347 7.37 16.21 59.90
N LYS D 348 6.71 17.17 59.22
CA LYS D 348 5.36 17.61 59.56
C LYS D 348 4.43 17.29 58.41
N ALA D 349 3.18 16.98 58.73
CA ALA D 349 2.17 16.82 57.69
C ALA D 349 1.93 18.15 57.00
N TYR D 350 1.71 18.08 55.69
CA TYR D 350 1.40 19.25 54.87
C TYR D 350 0.00 19.16 54.30
N ASP D 351 -0.35 18.01 53.74
CA ASP D 351 -1.68 17.77 53.21
C ASP D 351 -1.85 16.26 53.16
N HIS D 352 -2.39 15.70 54.24
CA HIS D 352 -2.44 14.25 54.41
C HIS D 352 -3.81 13.88 54.98
N ASP D 353 -4.77 13.66 54.10
CA ASP D 353 -6.02 13.01 54.49
C ASP D 353 -5.76 11.52 54.56
N PRO D 354 -5.86 10.89 55.73
CA PRO D 354 -5.64 9.44 55.81
C PRO D 354 -6.65 8.62 55.05
N GLN D 355 -7.67 9.24 54.46
CA GLN D 355 -8.65 8.55 53.63
C GLN D 355 -8.49 8.85 52.16
N GLY D 356 -7.46 9.61 51.78
CA GLY D 356 -7.27 10.03 50.42
C GLY D 356 -5.85 9.79 49.95
N VAL D 357 -5.67 9.94 48.64
CA VAL D 357 -4.40 9.69 47.97
C VAL D 357 -4.06 10.89 47.09
N ILE D 358 -2.90 11.49 47.31
CA ILE D 358 -2.37 12.52 46.43
C ILE D 358 -1.40 11.83 45.49
N SER D 359 -1.82 11.66 44.23
CA SER D 359 -1.08 10.84 43.28
C SER D 359 0.05 11.59 42.60
N ALA D 360 -0.01 12.92 42.55
CA ALA D 360 1.02 13.69 41.88
C ALA D 360 0.96 15.11 42.40
N PHE D 361 2.08 15.82 42.29
CA PHE D 361 2.13 17.19 42.76
C PHE D 361 3.33 17.91 42.17
N THR D 362 3.14 19.18 41.87
CA THR D 362 4.23 20.11 41.59
C THR D 362 4.09 21.30 42.53
N ALA D 363 5.20 21.98 42.78
CA ALA D 363 5.18 23.08 43.73
C ALA D 363 6.38 23.99 43.49
N ASN D 364 6.23 25.23 43.93
CA ASN D 364 7.33 26.19 44.03
C ASN D 364 7.05 27.05 45.25
N GLU D 365 7.73 28.18 45.37
CA GLU D 365 7.53 29.02 46.54
C GLU D 365 6.23 29.81 46.48
N HIS D 366 5.48 29.74 45.39
CA HIS D 366 4.28 30.55 45.25
C HIS D 366 2.99 29.75 45.14
N GLY D 367 3.04 28.44 44.92
CA GLY D 367 1.82 27.67 44.78
C GLY D 367 2.11 26.20 44.66
N VAL D 368 1.03 25.41 44.75
CA VAL D 368 1.07 23.96 44.63
C VAL D 368 -0.09 23.49 43.78
N ALA D 369 0.17 22.54 42.88
CA ALA D 369 -0.84 21.84 42.11
C ALA D 369 -0.69 20.34 42.36
N LEU D 370 -1.81 19.63 42.32
CA LEU D 370 -1.79 18.20 42.67
C LEU D 370 -2.98 17.49 42.03
N ILE D 371 -2.95 16.17 42.12
CA ILE D 371 -4.08 15.31 41.77
C ILE D 371 -4.52 14.61 43.05
N ARG D 372 -5.80 14.65 43.36
CA ARG D 372 -6.30 14.05 44.59
C ARG D 372 -7.45 13.12 44.28
N GLU D 373 -7.52 12.01 45.02
CA GLU D 373 -8.56 11.01 44.86
C GLU D 373 -8.78 10.31 46.19
N SER D 374 -9.85 9.52 46.25
CA SER D 374 -10.20 8.71 47.41
C SER D 374 -10.78 7.40 46.90
N ALA D 375 -11.13 6.51 47.81
CA ALA D 375 -11.79 5.27 47.40
C ALA D 375 -13.13 5.53 46.72
N THR D 376 -13.70 6.72 46.91
CA THR D 376 -15.02 7.06 46.36
C THR D 376 -14.99 8.32 45.50
N ARG D 377 -13.82 8.91 45.27
CA ARG D 377 -13.72 10.14 44.48
C ARG D 377 -12.70 9.93 43.37
N PHE D 378 -13.16 10.05 42.12
CA PHE D 378 -12.29 9.96 40.96
C PHE D 378 -11.21 11.04 41.02
N PRO D 379 -10.03 10.78 40.46
CA PRO D 379 -8.95 11.78 40.51
C PRO D 379 -9.41 13.13 39.98
N GLU D 380 -8.99 14.19 40.66
CA GLU D 380 -9.31 15.56 40.29
C GLU D 380 -8.05 16.41 40.38
N VAL D 381 -7.95 17.40 39.51
CA VAL D 381 -6.83 18.33 39.54
C VAL D 381 -7.16 19.48 40.48
N GLU D 382 -6.18 19.86 41.30
CA GLU D 382 -6.35 20.95 42.25
C GLU D 382 -5.26 21.98 42.06
N LEU D 383 -5.60 23.25 42.31
CA LEU D 383 -4.65 24.35 42.31
C LEU D 383 -4.84 25.14 43.59
N ASN D 384 -3.86 25.08 44.48
CA ASN D 384 -3.88 25.74 45.78
C ASN D 384 -5.18 25.45 46.51
N GLY D 385 -5.51 24.17 46.60
CA GLY D 385 -6.67 23.70 47.35
C GLY D 385 -7.97 23.75 46.59
N GLN D 386 -8.04 24.48 45.50
CA GLN D 386 -9.28 24.64 44.73
C GLN D 386 -9.29 23.62 43.61
N ARG D 387 -10.30 22.74 43.62
CA ARG D 387 -10.43 21.75 42.58
C ARG D 387 -10.77 22.44 41.26
N VAL D 388 -10.07 22.04 40.21
CA VAL D 388 -10.14 22.71 38.91
C VAL D 388 -10.87 21.88 37.86
N THR D 389 -11.10 20.60 38.11
CA THR D 389 -11.74 19.71 37.17
C THR D 389 -13.07 19.22 37.74
N ASP D 390 -13.86 18.61 36.86
CA ASP D 390 -15.16 18.03 37.20
C ASP D 390 -15.24 16.61 36.66
N LEU D 391 -14.21 15.81 36.95
CA LEU D 391 -14.08 14.52 36.29
C LEU D 391 -14.89 13.43 36.99
N HIS D 392 -15.09 13.55 38.31
CA HIS D 392 -15.92 12.58 39.01
C HIS D 392 -17.36 12.61 38.51
N ALA D 393 -17.81 13.77 38.03
CA ALA D 393 -19.17 13.89 37.51
C ALA D 393 -19.38 12.97 36.31
N ARG D 394 -18.32 12.63 35.59
CA ARG D 394 -18.42 11.77 34.42
C ARG D 394 -18.56 10.29 34.78
N PHE D 395 -18.33 9.91 36.03
CA PHE D 395 -18.46 8.50 36.40
C PHE D 395 -19.90 8.05 36.23
N PRO D 396 -20.16 7.02 35.42
CA PRO D 396 -21.53 6.79 34.92
C PRO D 396 -22.45 6.00 35.84
N PHE D 397 -22.00 5.58 37.02
CA PHE D 397 -22.89 4.91 37.95
C PHE D 397 -22.49 5.29 39.37
N PRO D 398 -23.41 5.16 40.34
CA PRO D 398 -23.08 5.58 41.71
C PRO D 398 -21.92 4.78 42.28
N VAL D 399 -21.01 5.49 42.95
CA VAL D 399 -19.91 4.85 43.64
C VAL D 399 -20.37 4.52 45.05
N ARG D 400 -19.73 3.52 45.65
CA ARG D 400 -20.14 3.02 46.96
C ARG D 400 -18.98 3.11 47.93
N GLU D 401 -19.31 3.26 49.22
CA GLU D 401 -18.32 3.47 50.27
C GLU D 401 -17.89 2.14 50.87
N PRO D 402 -16.60 1.85 50.95
CA PRO D 402 -16.16 0.60 51.57
C PRO D 402 -16.32 0.64 53.08
N GLN D 403 -16.39 -0.53 53.68
CA GLN D 403 -16.37 -0.67 55.13
C GLN D 403 -15.10 -1.38 55.56
N ARG D 404 -14.48 -0.85 56.61
CA ARG D 404 -13.20 -1.35 57.10
C ARG D 404 -13.38 -2.64 57.89
N VAL D 405 -12.48 -3.59 57.67
CA VAL D 405 -12.45 -4.86 58.40
C VAL D 405 -11.00 -5.14 58.80
N THR D 406 -10.80 -5.47 60.07
CA THR D 406 -9.47 -5.63 60.61
C THR D 406 -9.18 -7.09 60.93
N PHE D 407 -7.89 -7.42 60.98
CA PHE D 407 -7.43 -8.75 61.34
C PHE D 407 -6.18 -8.61 62.20
N GLU D 408 -5.91 -9.62 63.01
CA GLU D 408 -4.84 -9.52 64.00
C GLU D 408 -3.59 -10.26 63.54
N THR D 409 -2.43 -9.68 63.83
CA THR D 409 -1.13 -10.25 63.51
C THR D 409 -0.23 -10.09 64.72
N GLU D 410 0.81 -10.92 64.78
CA GLU D 410 1.86 -10.76 65.78
C GLU D 410 2.57 -9.41 65.67
N LEU D 411 2.43 -8.72 64.54
CA LEU D 411 3.00 -7.40 64.35
C LEU D 411 2.02 -6.27 64.66
N GLY D 412 0.81 -6.61 65.10
CA GLY D 412 -0.21 -5.60 65.35
C GLY D 412 -1.45 -5.81 64.49
N GLU D 413 -2.19 -4.73 64.30
CA GLU D 413 -3.48 -4.81 63.63
C GLU D 413 -3.31 -4.60 62.13
N GLY D 414 -3.83 -5.54 61.35
CA GLY D 414 -3.91 -5.38 59.92
C GLY D 414 -5.30 -4.90 59.54
N GLU D 415 -5.41 -4.32 58.35
CA GLU D 415 -6.67 -3.73 57.95
C GLU D 415 -6.97 -4.05 56.48
N GLY D 416 -8.26 -4.03 56.16
CA GLY D 416 -8.75 -4.28 54.82
C GLY D 416 -10.15 -3.71 54.71
N TRP D 417 -10.74 -3.85 53.53
CA TRP D 417 -12.01 -3.22 53.24
C TRP D 417 -12.93 -4.18 52.50
N VAL D 418 -14.22 -3.92 52.62
CA VAL D 418 -15.26 -4.65 51.89
C VAL D 418 -16.13 -3.64 51.16
N LEU D 419 -16.29 -3.84 49.86
CA LEU D 419 -17.16 -3.02 49.03
C LEU D 419 -18.36 -3.87 48.60
N LEU D 420 -19.57 -3.43 49.01
CA LEU D 420 -20.77 -4.21 48.76
C LEU D 420 -21.68 -3.53 47.74
N PRO D 421 -22.45 -4.31 46.98
CA PRO D 421 -23.47 -3.72 46.09
C PRO D 421 -24.67 -3.21 46.86
N GLU D 422 -25.63 -2.62 46.15
CA GLU D 422 -26.87 -2.20 46.79
C GLU D 422 -27.70 -3.43 47.18
N GLY D 423 -28.65 -3.21 48.08
CA GLY D 423 -29.57 -4.25 48.51
C GLY D 423 -29.24 -4.81 49.89
N GLU D 424 -29.93 -5.90 50.22
CA GLU D 424 -29.76 -6.58 51.50
C GLU D 424 -29.55 -8.08 51.36
N GLN D 425 -29.47 -8.58 50.14
CA GLN D 425 -29.35 -10.00 49.82
C GLN D 425 -27.90 -10.45 49.92
N LYS D 426 -27.72 -11.75 50.14
CA LYS D 426 -26.37 -12.31 50.12
C LYS D 426 -25.76 -12.19 48.73
N VAL D 427 -24.47 -11.88 48.69
CA VAL D 427 -23.76 -11.68 47.42
C VAL D 427 -22.44 -12.43 47.47
N PRO D 428 -21.88 -12.85 46.34
CA PRO D 428 -20.59 -13.54 46.34
C PRO D 428 -19.46 -12.63 46.80
N ALA D 429 -18.43 -13.25 47.38
CA ALA D 429 -17.33 -12.55 48.01
C ALA D 429 -16.06 -12.74 47.19
N LEU D 430 -15.48 -11.63 46.71
CA LEU D 430 -14.29 -11.64 45.88
C LEU D 430 -13.11 -11.14 46.71
N LEU D 431 -12.13 -12.02 46.95
CA LEU D 431 -10.89 -11.64 47.62
C LEU D 431 -9.88 -11.21 46.56
N ASN D 432 -9.58 -9.91 46.53
CA ASN D 432 -8.60 -9.35 45.61
C ASN D 432 -7.28 -9.13 46.34
N ILE D 433 -6.18 -9.52 45.69
CA ILE D 433 -4.85 -9.45 46.28
C ILE D 433 -4.02 -8.48 45.45
N HIS D 434 -3.54 -7.42 46.07
CA HIS D 434 -2.74 -6.45 45.35
C HIS D 434 -1.32 -6.97 45.13
N GLY D 435 -0.71 -6.52 44.05
CA GLY D 435 0.64 -6.91 43.70
C GLY D 435 1.67 -6.11 44.48
N GLY D 436 2.90 -6.17 44.01
CA GLY D 436 4.00 -5.49 44.66
C GLY D 436 5.15 -6.44 44.92
N PRO D 437 5.12 -7.14 46.06
CA PRO D 437 4.06 -7.12 47.07
C PRO D 437 4.02 -5.87 47.95
N HIS D 438 5.06 -5.04 47.86
CA HIS D 438 5.22 -3.90 48.74
C HIS D 438 4.53 -2.66 48.16
N THR D 439 3.21 -2.77 48.02
CA THR D 439 2.33 -1.63 47.78
C THR D 439 1.13 -1.74 48.74
N ASP D 440 0.14 -0.87 48.57
CA ASP D 440 -1.00 -0.81 49.47
C ASP D 440 -2.30 -0.79 48.68
N TYR D 441 -3.30 -1.48 49.20
CA TYR D 441 -4.69 -1.21 48.87
C TYR D 441 -5.18 -0.09 49.78
N GLY D 442 -6.39 0.40 49.51
CA GLY D 442 -7.00 1.31 50.45
C GLY D 442 -7.79 2.47 49.88
N HIS D 443 -7.13 3.57 49.58
CA HIS D 443 -7.82 4.84 49.34
C HIS D 443 -7.51 5.43 47.97
N GLY D 444 -7.04 4.62 47.05
CA GLY D 444 -7.05 4.99 45.64
C GLY D 444 -8.37 4.62 45.01
N PHE D 445 -8.73 5.35 43.96
CA PHE D 445 -9.97 5.08 43.25
C PHE D 445 -9.77 3.90 42.32
N THR D 446 -10.57 2.85 42.53
CA THR D 446 -10.48 1.62 41.74
C THR D 446 -11.79 1.44 40.97
N HIS D 447 -11.76 1.78 39.69
CA HIS D 447 -12.95 1.60 38.86
C HIS D 447 -13.38 0.14 38.81
N GLU D 448 -12.41 -0.78 38.79
CA GLU D 448 -12.74 -2.20 38.74
C GLU D 448 -13.50 -2.64 39.99
N PHE D 449 -13.11 -2.17 41.17
CA PHE D 449 -13.80 -2.56 42.40
C PHE D 449 -15.21 -1.96 42.44
N GLN D 450 -15.34 -0.69 42.04
CA GLN D 450 -16.66 -0.07 41.97
C GLN D 450 -17.54 -0.81 40.97
N LEU D 451 -16.96 -1.24 39.84
CA LEU D 451 -17.75 -1.96 38.85
C LEU D 451 -18.10 -3.35 39.34
N MET D 452 -17.19 -3.99 40.08
CA MET D 452 -17.50 -5.29 40.68
C MET D 452 -18.71 -5.17 41.61
N ALA D 453 -18.70 -4.16 42.48
CA ALA D 453 -19.84 -3.95 43.37
C ALA D 453 -21.10 -3.62 42.58
N ALA D 454 -20.98 -2.74 41.59
CA ALA D 454 -22.14 -2.39 40.77
C ALA D 454 -22.74 -3.59 40.05
N ARG D 455 -22.00 -4.70 39.92
CA ARG D 455 -22.50 -5.92 39.31
C ARG D 455 -22.82 -7.00 40.33
N GLY D 456 -22.97 -6.64 41.61
CA GLY D 456 -23.48 -7.56 42.60
C GLY D 456 -22.46 -8.39 43.33
N TYR D 457 -21.20 -7.97 43.36
CA TYR D 457 -20.15 -8.71 44.03
C TYR D 457 -19.65 -7.94 45.25
N GLY D 458 -19.31 -8.69 46.30
CA GLY D 458 -18.66 -8.11 47.46
C GLY D 458 -17.15 -8.20 47.28
N VAL D 459 -16.49 -7.06 47.27
CA VAL D 459 -15.06 -6.97 46.99
C VAL D 459 -14.34 -6.84 48.33
N CYS D 460 -13.55 -7.85 48.69
CA CYS D 460 -12.75 -7.81 49.91
C CYS D 460 -11.28 -7.66 49.50
N TYR D 461 -10.64 -6.61 50.00
CA TYR D 461 -9.26 -6.29 49.64
C TYR D 461 -8.54 -5.70 50.84
N SER D 462 -7.31 -6.13 51.07
CA SER D 462 -6.62 -5.84 52.32
C SER D 462 -5.13 -5.58 52.06
N ASN D 463 -4.43 -5.25 53.15
CA ASN D 463 -2.99 -5.03 53.14
C ASN D 463 -2.35 -6.00 54.13
N PRO D 464 -1.99 -7.20 53.67
CA PRO D 464 -1.33 -8.18 54.53
C PRO D 464 0.10 -7.76 54.83
N ARG D 465 0.79 -8.52 55.67
CA ARG D 465 2.21 -8.28 55.86
C ARG D 465 2.93 -8.40 54.52
N GLY D 466 3.88 -7.51 54.30
CA GLY D 466 4.45 -7.28 52.99
C GLY D 466 3.97 -5.99 52.36
N SER D 467 2.78 -5.51 52.72
CA SER D 467 2.35 -4.22 52.21
C SER D 467 3.28 -3.12 52.72
N VAL D 468 3.28 -1.99 52.01
CA VAL D 468 4.35 -1.01 52.15
C VAL D 468 4.03 0.12 53.14
N GLY D 469 2.76 0.34 53.46
CA GLY D 469 2.38 1.52 54.22
C GLY D 469 2.23 1.35 55.72
N TYR D 470 2.65 0.21 56.29
CA TYR D 470 2.42 -0.08 57.70
C TYR D 470 3.73 -0.29 58.46
N GLY D 471 4.81 0.29 57.96
CA GLY D 471 6.10 0.25 58.63
C GLY D 471 7.06 -0.72 57.97
N GLN D 472 8.35 -0.54 58.29
CA GLN D 472 9.38 -1.40 57.72
C GLN D 472 9.23 -2.85 58.18
N ALA D 473 8.85 -3.06 59.45
CA ALA D 473 8.72 -4.43 59.94
C ALA D 473 7.61 -5.17 59.21
N TRP D 474 6.51 -4.49 58.92
CA TRP D 474 5.42 -5.08 58.15
C TRP D 474 5.90 -5.58 56.79
N VAL D 475 6.79 -4.82 56.14
CA VAL D 475 7.35 -5.25 54.87
C VAL D 475 8.26 -6.46 55.06
N ASP D 476 9.12 -6.40 56.06
CA ASP D 476 10.17 -7.40 56.26
C ASP D 476 9.65 -8.74 56.71
N ALA D 477 8.40 -8.79 57.16
CA ALA D 477 7.85 -10.03 57.71
C ALA D 477 7.80 -11.16 56.69
N ILE D 478 7.69 -10.83 55.40
CA ILE D 478 7.57 -11.85 54.35
C ILE D 478 8.89 -12.11 53.66
N TYR D 479 9.96 -11.43 54.05
CA TYR D 479 11.24 -11.59 53.36
C TYR D 479 11.67 -13.05 53.34
N GLY D 480 11.99 -13.54 52.14
CA GLY D 480 12.48 -14.90 51.99
C GLY D 480 11.48 -16.00 52.20
N ARG D 481 10.20 -15.68 52.38
CA ARG D 481 9.21 -16.72 52.70
C ARG D 481 7.84 -16.30 52.20
N TRP D 482 7.76 -15.92 50.93
CA TRP D 482 6.47 -15.72 50.28
C TRP D 482 5.65 -17.00 50.40
N GLY D 483 4.39 -16.85 50.79
CA GLY D 483 3.52 -17.98 51.00
C GLY D 483 3.40 -18.46 52.43
N THR D 484 3.96 -17.73 53.40
CA THR D 484 3.75 -18.05 54.80
C THR D 484 2.86 -17.00 55.40
N VAL D 485 3.40 -15.95 56.03
CA VAL D 485 2.56 -15.04 56.81
C VAL D 485 1.67 -14.17 55.93
N ASP D 486 2.10 -13.88 54.69
CA ASP D 486 1.26 -13.10 53.80
C ASP D 486 0.00 -13.89 53.42
N ALA D 487 0.16 -15.17 53.09
CA ALA D 487 -1.00 -16.00 52.77
C ALA D 487 -1.90 -16.17 53.98
N ASP D 488 -1.31 -16.34 55.17
CA ASP D 488 -2.10 -16.41 56.39
C ASP D 488 -2.91 -15.14 56.59
N ASP D 489 -2.25 -13.98 56.53
CA ASP D 489 -2.93 -12.70 56.74
C ASP D 489 -4.11 -12.55 55.80
N LEU D 490 -3.94 -12.96 54.54
CA LEU D 490 -5.01 -12.81 53.55
C LEU D 490 -6.20 -13.68 53.88
N LEU D 491 -5.97 -14.93 54.26
CA LEU D 491 -7.09 -15.78 54.62
C LEU D 491 -7.61 -15.46 56.02
N ASN D 492 -6.74 -14.94 56.89
CA ASN D 492 -7.22 -14.39 58.16
C ASN D 492 -8.16 -13.22 57.91
N PHE D 493 -7.73 -12.29 57.05
CA PHE D 493 -8.56 -11.14 56.71
C PHE D 493 -9.88 -11.56 56.07
N PHE D 494 -9.82 -12.52 55.14
CA PHE D 494 -11.04 -12.94 54.43
C PHE D 494 -12.01 -13.60 55.39
N ASP D 495 -11.51 -14.38 56.34
CA ASP D 495 -12.38 -14.99 57.34
C ASP D 495 -13.08 -13.93 58.19
N ARG D 496 -12.36 -12.86 58.55
CA ARG D 496 -13.00 -11.76 59.28
C ARG D 496 -14.04 -11.05 58.43
N CYS D 497 -13.80 -10.97 57.12
CA CYS D 497 -14.79 -10.35 56.24
C CYS D 497 -16.10 -11.11 56.25
N LEU D 498 -16.04 -12.45 56.12
CA LEU D 498 -17.27 -13.23 56.16
C LEU D 498 -17.95 -13.14 57.52
N GLU D 499 -17.16 -13.02 58.59
CA GLU D 499 -17.75 -12.88 59.91
C GLU D 499 -18.37 -11.50 60.09
N ALA D 500 -17.64 -10.45 59.72
CA ALA D 500 -18.10 -9.08 59.98
C ALA D 500 -19.22 -8.65 59.03
N VAL D 501 -19.30 -9.25 57.85
CA VAL D 501 -20.33 -8.89 56.87
C VAL D 501 -21.17 -10.13 56.57
N PRO D 502 -22.28 -10.34 57.29
CA PRO D 502 -23.09 -11.54 57.05
C PRO D 502 -23.63 -11.60 55.65
N ARG D 503 -23.71 -10.46 54.98
CA ARG D 503 -24.25 -10.39 53.63
C ARG D 503 -23.38 -11.15 52.63
N LEU D 504 -22.09 -11.29 52.91
CA LEU D 504 -21.21 -12.03 52.01
C LEU D 504 -21.57 -13.51 52.01
N ASP D 505 -21.64 -14.10 50.81
CA ASP D 505 -22.03 -15.50 50.64
C ASP D 505 -20.79 -16.37 50.77
N ALA D 506 -20.67 -17.09 51.90
CA ALA D 506 -19.52 -17.96 52.15
C ALA D 506 -19.49 -19.18 51.24
N ALA D 507 -20.56 -19.44 50.50
CA ALA D 507 -20.60 -20.56 49.56
C ALA D 507 -20.29 -20.15 48.13
N LYS D 508 -20.16 -18.84 47.87
CA LYS D 508 -19.82 -18.30 46.56
C LYS D 508 -18.65 -17.34 46.75
N THR D 509 -17.45 -17.89 46.73
CA THR D 509 -16.23 -17.16 47.03
C THR D 509 -15.25 -17.29 45.87
N ALA D 510 -14.43 -16.26 45.72
CA ALA D 510 -13.38 -16.26 44.70
C ALA D 510 -12.14 -15.55 45.23
N VAL D 511 -11.00 -15.91 44.67
CA VAL D 511 -9.71 -15.29 44.98
C VAL D 511 -9.05 -14.86 43.67
N MET D 512 -8.49 -13.65 43.67
CA MET D 512 -7.93 -13.08 42.45
C MET D 512 -6.85 -12.08 42.80
N GLY D 513 -5.92 -11.89 41.86
CA GLY D 513 -4.88 -10.89 42.04
C GLY D 513 -3.93 -10.91 40.86
N GLY D 514 -3.17 -9.84 40.75
CA GLY D 514 -2.26 -9.64 39.63
C GLY D 514 -0.81 -9.59 40.09
N ALA D 515 0.09 -10.03 39.21
CA ALA D 515 1.53 -10.06 39.46
C ALA D 515 1.83 -10.87 40.71
N TYR D 516 2.33 -10.21 41.76
CA TYR D 516 2.45 -10.89 43.05
C TYR D 516 1.10 -11.43 43.50
N GLY D 517 0.02 -10.71 43.18
CA GLY D 517 -1.32 -11.23 43.44
C GLY D 517 -1.63 -12.48 42.64
N GLY D 518 -1.00 -12.64 41.47
CA GLY D 518 -1.14 -13.87 40.73
C GLY D 518 -0.36 -15.01 41.36
N PHE D 519 0.89 -14.73 41.78
CA PHE D 519 1.63 -15.69 42.59
C PHE D 519 0.80 -16.15 43.79
N MET D 520 0.22 -15.19 44.52
CA MET D 520 -0.52 -15.55 45.72
C MET D 520 -1.83 -16.26 45.37
N THR D 521 -2.49 -15.87 44.29
CA THR D 521 -3.66 -16.61 43.84
C THR D 521 -3.28 -18.05 43.52
N ASN D 522 -2.16 -18.24 42.84
CA ASN D 522 -1.70 -19.61 42.56
C ASN D 522 -1.32 -20.32 43.85
N TRP D 523 -0.60 -19.65 44.75
CA TRP D 523 -0.21 -20.28 46.01
C TRP D 523 -1.41 -20.68 46.84
N ILE D 524 -2.41 -19.80 46.94
CA ILE D 524 -3.57 -20.07 47.78
C ILE D 524 -4.39 -21.21 47.20
N THR D 525 -4.66 -21.16 45.89
CA THR D 525 -5.41 -22.25 45.28
C THR D 525 -4.71 -23.61 45.44
N GLY D 526 -3.38 -23.62 45.56
CA GLY D 526 -2.61 -24.83 45.76
C GLY D 526 -2.48 -25.30 47.19
N HIS D 527 -3.03 -24.55 48.16
CA HIS D 527 -3.03 -24.94 49.56
C HIS D 527 -4.40 -24.93 50.21
N THR D 528 -5.45 -24.55 49.49
CA THR D 528 -6.81 -24.72 49.96
C THR D 528 -7.75 -24.77 48.78
N THR D 529 -8.87 -25.48 48.95
CA THR D 529 -9.88 -25.61 47.92
C THR D 529 -11.13 -24.80 48.22
N ARG D 530 -11.08 -23.94 49.24
CA ARG D 530 -12.28 -23.29 49.75
C ARG D 530 -12.96 -22.42 48.71
N PHE D 531 -12.20 -21.85 47.78
CA PHE D 531 -12.76 -20.92 46.82
C PHE D 531 -13.45 -21.65 45.68
N GLN D 532 -14.54 -21.05 45.18
CA GLN D 532 -15.30 -21.63 44.08
C GLN D 532 -14.79 -21.20 42.72
N ALA D 533 -14.10 -20.07 42.63
CA ALA D 533 -13.46 -19.64 41.41
C ALA D 533 -12.14 -18.96 41.77
N ALA D 534 -11.28 -18.81 40.77
CA ALA D 534 -10.02 -18.12 40.95
C ALA D 534 -9.63 -17.47 39.63
N ILE D 535 -9.12 -16.25 39.71
CA ILE D 535 -8.62 -15.55 38.53
C ILE D 535 -7.19 -15.13 38.85
N THR D 536 -6.23 -15.69 38.11
CA THR D 536 -4.83 -15.37 38.32
C THR D 536 -4.31 -14.57 37.13
N ASP D 537 -3.73 -13.41 37.41
CA ASP D 537 -3.38 -12.43 36.38
C ASP D 537 -1.91 -12.08 36.47
N ARG D 538 -1.21 -12.19 35.35
CA ARG D 538 0.24 -11.92 35.29
C ARG D 538 0.97 -12.67 36.40
N CYS D 539 0.63 -13.94 36.53
CA CYS D 539 1.00 -14.73 37.69
C CYS D 539 2.45 -15.20 37.61
N ILE D 540 2.98 -15.56 38.77
CA ILE D 540 4.22 -16.32 38.88
C ILE D 540 3.87 -17.71 39.40
N SER D 541 4.32 -18.74 38.68
CA SER D 541 4.10 -20.13 39.07
C SER D 541 5.39 -20.87 39.42
N ASN D 542 6.49 -20.59 38.71
CA ASN D 542 7.77 -21.28 38.87
C ASN D 542 8.81 -20.20 39.09
N LEU D 543 9.30 -20.07 40.32
CA LEU D 543 10.24 -19.00 40.63
C LEU D 543 11.60 -19.23 39.99
N ILE D 544 11.94 -20.49 39.72
CA ILE D 544 13.22 -20.81 39.10
C ILE D 544 13.26 -20.29 37.67
N SER D 545 12.27 -20.67 36.86
CA SER D 545 12.26 -20.18 35.49
C SER D 545 12.14 -18.66 35.45
N PHE D 546 11.38 -18.08 36.39
CA PHE D 546 11.23 -16.63 36.43
C PHE D 546 12.59 -15.93 36.55
N GLY D 547 13.50 -16.50 37.35
CA GLY D 547 14.82 -15.92 37.50
C GLY D 547 15.59 -15.83 36.19
N GLY D 548 15.35 -16.78 35.29
CA GLY D 548 16.08 -16.83 34.04
C GLY D 548 15.34 -16.21 32.86
N THR D 549 14.03 -16.01 32.99
CA THR D 549 13.23 -15.49 31.89
C THR D 549 12.90 -14.01 32.05
N SER D 550 12.65 -13.53 33.27
CA SER D 550 12.21 -12.16 33.48
C SER D 550 13.39 -11.20 33.37
N ASP D 551 13.10 -9.98 32.92
CA ASP D 551 14.13 -8.96 32.78
C ASP D 551 14.55 -8.35 34.12
N ILE D 552 13.95 -8.81 35.23
CA ILE D 552 14.39 -8.45 36.57
C ILE D 552 14.62 -9.72 37.40
N GLY D 553 14.74 -10.86 36.72
CA GLY D 553 14.77 -12.14 37.44
C GLY D 553 15.94 -12.31 38.39
N LEU D 554 17.09 -11.72 38.06
CA LEU D 554 18.28 -11.88 38.90
C LEU D 554 18.31 -10.94 40.09
N ARG D 555 17.53 -9.87 40.08
CA ARG D 555 17.54 -8.96 41.20
C ARG D 555 16.26 -9.02 42.02
N PHE D 556 15.17 -9.50 41.44
CA PHE D 556 13.92 -9.57 42.17
C PHE D 556 14.00 -10.59 43.30
N TRP D 557 14.34 -11.84 42.98
CA TRP D 557 14.45 -12.86 44.02
C TRP D 557 15.62 -12.57 44.95
N ASP D 558 16.67 -11.93 44.44
CA ASP D 558 17.77 -11.51 45.31
C ASP D 558 17.30 -10.48 46.32
N ASP D 559 16.50 -9.52 45.89
CA ASP D 559 16.03 -8.47 46.78
C ASP D 559 14.90 -8.95 47.66
N GLU D 560 13.96 -9.72 47.10
CA GLU D 560 12.76 -10.12 47.84
C GLU D 560 13.02 -11.34 48.73
N LEU D 561 13.97 -12.20 48.38
CA LEU D 561 14.13 -13.47 49.05
C LEU D 561 15.57 -13.81 49.42
N GLY D 562 16.55 -13.06 48.92
CA GLY D 562 17.93 -13.44 49.12
C GLY D 562 18.28 -14.75 48.45
N LEU D 563 17.74 -15.00 47.26
CA LEU D 563 17.94 -16.25 46.54
C LEU D 563 18.38 -15.96 45.11
N ASP D 564 19.39 -16.70 44.66
CA ASP D 564 19.94 -16.61 43.32
C ASP D 564 19.60 -17.92 42.62
N PHE D 565 18.75 -17.86 41.58
CA PHE D 565 18.32 -19.08 40.92
C PHE D 565 19.48 -19.86 40.29
N SER D 566 20.62 -19.20 40.05
CA SER D 566 21.77 -19.84 39.41
C SER D 566 22.68 -20.55 40.41
N ARG D 567 22.26 -20.71 41.65
CA ARG D 567 22.99 -21.49 42.65
C ARG D 567 22.10 -22.61 43.12
N ARG D 568 22.68 -23.82 43.20
CA ARG D 568 21.87 -25.03 43.35
C ARG D 568 21.00 -24.96 44.61
N ALA D 569 21.60 -24.59 45.74
CA ALA D 569 20.86 -24.56 47.00
C ALA D 569 19.75 -23.53 46.98
N ASP D 570 19.99 -22.38 46.34
CA ASP D 570 18.97 -21.34 46.27
C ASP D 570 17.82 -21.76 45.37
N ALA D 571 18.12 -22.45 44.26
CA ALA D 571 17.07 -22.86 43.33
C ALA D 571 16.08 -23.81 43.99
N LEU D 572 16.58 -24.71 44.84
CA LEU D 572 15.67 -25.62 45.52
C LEU D 572 14.74 -24.87 46.46
N LYS D 573 15.27 -23.88 47.18
CA LYS D 573 14.44 -23.05 48.04
C LYS D 573 13.43 -22.26 47.21
N LEU D 574 13.84 -21.80 46.03
CA LEU D 574 12.91 -21.13 45.12
C LEU D 574 11.83 -22.10 44.65
N TRP D 575 12.21 -23.35 44.37
CA TRP D 575 11.21 -24.31 43.94
C TRP D 575 10.21 -24.61 45.04
N ASP D 576 10.67 -24.66 46.30
CA ASP D 576 9.76 -24.87 47.42
C ASP D 576 8.86 -23.67 47.65
N LEU D 577 9.26 -22.49 47.17
CA LEU D 577 8.41 -21.30 47.19
C LEU D 577 7.54 -21.18 45.94
N SER D 578 7.64 -22.14 45.00
CA SER D 578 6.93 -21.99 43.74
C SER D 578 5.54 -22.59 43.85
N PRO D 579 4.48 -21.83 43.50
CA PRO D 579 3.12 -22.40 43.57
C PRO D 579 2.94 -23.63 42.70
N LEU D 580 3.77 -23.80 41.66
CA LEU D 580 3.61 -24.96 40.78
C LEU D 580 3.95 -26.26 41.49
N GLN D 581 4.82 -26.22 42.50
CA GLN D 581 5.12 -27.44 43.25
C GLN D 581 3.86 -28.05 43.84
N TYR D 582 2.89 -27.22 44.21
CA TYR D 582 1.69 -27.69 44.91
C TYR D 582 0.46 -27.67 44.02
N VAL D 583 0.66 -27.62 42.70
CA VAL D 583 -0.45 -27.50 41.77
C VAL D 583 -1.37 -28.73 41.81
N GLU D 584 -0.85 -29.88 42.25
CA GLU D 584 -1.67 -31.09 42.29
C GLU D 584 -2.88 -30.93 43.19
N ASN D 585 -2.81 -30.02 44.18
CA ASN D 585 -3.92 -29.78 45.08
C ASN D 585 -4.97 -28.84 44.51
N VAL D 586 -4.68 -28.17 43.40
CA VAL D 586 -5.61 -27.18 42.87
C VAL D 586 -6.85 -27.88 42.33
N LYS D 587 -8.02 -27.47 42.82
CA LYS D 587 -9.28 -27.96 42.31
C LYS D 587 -10.24 -26.85 41.95
N THR D 588 -9.84 -25.60 42.11
CA THR D 588 -10.67 -24.42 41.89
C THR D 588 -10.65 -24.03 40.42
N PRO D 589 -11.80 -23.84 39.79
CA PRO D 589 -11.83 -23.36 38.39
C PRO D 589 -11.15 -22.01 38.24
N THR D 590 -10.11 -21.98 37.42
CA THR D 590 -9.20 -20.84 37.32
C THR D 590 -9.26 -20.22 35.93
N LEU D 591 -9.36 -18.89 35.90
CA LEU D 591 -9.13 -18.11 34.69
C LEU D 591 -7.72 -17.53 34.76
N ILE D 592 -6.93 -17.77 33.72
CA ILE D 592 -5.55 -17.30 33.66
C ILE D 592 -5.47 -16.18 32.62
N VAL D 593 -4.96 -15.03 33.03
CA VAL D 593 -4.85 -13.85 32.20
C VAL D 593 -3.39 -13.43 32.13
N HIS D 594 -2.87 -13.24 30.93
CA HIS D 594 -1.46 -12.93 30.75
C HIS D 594 -1.22 -12.32 29.39
N SER D 595 -0.19 -11.48 29.31
CA SER D 595 0.27 -10.93 28.05
C SER D 595 1.28 -11.86 27.41
N VAL D 596 1.20 -11.99 26.08
CA VAL D 596 2.09 -12.90 25.37
C VAL D 596 3.52 -12.39 25.38
N LEU D 597 3.72 -11.07 25.34
CA LEU D 597 5.04 -10.47 25.21
C LEU D 597 5.48 -9.78 26.50
N ASP D 598 5.02 -10.27 27.64
CA ASP D 598 5.41 -9.72 28.93
C ASP D 598 6.90 -9.97 29.17
N HIS D 599 7.64 -8.89 29.42
CA HIS D 599 9.07 -9.00 29.73
C HIS D 599 9.34 -9.11 31.22
N ARG D 600 8.50 -8.49 32.06
CA ARG D 600 8.72 -8.54 33.49
C ARG D 600 8.21 -9.85 34.08
N CYS D 601 7.16 -10.42 33.50
CA CYS D 601 6.61 -11.71 33.91
C CYS D 601 6.33 -12.54 32.67
N PRO D 602 7.36 -13.20 32.13
CA PRO D 602 7.19 -13.93 30.87
C PRO D 602 6.06 -14.94 30.91
N VAL D 603 5.42 -15.11 29.74
CA VAL D 603 4.22 -15.93 29.60
C VAL D 603 4.45 -17.39 29.98
N GLU D 604 5.71 -17.84 30.03
CA GLU D 604 5.97 -19.20 30.45
C GLU D 604 5.41 -19.49 31.84
N GLN D 605 5.32 -18.46 32.70
CA GLN D 605 4.74 -18.65 34.01
C GLN D 605 3.27 -19.04 33.92
N ALA D 606 2.52 -18.37 33.04
CA ALA D 606 1.12 -18.73 32.87
C ALA D 606 0.94 -20.03 32.10
N GLU D 607 1.87 -20.33 31.19
CA GLU D 607 1.77 -21.57 30.42
C GLU D 607 1.93 -22.79 31.32
N GLN D 608 2.85 -22.72 32.28
CA GLN D 608 3.08 -23.83 33.20
C GLN D 608 1.85 -24.06 34.07
N TRP D 609 1.23 -22.98 34.58
CA TRP D 609 0.02 -23.13 35.38
C TRP D 609 -1.12 -23.71 34.54
N TYR D 610 -1.33 -23.16 33.34
CA TYR D 610 -2.41 -23.66 32.49
C TYR D 610 -2.23 -25.15 32.20
N ALA D 611 -1.03 -25.54 31.74
CA ALA D 611 -0.78 -26.94 31.42
C ALA D 611 -1.01 -27.84 32.62
N ALA D 612 -0.62 -27.38 33.81
CA ALA D 612 -0.76 -28.20 35.01
C ALA D 612 -2.23 -28.40 35.37
N LEU D 613 -3.00 -27.31 35.43
CA LEU D 613 -4.43 -27.43 35.68
C LEU D 613 -5.11 -28.24 34.59
N HIS D 614 -4.70 -28.05 33.34
CA HIS D 614 -5.29 -28.80 32.23
C HIS D 614 -4.95 -30.27 32.32
N LYS D 615 -3.73 -30.60 32.73
CA LYS D 615 -3.34 -32.00 32.89
C LYS D 615 -4.15 -32.68 33.99
N HIS D 616 -4.44 -31.95 35.07
CA HIS D 616 -5.32 -32.45 36.11
C HIS D 616 -6.79 -32.29 35.72
N GLN D 617 -7.05 -31.67 34.57
CA GLN D 617 -8.40 -31.45 34.08
C GLN D 617 -9.26 -30.64 35.06
N VAL D 618 -8.62 -29.72 35.76
CA VAL D 618 -9.30 -28.66 36.52
C VAL D 618 -9.86 -27.66 35.51
N PRO D 619 -11.12 -27.22 35.67
CA PRO D 619 -11.67 -26.20 34.75
C PRO D 619 -10.79 -24.96 34.64
N VAL D 620 -10.26 -24.70 33.46
CA VAL D 620 -9.23 -23.69 33.27
C VAL D 620 -9.48 -22.94 31.98
N ARG D 621 -9.12 -21.66 31.98
CA ARG D 621 -9.23 -20.83 30.78
C ARG D 621 -8.05 -19.86 30.76
N PHE D 622 -7.43 -19.72 29.59
CA PHE D 622 -6.17 -19.02 29.42
C PHE D 622 -6.35 -17.92 28.38
N VAL D 623 -6.43 -16.68 28.83
CA VAL D 623 -6.51 -15.53 27.94
C VAL D 623 -5.11 -15.00 27.70
N ARG D 624 -4.66 -15.07 26.45
CA ARG D 624 -3.33 -14.62 26.08
C ARG D 624 -3.48 -13.32 25.30
N PHE D 625 -3.04 -12.20 25.93
CA PHE D 625 -3.23 -10.87 25.34
C PHE D 625 -2.10 -10.54 24.38
N PRO D 626 -2.40 -10.08 23.16
CA PRO D 626 -1.32 -9.56 22.30
C PRO D 626 -0.82 -8.20 22.75
N GLU D 627 -1.65 -7.40 23.41
CA GLU D 627 -1.22 -6.13 23.96
C GLU D 627 -0.53 -6.35 25.30
N GLU D 628 0.61 -5.68 25.49
CA GLU D 628 1.30 -5.76 26.76
C GLU D 628 0.51 -5.05 27.85
N ASN D 629 0.98 -5.18 29.08
CA ASN D 629 0.34 -4.51 30.21
C ASN D 629 0.47 -3.00 30.07
N HIS D 630 -0.48 -2.29 30.68
CA HIS D 630 -0.53 -0.82 30.65
C HIS D 630 -0.62 -0.28 29.22
N GLU D 631 -1.36 -0.99 28.37
CA GLU D 631 -1.52 -0.57 26.98
C GLU D 631 -2.32 0.73 26.88
N LEU D 632 -3.25 0.97 27.80
CA LEU D 632 -3.97 2.24 27.80
C LEU D 632 -3.02 3.41 27.92
N SER D 633 -2.03 3.30 28.80
CA SER D 633 -1.03 4.36 28.94
C SER D 633 -0.09 4.42 27.76
N ARG D 634 0.14 3.30 27.08
CA ARG D 634 1.13 3.25 26.03
C ARG D 634 0.60 3.70 24.68
N SER D 635 -0.67 3.40 24.39
CA SER D 635 -1.26 3.74 23.11
C SER D 635 -2.62 4.42 23.20
N GLY D 636 -3.20 4.53 24.39
CA GLY D 636 -4.54 5.06 24.51
C GLY D 636 -5.64 4.08 24.13
N ARG D 637 -5.29 2.88 23.69
CA ARG D 637 -6.29 1.89 23.32
C ARG D 637 -6.78 1.17 24.57
N PRO D 638 -8.07 1.26 24.90
CA PRO D 638 -8.60 0.58 26.09
C PRO D 638 -9.04 -0.85 25.86
N ASP D 639 -8.67 -1.46 24.72
CA ASP D 639 -9.16 -2.80 24.41
C ASP D 639 -8.75 -3.81 25.47
N ARG D 640 -7.51 -3.73 25.94
CA ARG D 640 -7.02 -4.71 26.90
C ARG D 640 -7.83 -4.67 28.19
N ARG D 641 -8.15 -3.47 28.68
CA ARG D 641 -8.89 -3.37 29.94
C ARG D 641 -10.32 -3.88 29.79
N LEU D 642 -10.97 -3.58 28.67
CA LEU D 642 -12.35 -4.01 28.50
C LEU D 642 -12.44 -5.53 28.37
N THR D 643 -11.60 -6.12 27.52
CA THR D 643 -11.56 -7.57 27.37
C THR D 643 -11.19 -8.26 28.68
N ARG D 644 -10.22 -7.71 29.40
CA ARG D 644 -9.81 -8.30 30.67
C ARG D 644 -10.98 -8.31 31.64
N LEU D 645 -11.68 -7.18 31.79
CA LEU D 645 -12.83 -7.15 32.68
C LEU D 645 -13.94 -8.04 32.17
N ASN D 646 -14.14 -8.09 30.84
CA ASN D 646 -15.13 -8.98 30.28
C ASN D 646 -14.86 -10.42 30.71
N GLU D 647 -13.61 -10.87 30.59
CA GLU D 647 -13.27 -12.23 30.98
C GLU D 647 -13.40 -12.44 32.48
N TYR D 648 -13.04 -11.44 33.28
CA TYR D 648 -13.22 -11.53 34.73
C TYR D 648 -14.66 -11.84 35.08
N PHE D 649 -15.58 -10.98 34.62
CA PHE D 649 -16.99 -11.13 34.99
C PHE D 649 -17.58 -12.40 34.38
N ALA D 650 -17.20 -12.74 33.15
CA ALA D 650 -17.71 -13.97 32.53
C ALA D 650 -17.34 -15.19 33.36
N TRP D 651 -16.07 -15.27 33.80
CA TRP D 651 -15.66 -16.39 34.63
C TRP D 651 -16.42 -16.39 35.96
N LEU D 652 -16.61 -15.21 36.55
CA LEU D 652 -17.31 -15.10 37.82
C LEU D 652 -18.78 -15.49 37.68
N GLU D 653 -19.40 -15.11 36.56
CA GLU D 653 -20.80 -15.47 36.36
C GLU D 653 -20.99 -16.96 36.14
N ARG D 654 -19.97 -17.66 35.65
CA ARG D 654 -20.12 -19.08 35.38
C ARG D 654 -20.10 -19.90 36.67
N TRP D 655 -19.29 -19.51 37.65
CA TRP D 655 -19.06 -20.31 38.85
C TRP D 655 -19.66 -19.72 40.11
N LEU D 656 -20.03 -18.44 40.10
CA LEU D 656 -20.59 -17.82 41.30
C LEU D 656 -22.06 -17.45 41.11
C1 GOL E . -1.36 -44.31 -6.72
O1 GOL E . -2.58 -43.88 -7.26
C2 GOL E . -0.47 -43.12 -6.39
O2 GOL E . 0.80 -43.27 -7.00
C3 GOL E . -1.13 -41.81 -6.85
O3 GOL E . -1.17 -40.87 -5.80
C1 GOL F . 12.34 -33.10 21.02
O1 GOL F . 12.28 -32.59 19.71
C2 GOL F . 13.79 -33.17 21.49
O2 GOL F . 13.83 -33.39 22.88
C3 GOL F . 14.44 -34.34 20.75
O3 GOL F . 15.85 -34.25 20.76
#